data_6CSW
#
_entry.id   6CSW
#
_cell.length_a   91.830
_cell.length_b   96.987
_cell.length_c   191.670
_cell.angle_alpha   90.00
_cell.angle_beta   90.00
_cell.angle_gamma   90.00
#
_symmetry.space_group_name_H-M   'P 21 21 21'
#
loop_
_entity.id
_entity.type
_entity.pdbx_description
1 polymer 'Serine/threonine-protein kinase VRK1'
2 non-polymer 'SULFATE ION'
3 non-polymer 'ACETATE ION'
4 non-polymer 'TETRAETHYLENE GLYCOL'
5 non-polymer (7R)-5-butyl-2-[(3,5-difluoro-4-hydroxyphenyl)amino]-7,8-dimethyl-7,8-dihydropteridin-6(5H)-one
6 non-polymer GLYCEROL
7 non-polymer 'CHLORIDE ION'
8 water water
#
_entity_poly.entity_id   1
_entity_poly.type   'polypeptide(L)'
_entity_poly.pdbx_seq_one_letter_code
;SMRVKAAQAGRQSSAKRHLAEQFAVGEIITDMAAAAWKVGLPIGQGGFGCIYLADMNSSESVGSDAPCVVKVEPSDNGPL
FTELKFYQRAAKPEQIQKWIRTRKLKYLGVPKYWGSGLHDKNGKSYRFMIMDRFGSDLQKIYEANAKRFSRKTVLQLSLR
ILDILEYIHEHEYVHGDIKASNLLLNYKNPDQVYLVDYGLAYRYCPEGVHKAYAADPKRCHDGTIEFTSIDAHNGVAPSR
RGDLEILGYCMIQWLTGHLPWEDNLKDPKYVRDSKIRYRENIASLMDKCFPAANAPGEIAKYMETVKLLDYTEKPLYENL
RDILLQGLKAIGSKDDGKLDLSVVENGGLKAKTITKKRAAEIEE
;
_entity_poly.pdbx_strand_id   A,B,C,D
#
loop_
_chem_comp.id
_chem_comp.type
_chem_comp.name
_chem_comp.formula
ACT non-polymer 'ACETATE ION' 'C2 H3 O2 -1'
CL non-polymer 'CHLORIDE ION' 'Cl -1'
FBY non-polymer (7R)-5-butyl-2-[(3,5-difluoro-4-hydroxyphenyl)amino]-7,8-dimethyl-7,8-dihydropteridin-6(5H)-one 'C18 H21 F2 N5 O2'
GOL non-polymer GLYCEROL 'C3 H8 O3'
PG4 non-polymer 'TETRAETHYLENE GLYCOL' 'C8 H18 O5'
SO4 non-polymer 'SULFATE ION' 'O4 S -2'
#
# COMPACT_ATOMS: atom_id res chain seq x y z
N ALA A 20 13.11 39.52 -43.53
CA ALA A 20 14.37 38.82 -43.07
C ALA A 20 14.34 37.33 -43.40
N GLU A 21 14.93 36.98 -44.54
CA GLU A 21 15.08 35.58 -44.95
C GLU A 21 16.11 34.93 -44.05
N GLN A 22 15.70 33.92 -43.31
CA GLN A 22 16.62 33.26 -42.38
C GLN A 22 17.58 32.32 -43.08
N PHE A 23 17.27 31.94 -44.30
CA PHE A 23 18.14 31.06 -45.02
C PHE A 23 18.21 31.40 -46.48
N ALA A 24 19.38 31.16 -47.06
CA ALA A 24 19.49 31.18 -48.52
C ALA A 24 18.88 29.86 -49.00
N VAL A 25 17.91 29.92 -49.92
CA VAL A 25 17.23 28.72 -50.38
C VAL A 25 18.23 27.75 -50.98
N GLY A 26 18.11 26.48 -50.61
CA GLY A 26 19.04 25.46 -51.09
C GLY A 26 20.37 25.34 -50.35
N GLU A 27 20.56 26.13 -49.29
CA GLU A 27 21.79 26.03 -48.52
C GLU A 27 21.78 24.80 -47.62
N ILE A 28 22.99 24.38 -47.25
CA ILE A 28 23.22 23.22 -46.43
C ILE A 28 23.45 23.70 -45.01
N ILE A 29 22.66 23.21 -44.08
CA ILE A 29 22.83 23.53 -42.68
C ILE A 29 23.18 22.25 -41.92
N THR A 30 24.04 22.37 -40.92
CA THR A 30 24.41 21.22 -40.09
C THR A 30 23.97 21.48 -38.66
N ASP A 31 23.33 20.48 -38.07
CA ASP A 31 22.82 20.55 -36.70
C ASP A 31 23.89 20.23 -35.68
N MET A 32 23.53 20.29 -34.41
CA MET A 32 24.45 20.10 -33.28
C MET A 32 25.17 18.77 -33.27
N ALA A 33 24.56 17.75 -33.85
CA ALA A 33 25.20 16.43 -33.94
C ALA A 33 25.88 16.21 -35.28
N ALA A 34 26.12 17.30 -36.03
CA ALA A 34 26.82 17.30 -37.32
C ALA A 34 26.09 16.62 -38.50
N ALA A 35 24.79 16.37 -38.34
CA ALA A 35 23.98 15.86 -39.44
C ALA A 35 23.66 17.02 -40.38
N ALA A 36 23.78 16.74 -41.69
CA ALA A 36 23.62 17.76 -42.72
C ALA A 36 22.23 17.71 -43.36
N TRP A 37 21.70 18.89 -43.64
CA TRP A 37 20.37 19.05 -44.19
C TRP A 37 20.40 20.14 -45.25
N LYS A 38 19.48 20.05 -46.19
CA LYS A 38 19.31 21.08 -47.20
C LYS A 38 17.97 21.78 -46.94
N VAL A 39 17.96 23.10 -47.05
CA VAL A 39 16.78 23.93 -46.83
C VAL A 39 16.06 24.25 -48.14
N GLY A 40 14.74 24.16 -48.14
CA GLY A 40 13.95 24.44 -49.32
C GLY A 40 13.02 25.63 -49.17
N LEU A 41 12.01 25.67 -50.02
CA LEU A 41 11.00 26.72 -50.00
C LEU A 41 10.07 26.61 -48.78
N PRO A 42 9.47 27.71 -48.38
CA PRO A 42 8.57 27.72 -47.22
C PRO A 42 7.21 27.08 -47.49
N ILE A 43 6.54 26.64 -46.41
CA ILE A 43 5.21 26.05 -46.46
C ILE A 43 4.47 26.43 -45.19
N CYS A 50 7.88 30.71 -39.48
CA CYS A 50 8.98 30.55 -40.43
C CYS A 50 9.35 29.08 -40.52
N ILE A 51 8.65 28.35 -41.37
CA ILE A 51 8.90 26.94 -41.54
C ILE A 51 9.26 26.64 -42.99
N TYR A 52 10.34 25.91 -43.21
CA TYR A 52 10.75 25.59 -44.55
C TYR A 52 10.88 24.11 -44.79
N LEU A 53 10.66 23.73 -46.04
CA LEU A 53 10.82 22.36 -46.45
C LEU A 53 12.30 21.97 -46.28
N ALA A 54 12.54 20.77 -45.80
CA ALA A 54 13.89 20.31 -45.57
C ALA A 54 14.08 18.83 -45.92
N ASP A 55 15.32 18.45 -46.19
CA ASP A 55 15.69 17.08 -46.52
C ASP A 55 17.17 16.84 -46.19
N MET A 56 17.59 15.59 -46.24
CA MET A 56 18.98 15.22 -45.99
C MET A 56 19.86 15.87 -47.06
N ASN A 57 21.10 16.20 -46.72
CA ASN A 57 22.00 16.80 -47.70
C ASN A 57 22.27 15.90 -48.89
N SER A 58 22.13 16.48 -50.06
CA SER A 58 22.31 15.79 -51.32
C SER A 58 22.65 16.76 -52.43
N SER A 59 23.06 16.20 -53.56
CA SER A 59 23.29 16.95 -54.79
C SER A 59 21.96 17.51 -55.30
N GLU A 60 20.88 16.75 -55.06
CA GLU A 60 19.53 17.14 -55.45
C GLU A 60 18.96 18.27 -54.58
N SER A 61 18.05 19.05 -55.16
CA SER A 61 17.39 20.15 -54.47
C SER A 61 16.28 19.62 -53.55
N VAL A 62 15.85 20.43 -52.60
CA VAL A 62 14.76 20.02 -51.73
C VAL A 62 13.48 20.22 -52.52
N GLY A 63 12.73 19.14 -52.66
CA GLY A 63 11.48 19.14 -53.39
C GLY A 63 10.23 19.39 -52.58
N SER A 64 9.11 19.51 -53.29
CA SER A 64 7.81 19.72 -52.69
C SER A 64 7.43 18.51 -51.84
N ASP A 65 7.97 17.36 -52.16
CA ASP A 65 7.65 16.11 -51.48
C ASP A 65 8.64 15.79 -50.37
N ALA A 66 9.31 16.82 -49.88
CA ALA A 66 10.27 16.67 -48.80
C ALA A 66 9.61 16.10 -47.55
N PRO A 67 10.31 15.18 -46.90
CA PRO A 67 9.82 14.50 -45.71
C PRO A 67 9.98 15.29 -44.42
N CYS A 68 10.70 16.40 -44.47
CA CYS A 68 10.96 17.19 -43.28
C CYS A 68 10.71 18.68 -43.46
N VAL A 69 10.69 19.38 -42.34
CA VAL A 69 10.58 20.82 -42.32
C VAL A 69 11.59 21.36 -41.32
N VAL A 70 12.08 22.55 -41.57
CA VAL A 70 12.97 23.17 -40.63
C VAL A 70 12.23 24.39 -40.12
N LYS A 71 12.14 24.51 -38.82
CA LYS A 71 11.47 25.64 -38.20
C LYS A 71 12.51 26.53 -37.59
N VAL A 72 12.45 27.81 -37.93
CA VAL A 72 13.43 28.75 -37.43
C VAL A 72 12.78 29.98 -36.78
N GLU A 73 13.30 30.32 -35.62
CA GLU A 73 12.85 31.45 -34.87
C GLU A 73 14.03 32.11 -34.21
N PRO A 74 13.80 33.31 -33.70
CA PRO A 74 14.85 34.01 -32.97
C PRO A 74 15.18 33.17 -31.73
N SER A 75 16.45 33.14 -31.37
CA SER A 75 16.92 32.31 -30.29
C SER A 75 16.24 32.66 -28.97
N ASP A 76 15.75 33.89 -28.85
CA ASP A 76 15.05 34.31 -27.65
C ASP A 76 13.56 33.96 -27.65
N ASN A 77 13.09 33.29 -28.68
CA ASN A 77 11.68 32.93 -28.74
C ASN A 77 11.41 31.82 -27.74
N GLY A 78 10.49 32.07 -26.83
CA GLY A 78 10.15 31.11 -25.80
C GLY A 78 9.50 29.80 -26.19
N PRO A 79 8.50 29.87 -27.05
CA PRO A 79 7.77 28.69 -27.50
C PRO A 79 8.63 27.69 -28.26
N LEU A 80 9.52 28.16 -29.12
CA LEU A 80 10.37 27.24 -29.86
C LEU A 80 11.27 26.48 -28.90
N PHE A 81 11.82 27.14 -27.90
CA PHE A 81 12.66 26.45 -26.95
C PHE A 81 11.85 25.39 -26.20
N THR A 82 10.63 25.74 -25.81
CA THR A 82 9.77 24.82 -25.09
C THR A 82 9.43 23.61 -25.94
N GLU A 83 9.07 23.86 -27.19
CA GLU A 83 8.75 22.79 -28.11
C GLU A 83 9.95 21.89 -28.39
N LEU A 84 11.13 22.50 -28.56
CA LEU A 84 12.34 21.75 -28.82
C LEU A 84 12.68 20.82 -27.65
N LYS A 85 12.55 21.30 -26.44
CA LYS A 85 12.85 20.48 -25.28
C LYS A 85 11.90 19.28 -25.25
N PHE A 86 10.63 19.48 -25.58
CA PHE A 86 9.71 18.37 -25.61
C PHE A 86 10.13 17.36 -26.67
N TYR A 87 10.49 17.85 -27.85
CA TYR A 87 10.92 16.98 -28.93
C TYR A 87 12.19 16.20 -28.59
N GLN A 88 13.16 16.83 -27.96
CA GLN A 88 14.39 16.13 -27.60
C GLN A 88 14.13 15.04 -26.57
N ARG A 89 13.33 15.40 -25.58
CA ARG A 89 12.92 14.52 -24.51
C ARG A 89 11.99 13.35 -24.84
N ALA A 90 11.04 13.59 -25.75
CA ALA A 90 9.94 12.64 -25.96
C ALA A 90 9.78 12.10 -27.38
N ALA A 91 10.46 12.69 -28.36
CA ALA A 91 10.20 12.33 -29.76
C ALA A 91 11.45 11.93 -30.53
N LYS A 92 12.38 11.32 -29.82
CA LYS A 92 13.53 10.72 -30.46
C LYS A 92 13.01 9.57 -31.34
N PRO A 93 13.49 9.50 -32.59
CA PRO A 93 13.00 8.49 -33.54
C PRO A 93 12.92 7.06 -32.99
N GLU A 94 14.02 6.63 -32.36
CA GLU A 94 14.12 5.26 -31.84
C GLU A 94 13.24 5.08 -30.60
N GLN A 95 13.11 6.14 -29.81
CA GLN A 95 12.24 6.16 -28.64
C GLN A 95 10.78 5.84 -29.04
N ILE A 96 10.30 6.56 -30.05
CA ILE A 96 8.98 6.35 -30.63
C ILE A 96 8.82 4.96 -31.27
N GLN A 97 9.75 4.57 -32.13
CA GLN A 97 9.69 3.21 -32.72
C GLN A 97 9.62 2.12 -31.64
N LYS A 98 10.41 2.27 -30.58
CA LYS A 98 10.41 1.28 -29.49
C LYS A 98 9.05 1.20 -28.80
N TRP A 99 8.38 2.34 -28.61
CA TRP A 99 7.05 2.37 -28.01
C TRP A 99 6.05 1.69 -28.93
N ILE A 100 6.06 2.07 -30.21
CA ILE A 100 5.22 1.44 -31.22
C ILE A 100 5.34 -0.10 -31.19
N ARG A 101 6.56 -0.59 -31.12
CA ARG A 101 6.82 -2.03 -31.19
C ARG A 101 6.34 -2.71 -29.90
N THR A 102 6.61 -2.12 -28.74
CA THR A 102 6.29 -2.77 -27.48
C THR A 102 4.81 -2.76 -27.19
N ARG A 103 4.13 -1.62 -27.41
CA ARG A 103 2.68 -1.51 -27.19
CA ARG A 103 2.68 -1.50 -27.21
C ARG A 103 1.86 -2.03 -28.40
N LYS A 104 2.55 -2.61 -29.39
CA LYS A 104 1.92 -3.22 -30.57
C LYS A 104 0.94 -2.30 -31.28
N LEU A 105 1.38 -1.06 -31.56
CA LEU A 105 0.61 -0.11 -32.34
C LEU A 105 1.01 -0.19 -33.82
N LYS A 106 0.17 0.29 -34.72
CA LYS A 106 0.52 0.36 -36.14
C LYS A 106 1.42 1.57 -36.39
N TYR A 107 1.09 2.70 -35.77
CA TYR A 107 1.95 3.90 -35.80
C TYR A 107 1.74 4.64 -34.47
N LEU A 108 2.34 5.81 -34.33
CA LEU A 108 2.11 6.67 -33.19
C LEU A 108 2.19 8.10 -33.69
N GLY A 109 1.16 8.90 -33.43
CA GLY A 109 1.05 10.24 -34.01
C GLY A 109 1.80 11.35 -33.28
N VAL A 110 3.00 11.03 -32.80
CA VAL A 110 3.90 12.03 -32.23
C VAL A 110 4.95 12.29 -33.32
N PRO A 111 5.05 13.53 -33.79
CA PRO A 111 6.05 13.79 -34.83
C PRO A 111 7.46 13.51 -34.37
N LYS A 112 8.31 13.05 -35.29
CA LYS A 112 9.68 12.73 -34.96
C LYS A 112 10.62 13.95 -34.98
N TYR A 113 11.51 13.99 -33.99
CA TYR A 113 12.58 14.99 -33.89
C TYR A 113 13.86 14.53 -34.64
N TRP A 114 14.37 15.37 -35.55
CA TRP A 114 15.54 14.98 -36.38
C TRP A 114 16.84 15.74 -36.11
N GLY A 115 16.77 16.87 -35.41
CA GLY A 115 17.98 17.61 -35.01
C GLY A 115 17.65 19.07 -34.77
N SER A 116 18.62 19.83 -34.30
CA SER A 116 18.43 21.25 -34.07
C SER A 116 19.75 21.95 -33.90
N GLY A 117 19.73 23.27 -33.96
CA GLY A 117 20.91 24.04 -33.65
C GLY A 117 20.71 25.54 -33.64
N LEU A 118 21.81 26.24 -33.78
CA LEU A 118 21.82 27.67 -33.71
C LEU A 118 22.37 28.19 -35.04
N HIS A 119 21.74 29.24 -35.55
CA HIS A 119 22.02 29.80 -36.87
C HIS A 119 22.05 31.32 -36.73
N ASP A 120 23.22 31.89 -36.91
CA ASP A 120 23.38 33.34 -36.87
C ASP A 120 23.25 33.88 -38.29
N LYS A 121 22.42 34.91 -38.48
CA LYS A 121 22.28 35.57 -39.77
C LYS A 121 21.98 37.06 -39.64
N ASN A 122 22.71 37.86 -40.41
CA ASN A 122 22.57 39.32 -40.41
C ASN A 122 22.75 39.90 -39.01
N GLY A 123 23.74 39.39 -38.28
CA GLY A 123 24.02 39.82 -36.91
C GLY A 123 22.92 39.55 -35.89
N LYS A 124 22.12 38.52 -36.14
CA LYS A 124 21.10 38.07 -35.18
C LYS A 124 21.20 36.56 -35.00
N SER A 125 20.72 36.07 -33.87
CA SER A 125 20.79 34.64 -33.54
C SER A 125 19.47 33.94 -33.65
N TYR A 126 19.48 32.81 -34.33
CA TYR A 126 18.28 32.04 -34.56
C TYR A 126 18.47 30.65 -33.99
N ARG A 127 17.35 30.00 -33.71
CA ARG A 127 17.31 28.60 -33.32
C ARG A 127 16.55 27.88 -34.42
N PHE A 128 17.03 26.71 -34.83
CA PHE A 128 16.27 25.90 -35.78
C PHE A 128 16.07 24.49 -35.27
N MET A 129 15.03 23.83 -35.78
CA MET A 129 14.71 22.46 -35.46
C MET A 129 14.17 21.75 -36.70
N ILE A 130 14.68 20.53 -36.94
CA ILE A 130 14.18 19.66 -38.03
C ILE A 130 13.20 18.63 -37.46
N MET A 131 12.01 18.54 -38.06
CA MET A 131 10.98 17.60 -37.64
C MET A 131 10.24 17.05 -38.87
N ASP A 132 9.38 16.05 -38.65
CA ASP A 132 8.57 15.49 -39.73
C ASP A 132 7.76 16.57 -40.42
N ARG A 133 7.58 16.41 -41.74
CA ARG A 133 6.67 17.20 -42.54
C ARG A 133 5.34 16.43 -42.66
N PHE A 134 4.22 17.17 -42.75
CA PHE A 134 2.89 16.54 -42.82
C PHE A 134 2.04 17.08 -43.96
N GLY A 135 0.91 16.43 -44.20
CA GLY A 135 -0.07 16.91 -45.15
C GLY A 135 -1.08 17.86 -44.54
N SER A 136 -2.34 17.67 -44.90
CA SER A 136 -3.40 18.57 -44.46
C SER A 136 -3.68 18.52 -42.96
N ASP A 137 -4.03 19.67 -42.39
CA ASP A 137 -4.65 19.68 -41.04
C ASP A 137 -6.11 19.24 -41.15
N LEU A 138 -6.65 18.79 -40.01
CA LEU A 138 -8.00 18.24 -39.95
C LEU A 138 -9.08 19.29 -40.06
N GLN A 139 -8.78 20.53 -39.66
CA GLN A 139 -9.76 21.61 -39.72
C GLN A 139 -10.16 21.96 -41.14
N LYS A 140 -9.20 22.00 -42.07
CA LYS A 140 -9.53 22.22 -43.48
C LYS A 140 -10.46 21.12 -43.98
N ILE A 141 -10.18 19.89 -43.55
CA ILE A 141 -10.94 18.73 -44.00
C ILE A 141 -12.35 18.74 -43.39
N TYR A 142 -12.42 19.02 -42.10
CA TYR A 142 -13.67 19.25 -41.38
C TYR A 142 -14.56 20.28 -42.08
N GLU A 143 -13.98 21.44 -42.41
CA GLU A 143 -14.73 22.54 -43.09
C GLU A 143 -15.21 22.16 -44.49
N ALA A 144 -14.37 21.45 -45.25
CA ALA A 144 -14.73 20.91 -46.56
C ALA A 144 -15.84 19.85 -46.47
N ASN A 145 -16.04 19.27 -45.30
CA ASN A 145 -17.09 18.30 -45.07
C ASN A 145 -18.34 18.92 -44.40
N ALA A 146 -18.54 20.23 -44.57
CA ALA A 146 -19.63 20.98 -43.93
C ALA A 146 -19.63 20.78 -42.41
N LYS A 147 -18.43 20.79 -41.83
CA LYS A 147 -18.22 20.72 -40.39
C LYS A 147 -18.89 19.50 -39.74
N ARG A 148 -18.69 18.34 -40.34
CA ARG A 148 -19.12 17.08 -39.74
C ARG A 148 -18.09 16.01 -40.06
N PHE A 149 -17.80 15.20 -39.05
CA PHE A 149 -17.16 13.92 -39.25
C PHE A 149 -18.16 12.86 -38.80
N SER A 150 -18.22 11.75 -39.53
CA SER A 150 -19.01 10.60 -39.11
C SER A 150 -18.58 10.09 -37.74
N ARG A 151 -19.43 9.27 -37.16
CA ARG A 151 -19.14 8.61 -35.89
C ARG A 151 -17.92 7.67 -36.04
N LYS A 152 -17.88 6.94 -37.15
CA LYS A 152 -16.69 6.13 -37.53
C LYS A 152 -15.42 6.98 -37.51
N THR A 153 -15.38 8.05 -38.28
CA THR A 153 -14.20 8.92 -38.32
C THR A 153 -13.84 9.46 -36.93
N VAL A 154 -14.84 9.89 -36.16
CA VAL A 154 -14.56 10.48 -34.86
C VAL A 154 -13.95 9.45 -33.88
N LEU A 155 -14.51 8.25 -33.87
CA LEU A 155 -14.01 7.21 -32.98
C LEU A 155 -12.57 6.79 -33.34
N GLN A 156 -12.32 6.60 -34.64
CA GLN A 156 -10.98 6.23 -35.11
C GLN A 156 -9.94 7.30 -34.83
N LEU A 157 -10.29 8.56 -35.07
CA LEU A 157 -9.41 9.65 -34.68
C LEU A 157 -9.11 9.62 -33.19
N SER A 158 -10.15 9.42 -32.39
CA SER A 158 -10.00 9.59 -30.92
C SER A 158 -9.20 8.44 -30.30
N LEU A 159 -9.28 7.26 -30.91
CA LEU A 159 -8.49 6.12 -30.44
C LEU A 159 -7.00 6.42 -30.56
N ARG A 160 -6.63 6.98 -31.71
CA ARG A 160 -5.23 7.31 -31.99
C ARG A 160 -4.76 8.52 -31.17
N ILE A 161 -5.66 9.46 -30.91
CA ILE A 161 -5.31 10.60 -30.06
C ILE A 161 -5.05 10.11 -28.63
N LEU A 162 -5.86 9.14 -28.18
CA LEU A 162 -5.64 8.50 -26.87
C LEU A 162 -4.28 7.78 -26.80
N ASP A 163 -3.85 7.18 -27.93
CA ASP A 163 -2.52 6.57 -28.00
C ASP A 163 -1.45 7.66 -27.85
N ILE A 164 -1.67 8.80 -28.50
CA ILE A 164 -0.76 9.92 -28.43
C ILE A 164 -0.72 10.52 -27.03
N LEU A 165 -1.89 10.75 -26.44
CA LEU A 165 -1.92 11.37 -25.12
C LEU A 165 -1.27 10.46 -24.07
N GLU A 166 -1.53 9.15 -24.17
CA GLU A 166 -0.93 8.23 -23.23
C GLU A 166 0.58 8.37 -23.32
N TYR A 167 1.12 8.35 -24.54
CA TYR A 167 2.55 8.49 -24.74
C TYR A 167 3.12 9.77 -24.13
N ILE A 168 2.58 10.94 -24.51
CA ILE A 168 3.16 12.17 -23.98
C ILE A 168 2.99 12.29 -22.47
N HIS A 169 1.86 11.79 -21.93
CA HIS A 169 1.61 11.82 -20.49
C HIS A 169 2.64 10.98 -19.76
N GLU A 170 2.97 9.83 -20.34
CA GLU A 170 3.97 8.94 -19.75
C GLU A 170 5.38 9.48 -19.86
N HIS A 171 5.58 10.44 -20.77
CA HIS A 171 6.84 11.20 -20.86
C HIS A 171 6.76 12.61 -20.25
N GLU A 172 5.81 12.80 -19.31
CA GLU A 172 5.78 13.93 -18.37
C GLU A 172 5.15 15.21 -18.92
N TYR A 173 4.46 15.14 -20.06
CA TYR A 173 3.92 16.31 -20.71
C TYR A 173 2.43 16.18 -20.97
N VAL A 174 1.76 17.32 -20.90
CA VAL A 174 0.40 17.47 -21.42
C VAL A 174 0.43 18.52 -22.53
N HIS A 175 -0.54 18.44 -23.43
CA HIS A 175 -0.56 19.26 -24.62
C HIS A 175 -1.34 20.55 -24.38
N GLY A 176 -2.50 20.40 -23.74
CA GLY A 176 -3.34 21.55 -23.38
C GLY A 176 -4.14 22.21 -24.48
N ASP A 177 -4.07 21.71 -25.71
CA ASP A 177 -4.65 22.43 -26.84
C ASP A 177 -4.93 21.55 -28.05
N ILE A 178 -5.44 20.34 -27.79
CA ILE A 178 -5.91 19.47 -28.84
C ILE A 178 -7.06 20.14 -29.56
N LYS A 179 -7.00 20.10 -30.89
CA LYS A 179 -8.03 20.62 -31.78
C LYS A 179 -7.66 20.25 -33.21
N ALA A 180 -8.60 20.39 -34.14
CA ALA A 180 -8.43 19.86 -35.49
C ALA A 180 -7.29 20.53 -36.23
N SER A 181 -7.06 21.83 -35.99
CA SER A 181 -5.99 22.57 -36.67
C SER A 181 -4.61 22.15 -36.14
N ASN A 182 -4.56 21.50 -34.98
CA ASN A 182 -3.34 20.86 -34.51
C ASN A 182 -3.26 19.36 -34.79
N LEU A 183 -4.09 18.87 -35.67
CA LEU A 183 -4.03 17.46 -36.06
C LEU A 183 -3.73 17.41 -37.55
N LEU A 184 -2.58 16.84 -37.92
CA LEU A 184 -2.13 16.76 -39.32
C LEU A 184 -2.06 15.32 -39.80
N LEU A 185 -2.43 15.09 -41.06
CA LEU A 185 -2.26 13.77 -41.65
C LEU A 185 -0.82 13.54 -42.10
N ASN A 186 -0.37 12.30 -41.99
CA ASN A 186 0.85 11.87 -42.62
C ASN A 186 0.70 12.19 -44.11
N TYR A 187 1.68 12.88 -44.69
CA TYR A 187 1.55 13.30 -46.11
C TYR A 187 1.57 12.14 -47.10
N LYS A 188 2.05 10.96 -46.67
CA LYS A 188 2.02 9.77 -47.51
C LYS A 188 0.98 8.71 -47.09
N ASN A 189 0.18 9.00 -46.05
CA ASN A 189 -0.84 8.05 -45.55
C ASN A 189 -2.01 8.78 -44.86
N PRO A 190 -3.11 8.99 -45.60
CA PRO A 190 -4.24 9.77 -45.01
C PRO A 190 -4.99 9.08 -43.85
N ASP A 191 -4.58 7.88 -43.45
CA ASP A 191 -5.20 7.20 -42.31
C ASP A 191 -4.39 7.34 -41.02
N GLN A 192 -3.30 8.10 -41.05
CA GLN A 192 -2.50 8.36 -39.85
C GLN A 192 -2.57 9.85 -39.51
N VAL A 193 -2.94 10.14 -38.26
CA VAL A 193 -3.05 11.50 -37.80
C VAL A 193 -2.02 11.72 -36.69
N TYR A 194 -1.51 12.94 -36.63
CA TYR A 194 -0.44 13.34 -35.74
C TYR A 194 -0.85 14.61 -35.00
N LEU A 195 -0.45 14.68 -33.73
CA LEU A 195 -0.70 15.83 -32.89
C LEU A 195 0.54 16.72 -32.90
N VAL A 196 0.36 18.00 -33.24
CA VAL A 196 1.49 18.93 -33.40
C VAL A 196 1.34 20.16 -32.48
N ASP A 197 2.38 20.99 -32.47
CA ASP A 197 2.45 22.23 -31.71
C ASP A 197 2.60 21.99 -30.20
N TYR A 198 3.84 22.02 -29.74
CA TYR A 198 4.15 21.81 -28.34
C TYR A 198 4.84 23.03 -27.78
N GLY A 199 4.71 24.17 -28.46
CA GLY A 199 5.27 25.45 -27.98
C GLY A 199 4.74 25.93 -26.63
N LEU A 200 3.49 25.56 -26.31
CA LEU A 200 2.88 25.85 -25.01
C LEU A 200 2.49 24.56 -24.29
N ALA A 201 3.21 23.47 -24.57
CA ALA A 201 3.02 22.20 -23.87
C ALA A 201 3.56 22.34 -22.46
N TYR A 202 3.08 21.53 -21.55
CA TYR A 202 3.42 21.73 -20.17
C TYR A 202 3.98 20.46 -19.55
N ARG A 203 5.09 20.62 -18.85
CA ARG A 203 5.74 19.52 -18.16
C ARG A 203 5.13 19.38 -16.75
N TYR A 204 4.04 18.62 -16.68
CA TYR A 204 3.21 18.48 -15.49
C TYR A 204 3.82 17.56 -14.45
N CYS A 205 4.84 16.80 -14.83
CA CYS A 205 5.33 15.72 -13.98
C CYS A 205 6.86 15.56 -14.02
N PRO A 206 7.62 16.66 -13.85
CA PRO A 206 9.09 16.56 -13.94
C PRO A 206 9.66 15.63 -12.88
N GLU A 207 10.53 14.72 -13.31
CA GLU A 207 11.14 13.71 -12.43
C GLU A 207 10.12 12.89 -11.66
N GLY A 208 8.94 12.70 -12.24
CA GLY A 208 7.88 11.92 -11.58
C GLY A 208 7.14 12.63 -10.45
N VAL A 209 7.38 13.92 -10.25
CA VAL A 209 6.67 14.69 -9.21
C VAL A 209 5.60 15.62 -9.82
N HIS A 210 4.35 15.24 -9.63
CA HIS A 210 3.21 15.95 -10.18
C HIS A 210 3.13 17.34 -9.60
N LYS A 211 2.77 18.29 -10.46
CA LYS A 211 2.58 19.66 -10.04
C LYS A 211 1.35 19.74 -9.13
N ALA A 212 1.38 20.66 -8.19
CA ALA A 212 0.27 20.86 -7.27
C ALA A 212 -0.89 21.53 -7.98
N TYR A 213 -2.08 21.45 -7.39
CA TYR A 213 -3.26 22.06 -7.99
C TYR A 213 -3.16 23.54 -7.68
N ALA A 214 -2.50 24.25 -8.58
CA ALA A 214 -2.23 25.67 -8.48
C ALA A 214 -1.82 26.23 -9.82
N ALA A 215 -1.77 27.55 -9.89
CA ALA A 215 -1.35 28.23 -11.10
C ALA A 215 0.16 28.17 -11.28
N ASP A 216 0.62 28.34 -12.52
CA ASP A 216 2.04 28.40 -12.77
C ASP A 216 2.28 29.81 -13.30
N PRO A 217 3.09 30.58 -12.59
CA PRO A 217 3.37 31.98 -12.97
C PRO A 217 4.07 32.07 -14.32
N LYS A 218 5.00 31.18 -14.55
CA LYS A 218 5.73 31.16 -15.82
C LYS A 218 4.90 30.57 -16.98
N ARG A 219 3.58 30.40 -16.80
CA ARG A 219 2.71 29.92 -17.88
C ARG A 219 1.54 30.88 -18.09
N CYS A 220 1.39 31.33 -19.34
CA CYS A 220 0.38 32.33 -19.68
C CYS A 220 -0.85 31.73 -20.36
N HIS A 221 -0.71 30.55 -20.97
CA HIS A 221 -1.74 30.03 -21.86
C HIS A 221 -2.91 29.29 -21.17
N ASP A 222 -4.12 29.52 -21.69
CA ASP A 222 -5.34 28.88 -21.21
C ASP A 222 -5.91 27.91 -22.24
N GLY A 223 -5.15 27.64 -23.30
CA GLY A 223 -5.60 26.79 -24.39
C GLY A 223 -6.46 27.58 -25.34
N THR A 224 -7.28 26.89 -26.13
CA THR A 224 -8.25 27.51 -27.01
C THR A 224 -9.64 27.50 -26.32
N ILE A 225 -10.27 28.67 -26.27
CA ILE A 225 -11.40 28.93 -25.38
C ILE A 225 -12.55 27.93 -25.48
N GLU A 226 -13.01 27.62 -26.68
CA GLU A 226 -14.12 26.67 -26.80
C GLU A 226 -13.80 25.23 -26.39
N PHE A 227 -12.54 24.82 -26.40
CA PHE A 227 -12.17 23.43 -26.09
C PHE A 227 -11.43 23.22 -24.76
N THR A 228 -10.95 24.29 -24.15
CA THR A 228 -10.03 24.11 -23.04
C THR A 228 -10.71 23.49 -21.79
N SER A 229 -9.90 22.93 -20.91
CA SER A 229 -10.36 22.28 -19.69
C SER A 229 -10.91 23.27 -18.64
N ILE A 230 -11.78 22.74 -17.77
CA ILE A 230 -12.27 23.50 -16.63
C ILE A 230 -11.08 23.89 -15.77
N ASP A 231 -10.14 22.98 -15.58
CA ASP A 231 -8.91 23.32 -14.86
C ASP A 231 -8.28 24.61 -15.41
N ALA A 232 -8.09 24.65 -16.73
CA ALA A 232 -7.45 25.81 -17.36
C ALA A 232 -8.29 27.07 -17.11
N HIS A 233 -9.62 26.96 -17.22
CA HIS A 233 -10.50 28.08 -16.96
C HIS A 233 -10.36 28.61 -15.53
N ASN A 234 -10.09 27.69 -14.59
CA ASN A 234 -9.92 28.05 -13.20
C ASN A 234 -8.52 28.52 -12.86
N GLY A 235 -7.69 28.70 -13.88
CA GLY A 235 -6.35 29.23 -13.69
C GLY A 235 -5.33 28.29 -13.06
N VAL A 236 -5.53 27.01 -13.24
CA VAL A 236 -4.66 25.99 -12.70
C VAL A 236 -3.86 25.38 -13.84
N ALA A 237 -2.60 24.99 -13.58
CA ALA A 237 -1.80 24.34 -14.61
C ALA A 237 -2.51 23.12 -15.16
N PRO A 238 -2.37 22.88 -16.46
CA PRO A 238 -3.00 21.75 -17.14
C PRO A 238 -2.44 20.39 -16.69
N SER A 239 -3.29 19.39 -16.57
CA SER A 239 -2.88 18.03 -16.20
C SER A 239 -3.52 17.01 -17.14
N ARG A 240 -3.37 15.74 -16.83
CA ARG A 240 -3.84 14.69 -17.73
C ARG A 240 -5.34 14.70 -17.98
N ARG A 241 -6.12 14.85 -16.90
CA ARG A 241 -7.58 14.90 -17.03
C ARG A 241 -8.02 16.03 -17.97
N GLY A 242 -7.34 17.17 -17.91
CA GLY A 242 -7.64 18.28 -18.83
C GLY A 242 -7.49 17.94 -20.29
N ASP A 243 -6.46 17.18 -20.65
CA ASP A 243 -6.28 16.76 -22.04
C ASP A 243 -7.43 15.86 -22.49
N LEU A 244 -7.89 14.97 -21.61
CA LEU A 244 -8.94 14.03 -22.00
C LEU A 244 -10.26 14.76 -22.12
N GLU A 245 -10.45 15.77 -21.28
CA GLU A 245 -11.63 16.63 -21.35
C GLU A 245 -11.64 17.43 -22.67
N ILE A 246 -10.50 18.04 -23.02
CA ILE A 246 -10.40 18.77 -24.30
C ILE A 246 -10.82 17.85 -25.46
N LEU A 247 -10.30 16.62 -25.47
CA LEU A 247 -10.63 15.67 -26.50
C LEU A 247 -12.13 15.37 -26.53
N GLY A 248 -12.74 15.22 -25.35
CA GLY A 248 -14.21 15.12 -25.22
C GLY A 248 -14.97 16.21 -25.97
N TYR A 249 -14.57 17.46 -25.78
CA TYR A 249 -15.27 18.56 -26.42
C TYR A 249 -15.08 18.56 -27.94
N CYS A 250 -13.87 18.19 -28.39
CA CYS A 250 -13.61 18.03 -29.83
C CYS A 250 -14.52 16.98 -30.45
N MET A 251 -14.68 15.85 -29.75
CA MET A 251 -15.56 14.77 -30.25
C MET A 251 -16.97 15.28 -30.50
N ILE A 252 -17.49 16.08 -29.59
CA ILE A 252 -18.84 16.63 -29.75
C ILE A 252 -18.89 17.64 -30.91
N GLN A 253 -17.91 18.54 -30.92
CA GLN A 253 -17.74 19.48 -32.02
C GLN A 253 -17.70 18.74 -33.36
N TRP A 254 -16.91 17.66 -33.43
CA TRP A 254 -16.69 16.96 -34.70
C TRP A 254 -17.95 16.24 -35.17
N LEU A 255 -18.66 15.61 -34.22
CA LEU A 255 -19.89 14.90 -34.52
C LEU A 255 -21.06 15.82 -34.94
N THR A 256 -21.19 16.97 -34.30
CA THR A 256 -22.44 17.76 -34.39
C THR A 256 -22.31 19.07 -35.13
N GLY A 257 -21.08 19.59 -35.26
CA GLY A 257 -20.84 20.92 -35.84
C GLY A 257 -20.90 22.05 -34.83
N HIS A 258 -21.07 21.74 -33.55
CA HIS A 258 -21.35 22.76 -32.54
C HIS A 258 -20.93 22.35 -31.13
N LEU A 259 -20.69 23.36 -30.29
CA LEU A 259 -20.67 23.21 -28.85
C LEU A 259 -21.72 24.18 -28.28
N PRO A 260 -22.32 23.86 -27.11
CA PRO A 260 -23.37 24.72 -26.55
C PRO A 260 -22.95 26.17 -26.30
N TRP A 261 -21.71 26.37 -25.89
CA TRP A 261 -21.22 27.70 -25.50
C TRP A 261 -20.61 28.50 -26.66
N GLU A 262 -20.76 28.02 -27.89
CA GLU A 262 -20.07 28.62 -29.04
C GLU A 262 -20.53 30.03 -29.43
N ASP A 263 -21.70 30.42 -28.91
N ASP A 263 -21.70 30.48 -28.97
CA ASP A 263 -22.30 31.74 -29.13
CA ASP A 263 -22.15 31.83 -29.32
C ASP A 263 -21.64 32.87 -28.34
C ASP A 263 -21.76 32.88 -28.25
N ASN A 264 -20.88 32.53 -27.31
CA ASN A 264 -20.45 33.50 -26.31
C ASN A 264 -19.01 33.23 -25.90
N LEU A 265 -18.14 33.02 -26.88
CA LEU A 265 -16.72 32.76 -26.63
C LEU A 265 -15.90 34.00 -26.28
N LYS A 266 -16.49 35.18 -26.43
CA LYS A 266 -15.85 36.41 -25.98
C LYS A 266 -15.92 36.52 -24.45
N ASP A 267 -16.73 35.67 -23.79
CA ASP A 267 -16.82 35.67 -22.33
C ASP A 267 -16.41 34.32 -21.78
N PRO A 268 -15.14 34.23 -21.34
CA PRO A 268 -14.66 33.03 -20.67
C PRO A 268 -15.43 32.67 -19.38
N LYS A 269 -16.06 33.66 -18.74
CA LYS A 269 -16.93 33.38 -17.59
C LYS A 269 -18.09 32.49 -18.00
N TYR A 270 -18.76 32.84 -19.09
CA TYR A 270 -19.84 32.05 -19.65
C TYR A 270 -19.38 30.63 -20.03
N VAL A 271 -18.26 30.54 -20.73
CA VAL A 271 -17.76 29.26 -21.21
C VAL A 271 -17.44 28.31 -20.07
N ARG A 272 -16.76 28.81 -19.04
CA ARG A 272 -16.47 28.00 -17.85
C ARG A 272 -17.76 27.58 -17.14
N ASP A 273 -18.69 28.53 -16.99
CA ASP A 273 -19.93 28.25 -16.30
C ASP A 273 -20.71 27.11 -16.96
N SER A 274 -20.87 27.16 -18.28
CA SER A 274 -21.51 26.05 -18.99
C SER A 274 -20.80 24.74 -18.80
N LYS A 275 -19.49 24.77 -19.01
CA LYS A 275 -18.68 23.57 -18.84
C LYS A 275 -18.88 22.93 -17.47
N ILE A 276 -18.79 23.72 -16.40
CA ILE A 276 -18.97 23.22 -15.05
C ILE A 276 -20.38 22.62 -14.85
N ARG A 277 -21.40 23.31 -15.34
CA ARG A 277 -22.77 22.82 -15.18
C ARG A 277 -22.99 21.56 -16.00
N TYR A 278 -22.42 21.50 -17.20
CA TYR A 278 -22.58 20.31 -18.04
C TYR A 278 -21.79 19.11 -17.53
N ARG A 279 -20.70 19.37 -16.81
CA ARG A 279 -19.93 18.31 -16.22
C ARG A 279 -20.74 17.68 -15.10
N GLU A 280 -21.40 18.53 -14.33
CA GLU A 280 -22.26 18.10 -13.24
C GLU A 280 -23.47 17.28 -13.72
N ASN A 281 -23.99 17.58 -14.92
CA ASN A 281 -25.09 16.80 -15.51
C ASN A 281 -24.81 16.42 -17.00
N ILE A 282 -24.15 15.29 -17.23
CA ILE A 282 -23.74 14.93 -18.60
C ILE A 282 -24.94 14.56 -19.50
N ALA A 283 -25.97 13.95 -18.94
CA ALA A 283 -27.20 13.70 -19.69
C ALA A 283 -27.78 14.97 -20.33
N SER A 284 -27.75 16.10 -19.61
CA SER A 284 -28.22 17.35 -20.20
C SER A 284 -27.26 17.84 -21.30
N LEU A 285 -25.97 17.60 -21.18
CA LEU A 285 -25.04 17.88 -22.29
C LEU A 285 -25.44 17.06 -23.54
N MET A 286 -25.67 15.76 -23.36
CA MET A 286 -26.10 14.87 -24.44
C MET A 286 -27.42 15.34 -25.06
N ASP A 287 -28.41 15.66 -24.21
N ASP A 287 -28.39 15.64 -24.19
CA ASP A 287 -29.69 16.15 -24.70
CA ASP A 287 -29.69 16.15 -24.63
C ASP A 287 -29.53 17.43 -25.50
C ASP A 287 -29.56 17.43 -25.45
N LYS A 288 -28.69 18.34 -25.00
CA LYS A 288 -28.43 19.59 -25.69
C LYS A 288 -27.71 19.42 -27.03
N CYS A 289 -26.66 18.59 -27.05
CA CYS A 289 -25.80 18.47 -28.24
C CYS A 289 -26.31 17.51 -29.31
N PHE A 290 -27.11 16.53 -28.90
CA PHE A 290 -27.61 15.54 -29.82
C PHE A 290 -29.11 15.59 -29.97
N PRO A 291 -29.61 15.19 -31.14
CA PRO A 291 -31.06 15.31 -31.28
C PRO A 291 -31.80 14.49 -30.24
N ALA A 292 -33.08 14.78 -30.05
CA ALA A 292 -34.02 13.77 -29.61
C ALA A 292 -33.43 12.93 -28.46
N ALA A 293 -33.62 11.60 -28.52
CA ALA A 293 -33.05 10.66 -27.55
C ALA A 293 -32.05 9.79 -28.31
N ASN A 294 -31.15 10.44 -29.04
CA ASN A 294 -30.34 9.77 -30.03
C ASN A 294 -28.88 10.19 -29.87
N ALA A 295 -28.32 9.98 -28.68
CA ALA A 295 -26.93 10.34 -28.42
C ALA A 295 -26.03 9.10 -28.32
N PRO A 296 -24.82 9.19 -28.87
CA PRO A 296 -23.95 8.01 -28.84
C PRO A 296 -23.43 7.78 -27.42
N GLY A 297 -23.76 6.63 -26.83
CA GLY A 297 -23.47 6.34 -25.44
C GLY A 297 -21.99 6.27 -25.07
N GLU A 298 -21.14 5.91 -26.02
CA GLU A 298 -19.71 5.83 -25.76
C GLU A 298 -19.16 7.21 -25.42
N ILE A 299 -19.76 8.26 -25.98
CA ILE A 299 -19.31 9.62 -25.71
C ILE A 299 -19.70 10.02 -24.29
N ALA A 300 -20.92 9.66 -23.90
CA ALA A 300 -21.40 9.96 -22.55
C ALA A 300 -20.55 9.22 -21.55
N LYS A 301 -20.32 7.93 -21.79
CA LYS A 301 -19.49 7.11 -20.91
C LYS A 301 -18.06 7.65 -20.81
N TYR A 302 -17.51 8.05 -21.95
CA TYR A 302 -16.18 8.66 -22.00
C TYR A 302 -16.12 9.84 -21.02
N MET A 303 -17.05 10.77 -21.17
CA MET A 303 -17.10 11.94 -20.29
C MET A 303 -17.38 11.65 -18.82
N GLU A 304 -18.21 10.64 -18.56
CA GLU A 304 -18.45 10.21 -17.20
C GLU A 304 -17.14 9.72 -16.59
N THR A 305 -16.33 9.04 -17.39
CA THR A 305 -15.09 8.46 -16.89
C THR A 305 -14.02 9.52 -16.62
N VAL A 306 -13.94 10.52 -17.50
CA VAL A 306 -12.99 11.60 -17.33
C VAL A 306 -13.38 12.44 -16.10
N LYS A 307 -14.67 12.63 -15.90
CA LYS A 307 -15.21 13.35 -14.74
C LYS A 307 -14.79 12.77 -13.40
N LEU A 308 -14.58 11.46 -13.36
CA LEU A 308 -14.17 10.81 -12.13
C LEU A 308 -12.69 11.00 -11.78
N LEU A 309 -11.90 11.57 -12.72
CA LEU A 309 -10.45 11.72 -12.50
C LEU A 309 -10.16 12.86 -11.52
N ASP A 310 -9.26 12.59 -10.57
CA ASP A 310 -8.65 13.64 -9.76
C ASP A 310 -7.57 14.35 -10.59
N TYR A 311 -7.19 15.53 -10.10
CA TYR A 311 -6.24 16.38 -10.77
C TYR A 311 -4.92 15.68 -11.08
N THR A 312 -4.41 14.95 -10.08
CA THR A 312 -3.14 14.28 -10.18
C THR A 312 -3.23 12.84 -10.70
N GLU A 313 -4.44 12.36 -10.99
CA GLU A 313 -4.66 10.93 -11.23
C GLU A 313 -4.25 10.48 -12.64
N LYS A 314 -3.61 9.31 -12.69
CA LYS A 314 -3.27 8.61 -13.95
C LYS A 314 -4.50 8.00 -14.61
N PRO A 315 -4.89 8.49 -15.80
CA PRO A 315 -6.02 7.89 -16.47
C PRO A 315 -5.80 6.44 -16.80
N LEU A 316 -6.89 5.69 -16.86
CA LEU A 316 -6.85 4.32 -17.35
C LEU A 316 -7.13 4.35 -18.86
N TYR A 317 -6.07 4.59 -19.62
CA TYR A 317 -6.21 4.89 -21.05
C TYR A 317 -6.86 3.74 -21.80
N GLU A 318 -6.54 2.50 -21.42
CA GLU A 318 -7.07 1.35 -22.13
C GLU A 318 -8.59 1.22 -21.91
N ASN A 319 -9.06 1.49 -20.69
CA ASN A 319 -10.51 1.55 -20.44
C ASN A 319 -11.17 2.59 -21.35
N LEU A 320 -10.54 3.74 -21.50
CA LEU A 320 -11.10 4.79 -22.33
C LEU A 320 -11.19 4.33 -23.79
N ARG A 321 -10.14 3.69 -24.26
CA ARG A 321 -10.14 3.13 -25.61
C ARG A 321 -11.27 2.08 -25.76
N ASP A 322 -11.41 1.17 -24.80
N ASP A 322 -11.37 1.17 -24.79
CA ASP A 322 -12.44 0.13 -24.88
CA ASP A 322 -12.41 0.13 -24.79
C ASP A 322 -13.86 0.70 -24.92
C ASP A 322 -13.83 0.71 -24.91
N ILE A 323 -14.07 1.83 -24.22
CA ILE A 323 -15.36 2.56 -24.31
C ILE A 323 -15.61 3.01 -25.74
N LEU A 324 -14.57 3.56 -26.38
CA LEU A 324 -14.67 3.95 -27.78
C LEU A 324 -14.86 2.72 -28.68
N LEU A 325 -14.17 1.63 -28.38
CA LEU A 325 -14.35 0.40 -29.18
C LEU A 325 -15.82 -0.06 -29.19
N GLN A 326 -16.56 0.15 -28.10
CA GLN A 326 -17.99 -0.23 -28.06
C GLN A 326 -18.81 0.58 -29.03
N GLY A 327 -18.49 1.86 -29.19
CA GLY A 327 -19.10 2.68 -30.22
C GLY A 327 -18.95 2.09 -31.61
N LEU A 328 -17.74 1.64 -31.93
CA LEU A 328 -17.47 0.99 -33.21
C LEU A 328 -18.24 -0.32 -33.34
N LYS A 329 -18.26 -1.13 -32.28
CA LYS A 329 -19.04 -2.38 -32.29
C LYS A 329 -20.52 -2.07 -32.51
N ALA A 330 -20.98 -0.97 -31.93
CA ALA A 330 -22.36 -0.52 -32.04
C ALA A 330 -22.78 -0.16 -33.46
N ILE A 331 -21.87 0.43 -34.22
CA ILE A 331 -22.16 0.85 -35.58
C ILE A 331 -21.83 -0.19 -36.63
N GLY A 332 -21.49 -1.39 -36.21
CA GLY A 332 -21.17 -2.44 -37.15
C GLY A 332 -19.75 -2.41 -37.70
N SER A 333 -18.88 -1.69 -37.02
CA SER A 333 -17.49 -1.57 -37.42
C SER A 333 -16.54 -2.14 -36.39
N LYS A 334 -15.26 -1.88 -36.61
CA LYS A 334 -14.19 -2.32 -35.72
C LYS A 334 -12.97 -1.40 -35.86
N ASP A 335 -11.98 -1.55 -34.99
CA ASP A 335 -10.80 -0.71 -35.09
C ASP A 335 -9.89 -1.29 -36.16
N ASP A 336 -10.16 -0.87 -37.39
CA ASP A 336 -9.42 -1.30 -38.55
C ASP A 336 -8.44 -0.22 -39.02
N GLY A 337 -8.30 0.85 -38.26
CA GLY A 337 -7.38 1.92 -38.63
C GLY A 337 -7.85 2.90 -39.70
N LYS A 338 -9.02 2.68 -40.30
CA LYS A 338 -9.52 3.53 -41.38
C LYS A 338 -10.24 4.77 -40.84
N LEU A 339 -9.62 5.93 -41.06
CA LEU A 339 -10.18 7.20 -40.63
C LEU A 339 -11.35 7.63 -41.49
N ASP A 340 -11.39 7.13 -42.72
CA ASP A 340 -12.55 7.27 -43.58
C ASP A 340 -12.87 8.74 -43.90
N LEU A 341 -11.83 9.53 -44.14
CA LEU A 341 -11.99 10.97 -44.34
C LEU A 341 -12.41 11.33 -45.76
N PHE B 23 -43.53 -17.25 8.96
CA PHE B 23 -42.70 -18.48 8.77
C PHE B 23 -42.46 -19.18 10.11
N ALA B 24 -42.21 -20.48 10.05
CA ALA B 24 -41.89 -21.26 11.24
C ALA B 24 -40.39 -21.21 11.48
N VAL B 25 -39.97 -21.63 12.68
CA VAL B 25 -38.55 -21.73 13.00
C VAL B 25 -38.00 -23.01 12.36
N GLY B 26 -37.52 -22.91 11.13
CA GLY B 26 -36.92 -24.04 10.42
C GLY B 26 -37.50 -24.37 9.04
N GLU B 27 -38.32 -23.48 8.46
CA GLU B 27 -39.02 -23.80 7.21
C GLU B 27 -38.12 -23.62 5.97
N ILE B 28 -38.26 -24.53 5.01
CA ILE B 28 -37.51 -24.46 3.75
C ILE B 28 -38.23 -23.58 2.72
N ILE B 29 -37.52 -22.61 2.12
CA ILE B 29 -38.12 -21.71 1.12
C ILE B 29 -37.23 -21.60 -0.13
N THR B 30 -37.85 -21.69 -1.32
CA THR B 30 -37.11 -21.68 -2.60
C THR B 30 -37.19 -20.29 -3.31
N ASP B 31 -36.04 -19.73 -3.66
CA ASP B 31 -35.98 -18.41 -4.32
C ASP B 31 -36.16 -18.51 -5.85
N MET B 32 -36.05 -17.36 -6.54
CA MET B 32 -36.23 -17.29 -8.00
C MET B 32 -35.15 -18.05 -8.78
N ALA B 33 -33.96 -18.18 -8.20
CA ALA B 33 -32.88 -18.96 -8.82
C ALA B 33 -32.92 -20.43 -8.44
N ALA B 34 -34.06 -20.92 -7.94
CA ALA B 34 -34.21 -22.31 -7.49
C ALA B 34 -33.17 -22.70 -6.44
N ALA B 35 -33.11 -21.93 -5.36
CA ALA B 35 -32.12 -22.11 -4.30
C ALA B 35 -32.79 -22.13 -2.94
N ALA B 36 -32.64 -23.24 -2.20
CA ALA B 36 -33.24 -23.42 -0.88
C ALA B 36 -32.53 -22.59 0.20
N TRP B 37 -33.32 -21.97 1.08
CA TRP B 37 -32.81 -21.29 2.27
C TRP B 37 -33.57 -21.77 3.52
N LYS B 38 -32.85 -22.02 4.61
CA LYS B 38 -33.46 -22.44 5.87
C LYS B 38 -33.69 -21.24 6.80
N VAL B 39 -34.90 -21.11 7.32
CA VAL B 39 -35.29 -19.98 8.18
C VAL B 39 -34.89 -20.23 9.64
N GLY B 40 -34.22 -19.26 10.26
CA GLY B 40 -33.81 -19.36 11.65
C GLY B 40 -34.74 -18.62 12.60
N LEU B 41 -34.19 -18.15 13.71
CA LEU B 41 -34.95 -17.48 14.77
C LEU B 41 -35.46 -16.13 14.29
N PRO B 42 -36.54 -15.62 14.89
CA PRO B 42 -37.07 -14.30 14.51
C PRO B 42 -36.23 -13.11 15.04
N ILE B 43 -36.35 -11.97 14.37
CA ILE B 43 -35.69 -10.70 14.78
C ILE B 43 -36.66 -9.51 14.69
N GLY B 44 -37.98 -9.76 14.80
CA GLY B 44 -38.98 -8.71 14.96
C GLY B 44 -39.27 -7.83 13.74
N GLN B 45 -39.91 -6.69 14.00
CA GLN B 45 -40.26 -5.70 12.98
C GLN B 45 -39.04 -4.86 12.60
N GLY B 49 -44.49 -8.18 8.06
CA GLY B 49 -43.70 -7.24 8.86
C GLY B 49 -42.40 -7.79 9.44
N CYS B 50 -42.28 -9.12 9.50
CA CYS B 50 -41.22 -9.80 10.26
C CYS B 50 -39.92 -10.12 9.48
N ILE B 51 -38.80 -10.22 10.22
CA ILE B 51 -37.48 -10.57 9.66
C ILE B 51 -36.81 -11.70 10.47
N TYR B 52 -36.28 -12.72 9.79
CA TYR B 52 -35.60 -13.86 10.48
C TYR B 52 -34.17 -14.05 9.99
N LEU B 53 -33.36 -14.70 10.79
CA LEU B 53 -32.04 -15.16 10.35
C LEU B 53 -32.18 -16.22 9.25
N ALA B 54 -31.14 -16.35 8.43
CA ALA B 54 -31.16 -17.29 7.29
C ALA B 54 -29.79 -17.81 6.87
N ASP B 55 -29.80 -18.97 6.23
CA ASP B 55 -28.61 -19.57 5.65
C ASP B 55 -29.07 -20.46 4.50
N MET B 56 -28.13 -20.93 3.67
CA MET B 56 -28.43 -21.89 2.59
C MET B 56 -28.80 -23.26 3.15
N ASN B 57 -29.27 -24.16 2.28
CA ASN B 57 -29.57 -25.54 2.69
C ASN B 57 -30.58 -25.61 3.85
N VAL B 62 -29.74 -23.66 11.59
CA VAL B 62 -29.34 -22.27 11.34
C VAL B 62 -28.75 -21.68 12.61
N GLY B 63 -27.59 -21.03 12.48
CA GLY B 63 -26.82 -20.58 13.65
C GLY B 63 -27.41 -19.39 14.38
N ASP B 65 -24.97 -16.42 14.60
CA ASP B 65 -23.98 -17.07 13.75
C ASP B 65 -24.18 -16.78 12.26
N ALA B 66 -25.44 -16.82 11.80
CA ALA B 66 -25.78 -16.87 10.37
C ALA B 66 -25.40 -15.63 9.54
N PRO B 67 -24.99 -15.83 8.26
CA PRO B 67 -24.55 -14.76 7.35
C PRO B 67 -25.65 -13.95 6.65
N CYS B 68 -26.91 -14.39 6.73
CA CYS B 68 -28.02 -13.69 6.08
C CYS B 68 -29.26 -13.54 6.97
N VAL B 69 -30.23 -12.80 6.45
CA VAL B 69 -31.57 -12.75 7.01
C VAL B 69 -32.59 -12.88 5.90
N VAL B 70 -33.82 -13.20 6.28
CA VAL B 70 -34.96 -13.22 5.37
C VAL B 70 -36.05 -12.27 5.87
N LYS B 71 -36.43 -11.32 5.01
CA LYS B 71 -37.54 -10.42 5.29
C LYS B 71 -38.79 -11.01 4.63
N VAL B 72 -39.93 -10.98 5.33
CA VAL B 72 -41.16 -11.63 4.84
C VAL B 72 -42.45 -10.83 5.11
N GLU B 73 -43.32 -10.74 4.11
CA GLU B 73 -44.61 -10.07 4.26
C GLU B 73 -45.61 -10.63 3.23
N PRO B 74 -46.90 -10.42 3.46
CA PRO B 74 -47.93 -10.93 2.54
C PRO B 74 -47.83 -10.35 1.12
N SER B 75 -48.05 -11.20 0.11
CA SER B 75 -48.00 -10.82 -1.32
C SER B 75 -48.64 -9.45 -1.63
N ASP B 76 -49.72 -9.10 -0.91
CA ASP B 76 -50.39 -7.81 -1.05
C ASP B 76 -49.40 -6.63 -0.93
N ASN B 77 -49.29 -5.83 -1.99
CA ASN B 77 -48.33 -4.71 -2.09
C ASN B 77 -48.08 -3.99 -0.77
N GLY B 78 -46.82 -3.69 -0.50
CA GLY B 78 -46.44 -3.02 0.73
C GLY B 78 -45.00 -2.57 0.62
N PRO B 79 -44.36 -2.25 1.76
CA PRO B 79 -42.95 -1.85 1.72
C PRO B 79 -41.98 -2.90 1.11
N LEU B 80 -42.22 -4.19 1.29
CA LEU B 80 -41.29 -5.20 0.75
C LEU B 80 -41.28 -5.25 -0.79
N PHE B 81 -42.44 -5.07 -1.41
CA PHE B 81 -42.54 -4.97 -2.86
C PHE B 81 -41.76 -3.74 -3.37
N THR B 82 -41.77 -2.66 -2.58
CA THR B 82 -41.05 -1.43 -2.92
C THR B 82 -39.54 -1.69 -2.86
N GLU B 83 -39.10 -2.33 -1.78
CA GLU B 83 -37.70 -2.69 -1.59
C GLU B 83 -37.23 -3.56 -2.73
N LEU B 84 -38.03 -4.59 -3.02
CA LEU B 84 -37.66 -5.56 -4.04
C LEU B 84 -37.26 -4.84 -5.32
N LYS B 85 -38.14 -3.94 -5.77
CA LYS B 85 -37.89 -3.19 -7.01
C LYS B 85 -36.68 -2.24 -6.92
N PHE B 86 -36.45 -1.67 -5.75
CA PHE B 86 -35.22 -0.91 -5.52
C PHE B 86 -33.99 -1.76 -5.82
N TYR B 87 -33.82 -2.86 -5.09
CA TYR B 87 -32.64 -3.69 -5.29
C TYR B 87 -32.51 -4.20 -6.72
N GLN B 88 -33.62 -4.57 -7.34
CA GLN B 88 -33.58 -5.12 -8.68
C GLN B 88 -33.17 -4.07 -9.72
N ARG B 89 -33.72 -2.87 -9.63
N ARG B 89 -33.70 -2.86 -9.61
CA ARG B 89 -33.39 -1.79 -10.58
CA ARG B 89 -33.38 -1.77 -10.53
C ARG B 89 -32.02 -1.15 -10.29
C ARG B 89 -32.01 -1.18 -10.28
N ALA B 90 -31.70 -0.96 -9.02
CA ALA B 90 -30.65 -0.01 -8.62
C ALA B 90 -29.54 -0.48 -7.69
N ALA B 91 -29.60 -1.69 -7.16
CA ALA B 91 -28.63 -2.13 -6.15
C ALA B 91 -28.29 -3.62 -6.26
N LYS B 92 -28.15 -4.06 -7.49
CA LYS B 92 -27.61 -5.37 -7.78
C LYS B 92 -26.13 -5.35 -7.40
N PRO B 93 -25.61 -6.50 -6.92
CA PRO B 93 -24.18 -6.68 -6.64
C PRO B 93 -23.23 -5.98 -7.64
N GLU B 94 -23.53 -6.10 -8.94
CA GLU B 94 -22.68 -5.55 -10.02
C GLU B 94 -22.58 -4.02 -9.96
N GLN B 95 -23.73 -3.36 -9.83
CA GLN B 95 -23.77 -1.90 -9.81
C GLN B 95 -23.01 -1.32 -8.62
N ILE B 96 -23.12 -2.00 -7.48
CA ILE B 96 -22.48 -1.55 -6.25
C ILE B 96 -20.98 -1.70 -6.36
N GLN B 97 -20.54 -2.83 -6.91
CA GLN B 97 -19.10 -3.06 -7.06
C GLN B 97 -18.48 -2.07 -8.04
N LYS B 98 -19.18 -1.79 -9.14
CA LYS B 98 -18.70 -0.80 -10.11
C LYS B 98 -18.50 0.58 -9.47
N TRP B 99 -19.44 0.99 -8.63
CA TRP B 99 -19.37 2.30 -7.98
C TRP B 99 -18.24 2.38 -6.96
N ILE B 100 -18.05 1.33 -6.17
CA ILE B 100 -16.95 1.26 -5.22
C ILE B 100 -15.59 1.40 -5.96
N ARG B 101 -15.47 0.76 -7.10
CA ARG B 101 -14.23 0.80 -7.88
C ARG B 101 -13.96 2.22 -8.42
N THR B 102 -14.93 2.77 -9.14
CA THR B 102 -14.75 4.00 -9.89
C THR B 102 -14.78 5.30 -9.06
N ARG B 103 -15.38 5.23 -7.86
CA ARG B 103 -15.36 6.36 -6.91
CA ARG B 103 -15.36 6.35 -6.90
C ARG B 103 -14.27 6.13 -5.86
N LYS B 104 -13.53 5.03 -5.99
CA LYS B 104 -12.43 4.69 -5.08
C LYS B 104 -12.80 4.61 -3.58
N LEU B 105 -13.90 3.94 -3.26
CA LEU B 105 -14.34 3.80 -1.87
C LEU B 105 -13.79 2.53 -1.23
N LYS B 106 -13.72 2.51 0.11
CA LYS B 106 -13.31 1.31 0.85
C LYS B 106 -14.46 0.32 0.91
N TYR B 107 -15.67 0.86 1.05
CA TYR B 107 -16.92 0.06 0.96
C TYR B 107 -18.05 1.04 0.59
N LEU B 108 -19.23 0.49 0.29
CA LEU B 108 -20.46 1.29 0.17
C LEU B 108 -21.51 0.65 1.08
N GLY B 109 -22.18 1.46 1.89
CA GLY B 109 -23.13 0.94 2.89
C GLY B 109 -24.52 0.67 2.34
N VAL B 110 -24.60 -0.01 1.20
CA VAL B 110 -25.85 -0.49 0.66
C VAL B 110 -25.82 -2.01 0.82
N PRO B 111 -26.85 -2.59 1.46
CA PRO B 111 -26.82 -4.03 1.72
C PRO B 111 -26.74 -4.91 0.46
N LYS B 112 -26.15 -6.09 0.61
CA LYS B 112 -26.21 -7.11 -0.43
C LYS B 112 -27.58 -7.81 -0.51
N TYR B 113 -28.17 -7.79 -1.71
CA TYR B 113 -29.39 -8.52 -2.04
C TYR B 113 -28.99 -9.92 -2.58
N TRP B 114 -29.41 -10.99 -1.88
CA TRP B 114 -29.04 -12.35 -2.25
C TRP B 114 -30.09 -13.08 -3.09
N GLY B 115 -31.36 -12.71 -2.96
CA GLY B 115 -32.45 -13.44 -3.60
C GLY B 115 -33.83 -13.10 -3.04
N SER B 116 -34.86 -13.62 -3.68
CA SER B 116 -36.24 -13.35 -3.29
C SER B 116 -37.19 -14.38 -3.89
N GLY B 117 -38.44 -14.40 -3.42
CA GLY B 117 -39.45 -15.30 -3.97
C GLY B 117 -40.80 -15.30 -3.26
N LEU B 118 -41.59 -16.33 -3.55
CA LEU B 118 -42.92 -16.50 -2.99
C LEU B 118 -42.99 -17.78 -2.18
N HIS B 119 -43.49 -17.71 -0.95
CA HIS B 119 -43.81 -18.92 -0.17
C HIS B 119 -45.28 -18.91 0.27
N ASP B 120 -46.00 -19.99 -0.01
CA ASP B 120 -47.45 -20.13 0.28
C ASP B 120 -47.72 -20.92 1.58
N LYS B 121 -47.98 -20.21 2.68
CA LYS B 121 -48.41 -20.85 3.94
C LYS B 121 -48.90 -19.81 4.93
N SER B 125 -49.75 -17.16 1.48
CA SER B 125 -49.24 -16.47 0.29
C SER B 125 -48.31 -15.28 0.61
N TYR B 126 -47.04 -15.58 0.88
CA TYR B 126 -46.06 -14.56 1.27
C TYR B 126 -45.09 -14.16 0.14
N ARG B 127 -44.35 -13.07 0.38
CA ARG B 127 -43.22 -12.64 -0.45
C ARG B 127 -42.00 -12.51 0.47
N PHE B 128 -40.80 -12.85 0.00
CA PHE B 128 -39.60 -12.74 0.84
C PHE B 128 -38.33 -12.26 0.13
N MET B 129 -37.44 -11.63 0.92
CA MET B 129 -36.11 -11.20 0.48
C MET B 129 -35.01 -11.75 1.38
N ILE B 130 -33.97 -12.33 0.78
CA ILE B 130 -32.76 -12.71 1.51
C ILE B 130 -31.76 -11.54 1.45
N MET B 131 -31.35 -11.03 2.61
CA MET B 131 -30.37 -9.95 2.69
C MET B 131 -29.18 -10.28 3.60
N ASP B 132 -28.14 -9.44 3.53
CA ASP B 132 -27.00 -9.47 4.44
C ASP B 132 -27.45 -9.46 5.90
N ARG B 133 -26.80 -10.27 6.73
CA ARG B 133 -26.92 -10.15 8.17
C ARG B 133 -25.84 -9.19 8.67
N PHE B 134 -26.25 -8.21 9.46
CA PHE B 134 -25.35 -7.22 10.01
C PHE B 134 -25.18 -7.47 11.51
N GLY B 135 -24.46 -6.56 12.17
CA GLY B 135 -24.37 -6.56 13.62
C GLY B 135 -25.36 -5.53 14.15
N SER B 136 -24.95 -4.80 15.18
CA SER B 136 -25.85 -3.89 15.89
C SER B 136 -26.38 -2.73 15.04
N ASP B 137 -27.63 -2.33 15.30
CA ASP B 137 -28.15 -1.07 14.79
C ASP B 137 -27.62 0.06 15.67
N LEU B 138 -27.59 1.25 15.09
CA LEU B 138 -26.98 2.41 15.77
C LEU B 138 -27.84 3.02 16.87
N GLN B 139 -29.15 2.79 16.82
CA GLN B 139 -30.05 3.27 17.86
C GLN B 139 -29.69 2.64 19.22
N LYS B 140 -29.41 1.35 19.21
CA LYS B 140 -28.98 0.64 20.43
C LYS B 140 -27.68 1.23 20.96
N ILE B 141 -26.72 1.45 20.08
CA ILE B 141 -25.44 1.98 20.52
C ILE B 141 -25.63 3.38 21.07
N TYR B 142 -26.44 4.17 20.36
CA TYR B 142 -26.84 5.51 20.76
C TYR B 142 -27.44 5.49 22.17
N GLU B 143 -28.40 4.58 22.39
CA GLU B 143 -29.04 4.47 23.70
C GLU B 143 -28.05 4.07 24.79
N ALA B 144 -27.15 3.14 24.50
CA ALA B 144 -26.16 2.72 25.51
C ALA B 144 -25.14 3.83 25.83
N ASN B 145 -24.91 4.76 24.91
CA ASN B 145 -24.05 5.94 25.21
C ASN B 145 -24.84 7.16 25.75
N ALA B 146 -25.98 6.92 26.39
CA ALA B 146 -26.79 7.99 26.97
C ALA B 146 -27.26 9.00 25.93
N LYS B 147 -27.55 8.50 24.73
CA LYS B 147 -28.09 9.31 23.63
C LYS B 147 -27.17 10.44 23.14
N ARG B 148 -25.87 10.18 23.09
CA ARG B 148 -24.90 11.08 22.49
C ARG B 148 -23.92 10.31 21.63
N PHE B 149 -23.69 10.78 20.41
CA PHE B 149 -22.52 10.41 19.65
C PHE B 149 -21.57 11.59 19.64
N SER B 150 -20.26 11.30 19.69
CA SER B 150 -19.27 12.34 19.62
C SER B 150 -19.31 13.01 18.26
N ARG B 151 -18.71 14.19 18.19
CA ARG B 151 -18.63 14.95 16.97
C ARG B 151 -17.86 14.15 15.91
N LYS B 152 -16.70 13.62 16.29
CA LYS B 152 -15.94 12.71 15.43
C LYS B 152 -16.84 11.64 14.81
N THR B 153 -17.58 10.94 15.67
CA THR B 153 -18.45 9.85 15.26
C THR B 153 -19.53 10.32 14.29
N VAL B 154 -20.16 11.44 14.60
CA VAL B 154 -21.27 11.95 13.80
C VAL B 154 -20.77 12.34 12.43
N LEU B 155 -19.59 12.94 12.38
CA LEU B 155 -19.02 13.38 11.11
C LEU B 155 -18.62 12.18 10.26
N GLN B 156 -17.99 11.18 10.87
CA GLN B 156 -17.61 9.95 10.17
C GLN B 156 -18.84 9.18 9.70
N LEU B 157 -19.91 9.17 10.49
CA LEU B 157 -21.16 8.52 10.05
C LEU B 157 -21.73 9.23 8.84
N SER B 158 -21.75 10.56 8.88
CA SER B 158 -22.42 11.34 7.85
C SER B 158 -21.70 11.28 6.51
N LEU B 159 -20.37 11.29 6.54
CA LEU B 159 -19.58 11.08 5.31
C LEU B 159 -19.97 9.78 4.58
N ARG B 160 -20.13 8.69 5.34
CA ARG B 160 -20.45 7.41 4.72
C ARG B 160 -21.89 7.38 4.23
N ILE B 161 -22.76 8.06 4.97
CA ILE B 161 -24.14 8.19 4.54
C ILE B 161 -24.26 9.07 3.28
N LEU B 162 -23.43 10.10 3.18
CA LEU B 162 -23.38 10.86 1.93
C LEU B 162 -22.95 9.94 0.77
N ASP B 163 -22.01 9.03 1.00
CA ASP B 163 -21.66 8.07 -0.03
C ASP B 163 -22.87 7.27 -0.47
N ILE B 164 -23.62 6.74 0.49
CA ILE B 164 -24.76 5.89 0.17
C ILE B 164 -25.82 6.71 -0.55
N LEU B 165 -26.06 7.92 -0.08
CA LEU B 165 -27.09 8.75 -0.63
C LEU B 165 -26.79 9.15 -2.08
N GLU B 166 -25.57 9.61 -2.34
CA GLU B 166 -25.18 9.94 -3.70
C GLU B 166 -25.38 8.73 -4.63
N TYR B 167 -25.00 7.52 -4.17
CA TYR B 167 -25.23 6.31 -4.94
C TYR B 167 -26.70 6.11 -5.31
N ILE B 168 -27.59 6.17 -4.31
CA ILE B 168 -29.01 5.91 -4.62
C ILE B 168 -29.61 7.03 -5.46
N HIS B 169 -29.22 8.25 -5.18
CA HIS B 169 -29.71 9.39 -5.96
C HIS B 169 -29.36 9.28 -7.45
N GLU B 170 -28.15 8.82 -7.72
CA GLU B 170 -27.71 8.61 -9.10
C GLU B 170 -28.35 7.39 -9.76
N HIS B 171 -28.98 6.54 -8.95
CA HIS B 171 -29.69 5.38 -9.47
C HIS B 171 -31.20 5.58 -9.36
N GLU B 172 -31.60 6.84 -9.34
CA GLU B 172 -33.01 7.31 -9.47
C GLU B 172 -33.86 7.20 -8.21
N TYR B 173 -33.24 6.99 -7.07
CA TYR B 173 -33.97 6.74 -5.83
C TYR B 173 -33.57 7.67 -4.70
N VAL B 174 -34.52 7.93 -3.80
CA VAL B 174 -34.25 8.56 -2.51
C VAL B 174 -34.78 7.57 -1.45
N HIS B 175 -34.26 7.67 -0.23
CA HIS B 175 -34.58 6.76 0.86
C HIS B 175 -35.77 7.22 1.71
N GLY B 176 -35.78 8.50 2.10
CA GLY B 176 -36.92 9.10 2.79
C GLY B 176 -37.04 8.82 4.28
N ASP B 177 -36.15 7.99 4.83
CA ASP B 177 -36.27 7.58 6.21
C ASP B 177 -34.95 7.18 6.88
N ILE B 178 -33.96 8.02 6.69
CA ILE B 178 -32.68 7.87 7.36
C ILE B 178 -32.86 8.11 8.87
N LYS B 179 -32.33 7.20 9.67
CA LYS B 179 -32.30 7.33 11.13
C LYS B 179 -31.44 6.23 11.73
N ALA B 180 -31.07 6.40 12.99
CA ALA B 180 -30.14 5.48 13.65
C ALA B 180 -30.61 4.02 13.61
N SER B 181 -31.93 3.78 13.72
CA SER B 181 -32.46 2.41 13.69
C SER B 181 -32.52 1.80 12.29
N ASN B 182 -32.28 2.61 11.25
CA ASN B 182 -32.11 2.11 9.88
C ASN B 182 -30.63 2.08 9.46
N LEU B 183 -29.74 2.25 10.44
CA LEU B 183 -28.30 2.22 10.22
C LEU B 183 -27.72 1.07 10.99
N LEU B 184 -27.27 0.06 10.26
CA LEU B 184 -26.72 -1.17 10.84
C LEU B 184 -25.21 -1.29 10.57
N LEU B 185 -24.45 -1.71 11.59
CA LEU B 185 -23.00 -1.93 11.43
C LEU B 185 -22.73 -3.29 10.81
N ASN B 186 -21.73 -3.33 9.91
CA ASN B 186 -21.20 -4.58 9.35
C ASN B 186 -20.88 -5.59 10.47
N TYR B 187 -21.34 -6.83 10.30
CA TYR B 187 -21.08 -7.90 11.26
C TYR B 187 -19.59 -8.18 11.49
N LYS B 188 -18.76 -8.00 10.45
CA LYS B 188 -17.32 -8.27 10.51
C LYS B 188 -16.43 -7.01 10.69
N ASN B 189 -17.03 -5.83 10.62
CA ASN B 189 -16.27 -4.57 10.69
C ASN B 189 -17.11 -3.46 11.32
N PRO B 190 -16.83 -3.11 12.59
CA PRO B 190 -17.64 -2.07 13.27
C PRO B 190 -17.33 -0.60 12.87
N ASP B 191 -16.46 -0.40 11.88
CA ASP B 191 -16.26 0.92 11.28
C ASP B 191 -17.04 1.08 9.98
N GLN B 192 -17.81 0.06 9.60
CA GLN B 192 -18.63 0.13 8.38
C GLN B 192 -20.13 0.11 8.66
N VAL B 193 -20.82 1.18 8.25
CA VAL B 193 -22.24 1.36 8.52
C VAL B 193 -23.06 1.27 7.24
N TYR B 194 -24.16 0.52 7.31
CA TYR B 194 -25.04 0.29 6.17
C TYR B 194 -26.43 0.92 6.40
N LEU B 195 -26.99 1.52 5.34
CA LEU B 195 -28.35 2.04 5.35
C LEU B 195 -29.34 0.98 4.86
N VAL B 196 -30.28 0.60 5.72
CA VAL B 196 -31.22 -0.47 5.40
C VAL B 196 -32.65 0.03 5.38
N ASP B 197 -33.58 -0.85 5.01
CA ASP B 197 -35.02 -0.57 4.94
C ASP B 197 -35.38 0.47 3.88
N TYR B 198 -35.48 0.02 2.65
CA TYR B 198 -35.86 0.85 1.51
C TYR B 198 -37.37 0.79 1.29
N GLY B 199 -38.10 0.51 2.37
CA GLY B 199 -39.56 0.37 2.31
C GLY B 199 -40.32 1.64 1.95
N LEU B 200 -39.82 2.80 2.34
CA LEU B 200 -40.37 4.11 1.90
C LEU B 200 -39.57 4.68 0.73
N ALA B 201 -38.65 3.92 0.13
CA ALA B 201 -37.83 4.45 -0.94
C ALA B 201 -38.69 4.92 -2.10
N TYR B 202 -38.29 5.99 -2.76
CA TYR B 202 -39.08 6.54 -3.86
C TYR B 202 -38.21 6.74 -5.11
N ARG B 203 -38.74 6.31 -6.24
CA ARG B 203 -38.05 6.53 -7.49
C ARG B 203 -38.38 7.92 -8.03
N TYR B 204 -37.58 8.90 -7.62
CA TYR B 204 -37.85 10.32 -7.86
C TYR B 204 -37.52 10.78 -9.27
N CYS B 205 -36.78 9.96 -10.00
CA CYS B 205 -36.23 10.34 -11.29
C CYS B 205 -36.27 9.22 -12.33
N PRO B 206 -37.46 8.67 -12.64
CA PRO B 206 -37.55 7.61 -13.62
C PRO B 206 -37.02 8.02 -14.99
N GLU B 207 -35.99 7.29 -15.45
CA GLU B 207 -35.34 7.51 -16.75
C GLU B 207 -34.82 8.94 -16.93
N GLY B 208 -34.31 9.50 -15.84
CA GLY B 208 -33.73 10.84 -15.84
C GLY B 208 -34.73 11.98 -15.77
N VAL B 209 -36.02 11.67 -15.64
CA VAL B 209 -37.06 12.70 -15.62
C VAL B 209 -37.57 12.91 -14.20
N HIS B 210 -37.30 14.10 -13.65
CA HIS B 210 -37.61 14.38 -12.25
C HIS B 210 -39.12 14.57 -12.06
N LYS B 211 -39.64 13.92 -11.04
CA LYS B 211 -41.02 14.10 -10.58
C LYS B 211 -41.30 15.59 -10.30
N ALA B 212 -42.42 16.11 -10.80
CA ALA B 212 -42.77 17.53 -10.61
C ALA B 212 -43.24 17.76 -9.17
N TYR B 213 -42.96 18.95 -8.63
CA TYR B 213 -43.48 19.36 -7.31
C TYR B 213 -45.02 19.34 -7.30
N ALA B 214 -45.59 18.59 -6.38
CA ALA B 214 -47.04 18.54 -6.19
C ALA B 214 -47.31 18.15 -4.74
N ALA B 215 -48.26 18.81 -4.11
CA ALA B 215 -48.65 18.46 -2.75
C ALA B 215 -49.87 17.57 -2.80
N ASP B 216 -49.76 16.39 -2.20
CA ASP B 216 -50.82 15.39 -2.18
C ASP B 216 -51.29 15.17 -0.72
N PRO B 217 -52.58 15.41 -0.43
CA PRO B 217 -53.12 15.21 0.93
C PRO B 217 -52.82 13.84 1.53
N LYS B 218 -52.87 12.82 0.70
CA LYS B 218 -52.60 11.46 1.14
C LYS B 218 -51.18 11.24 1.63
N ARG B 219 -50.23 12.02 1.10
CA ARG B 219 -48.82 11.84 1.41
C ARG B 219 -48.34 12.60 2.62
N CYS B 220 -49.09 13.58 3.10
CA CYS B 220 -48.56 14.41 4.18
C CYS B 220 -48.01 13.57 5.34
N HIS B 221 -46.79 13.89 5.74
CA HIS B 221 -46.12 13.33 6.93
C HIS B 221 -45.64 11.88 6.73
N ASP B 222 -45.40 11.52 5.48
CA ASP B 222 -44.64 10.31 5.20
C ASP B 222 -43.30 10.41 5.90
N GLY B 223 -42.80 9.25 6.28
CA GLY B 223 -41.53 9.18 6.97
C GLY B 223 -41.69 9.08 8.47
N THR B 224 -40.58 9.27 9.17
CA THR B 224 -40.54 9.24 10.62
C THR B 224 -40.66 10.70 11.04
N ILE B 225 -41.75 10.99 11.76
CA ILE B 225 -42.22 12.36 11.97
C ILE B 225 -41.14 13.30 12.50
N GLU B 226 -40.33 12.86 13.47
CA GLU B 226 -39.26 13.73 14.01
C GLU B 226 -38.14 14.08 13.04
N PHE B 227 -37.84 13.19 12.09
CA PHE B 227 -36.70 13.39 11.18
C PHE B 227 -37.11 13.73 9.74
N THR B 228 -38.38 13.54 9.39
CA THR B 228 -38.80 13.65 7.99
C THR B 228 -38.69 15.07 7.48
N SER B 229 -38.75 15.22 6.16
CA SER B 229 -38.51 16.50 5.52
C SER B 229 -39.74 17.42 5.51
N ILE B 230 -39.49 18.71 5.45
CA ILE B 230 -40.57 19.66 5.19
C ILE B 230 -41.40 19.26 3.97
N ASP B 231 -40.74 18.92 2.87
CA ASP B 231 -41.45 18.44 1.67
C ASP B 231 -42.48 17.32 2.00
N ALA B 232 -42.04 16.36 2.81
CA ALA B 232 -42.87 15.23 3.16
C ALA B 232 -44.04 15.68 4.02
N HIS B 233 -43.77 16.52 5.01
CA HIS B 233 -44.85 17.14 5.80
C HIS B 233 -45.92 17.77 4.92
N ASN B 234 -45.48 18.41 3.84
CA ASN B 234 -46.38 19.09 2.91
C ASN B 234 -47.07 18.17 1.91
N GLY B 235 -46.76 16.88 1.92
CA GLY B 235 -47.43 15.94 1.00
C GLY B 235 -46.78 15.91 -0.38
N VAL B 236 -45.54 16.38 -0.44
CA VAL B 236 -44.77 16.33 -1.65
C VAL B 236 -43.92 15.08 -1.68
N ALA B 237 -43.82 14.46 -2.86
CA ALA B 237 -42.99 13.29 -3.05
C ALA B 237 -41.55 13.60 -2.69
N PRO B 238 -40.88 12.68 -1.98
CA PRO B 238 -39.53 12.99 -1.51
C PRO B 238 -38.53 13.13 -2.65
N SER B 239 -37.59 14.07 -2.51
CA SER B 239 -36.49 14.25 -3.49
C SER B 239 -35.15 14.34 -2.78
N ARG B 240 -34.10 14.75 -3.47
CA ARG B 240 -32.76 14.61 -2.91
C ARG B 240 -32.56 15.54 -1.74
N ARG B 241 -33.06 16.77 -1.83
CA ARG B 241 -32.87 17.70 -0.74
C ARG B 241 -33.50 17.16 0.52
N GLY B 242 -34.64 16.48 0.39
CA GLY B 242 -35.30 15.89 1.54
C GLY B 242 -34.42 14.88 2.26
N ASP B 243 -33.78 13.97 1.54
CA ASP B 243 -32.86 13.04 2.16
C ASP B 243 -31.76 13.75 2.94
N LEU B 244 -31.24 14.85 2.39
CA LEU B 244 -30.11 15.54 3.02
C LEU B 244 -30.59 16.30 4.28
N GLU B 245 -31.81 16.82 4.19
CA GLU B 245 -32.47 17.49 5.31
C GLU B 245 -32.64 16.52 6.49
N ILE B 246 -33.14 15.33 6.18
CA ILE B 246 -33.31 14.26 7.18
C ILE B 246 -32.00 13.92 7.90
N LEU B 247 -30.93 13.76 7.13
CA LEU B 247 -29.61 13.49 7.70
C LEU B 247 -29.19 14.65 8.60
N GLY B 248 -29.50 15.88 8.18
CA GLY B 248 -29.24 17.07 9.02
C GLY B 248 -29.89 16.99 10.41
N TYR B 249 -31.18 16.66 10.44
CA TYR B 249 -31.90 16.48 11.69
C TYR B 249 -31.32 15.34 12.52
N CYS B 250 -30.92 14.25 11.86
CA CYS B 250 -30.27 13.14 12.57
C CYS B 250 -28.96 13.58 13.22
N MET B 251 -28.18 14.39 12.50
CA MET B 251 -26.91 14.85 13.04
C MET B 251 -27.12 15.60 14.35
N ILE B 252 -28.07 16.54 14.36
CA ILE B 252 -28.35 17.34 15.57
C ILE B 252 -28.84 16.45 16.71
N GLN B 253 -29.78 15.56 16.40
CA GLN B 253 -30.26 14.57 17.39
C GLN B 253 -29.11 13.79 18.02
N TRP B 254 -28.17 13.35 17.18
CA TRP B 254 -27.04 12.54 17.67
C TRP B 254 -26.07 13.34 18.52
N LEU B 255 -25.77 14.57 18.09
CA LEU B 255 -24.87 15.44 18.83
C LEU B 255 -25.42 15.85 20.18
N THR B 256 -26.71 16.16 20.24
CA THR B 256 -27.28 16.87 21.38
C THR B 256 -28.25 16.07 22.25
N GLY B 257 -28.76 14.96 21.74
CA GLY B 257 -29.77 14.17 22.44
C GLY B 257 -31.21 14.61 22.19
N HIS B 258 -31.39 15.64 21.39
CA HIS B 258 -32.68 16.30 21.29
C HIS B 258 -32.95 16.98 19.95
N LEU B 259 -34.23 17.17 19.67
CA LEU B 259 -34.70 18.03 18.59
C LEU B 259 -35.81 18.93 19.16
N PRO B 260 -35.88 20.18 18.72
CA PRO B 260 -36.79 21.14 19.41
C PRO B 260 -38.31 20.78 19.41
N TRP B 261 -38.74 20.03 18.40
CA TRP B 261 -40.14 19.68 18.19
C TRP B 261 -40.49 18.31 18.80
N GLU B 262 -39.57 17.76 19.58
CA GLU B 262 -39.73 16.42 20.14
C GLU B 262 -40.76 16.35 21.25
N ASP B 263 -41.11 17.53 21.78
CA ASP B 263 -42.08 17.65 22.86
C ASP B 263 -43.53 17.45 22.39
N ASN B 264 -43.76 17.38 21.08
CA ASN B 264 -45.13 17.34 20.62
C ASN B 264 -45.22 16.72 19.23
N LEU B 265 -44.76 15.47 19.14
CA LEU B 265 -44.73 14.76 17.88
C LEU B 265 -46.08 14.21 17.53
N LYS B 266 -46.99 14.23 18.49
CA LYS B 266 -48.42 13.94 18.25
C LYS B 266 -49.17 15.03 17.46
N ASP B 267 -48.52 16.16 17.20
CA ASP B 267 -49.13 17.25 16.45
C ASP B 267 -48.30 17.50 15.19
N PRO B 268 -48.64 16.81 14.10
CA PRO B 268 -47.81 16.83 12.92
C PRO B 268 -47.67 18.22 12.26
N LYS B 269 -48.70 19.05 12.38
CA LYS B 269 -48.61 20.40 11.84
C LYS B 269 -47.64 21.27 12.62
N TYR B 270 -47.63 21.14 13.94
CA TYR B 270 -46.63 21.77 14.78
C TYR B 270 -45.20 21.38 14.40
N VAL B 271 -44.97 20.10 14.11
CA VAL B 271 -43.63 19.63 13.76
C VAL B 271 -43.19 20.24 12.42
N ARG B 272 -44.10 20.20 11.45
CA ARG B 272 -43.91 20.88 10.15
C ARG B 272 -43.60 22.37 10.35
N ASP B 273 -44.49 23.07 11.06
CA ASP B 273 -44.35 24.51 11.23
C ASP B 273 -43.06 24.86 11.97
N SER B 274 -42.67 24.00 12.91
CA SER B 274 -41.46 24.23 13.66
C SER B 274 -40.21 24.07 12.78
N LYS B 275 -40.17 23.01 11.96
CA LYS B 275 -39.07 22.85 11.02
C LYS B 275 -39.01 24.00 10.00
N ILE B 276 -40.18 24.50 9.58
CA ILE B 276 -40.21 25.61 8.63
C ILE B 276 -39.67 26.87 9.28
N ARG B 277 -40.07 27.15 10.52
N ARG B 277 -40.07 27.15 10.52
CA ARG B 277 -39.54 28.28 11.28
CA ARG B 277 -39.51 28.26 11.28
C ARG B 277 -38.02 28.16 11.52
C ARG B 277 -38.00 28.14 11.40
N TYR B 278 -37.51 26.94 11.69
CA TYR B 278 -36.06 26.75 11.91
C TYR B 278 -35.20 26.75 10.63
N ARG B 279 -35.82 26.51 9.49
CA ARG B 279 -35.16 26.63 8.18
C ARG B 279 -35.03 28.10 7.79
N GLU B 280 -36.10 28.87 8.01
CA GLU B 280 -36.07 30.32 7.80
C GLU B 280 -35.00 30.99 8.66
N ASN B 281 -34.73 30.45 9.86
CA ASN B 281 -33.79 31.03 10.81
C ASN B 281 -32.91 29.94 11.43
N ILE B 282 -31.83 29.62 10.72
CA ILE B 282 -30.91 28.56 11.12
C ILE B 282 -30.10 28.98 12.35
N ALA B 283 -29.74 30.25 12.44
CA ALA B 283 -29.12 30.78 13.66
C ALA B 283 -29.90 30.38 14.91
N SER B 284 -31.22 30.52 14.86
CA SER B 284 -32.05 30.23 16.02
C SER B 284 -32.14 28.72 16.29
N LEU B 285 -32.12 27.92 15.21
CA LEU B 285 -32.01 26.46 15.36
C LEU B 285 -30.72 26.06 16.08
N MET B 286 -29.60 26.66 15.66
CA MET B 286 -28.31 26.39 16.33
C MET B 286 -28.37 26.80 17.80
N ASP B 287 -28.93 27.97 18.08
CA ASP B 287 -29.03 28.44 19.46
C ASP B 287 -29.94 27.57 20.31
N LYS B 288 -31.05 27.16 19.74
CA LYS B 288 -31.98 26.26 20.39
C LYS B 288 -31.34 24.90 20.71
N CYS B 289 -30.67 24.31 19.72
CA CYS B 289 -30.13 22.94 19.86
C CYS B 289 -28.77 22.86 20.54
N PHE B 290 -28.03 23.97 20.55
CA PHE B 290 -26.70 24.00 21.17
C PHE B 290 -26.69 25.15 22.17
N PRO B 291 -27.53 25.06 23.21
CA PRO B 291 -27.63 26.20 24.09
C PRO B 291 -26.29 26.43 24.80
N ALA B 292 -26.02 27.68 25.08
CA ALA B 292 -24.86 28.06 25.84
C ALA B 292 -23.54 27.47 25.30
N ALA B 293 -23.42 27.36 23.99
CA ALA B 293 -22.15 26.93 23.37
C ALA B 293 -22.07 27.37 21.91
N ASN B 294 -20.90 27.19 21.32
CA ASN B 294 -20.79 27.25 19.87
C ASN B 294 -21.55 26.03 19.34
N ALA B 295 -22.47 26.27 18.42
CA ALA B 295 -22.89 25.21 17.57
C ALA B 295 -21.67 24.90 16.71
N PRO B 296 -21.40 23.63 16.45
CA PRO B 296 -20.34 23.29 15.49
C PRO B 296 -20.58 23.95 14.12
N GLY B 297 -19.58 24.71 13.66
CA GLY B 297 -19.70 25.48 12.42
C GLY B 297 -20.15 24.68 11.23
N GLU B 298 -19.66 23.44 11.11
CA GLU B 298 -19.98 22.58 9.97
C GLU B 298 -21.44 22.14 9.92
N ILE B 299 -22.07 22.03 11.08
CA ILE B 299 -23.49 21.67 11.10
C ILE B 299 -24.33 22.85 10.61
N ALA B 300 -23.95 24.07 10.98
CA ALA B 300 -24.68 25.23 10.48
C ALA B 300 -24.52 25.37 8.96
N LYS B 301 -23.32 25.14 8.45
CA LYS B 301 -23.08 25.28 7.00
C LYS B 301 -23.77 24.21 6.20
N TYR B 302 -23.78 23.00 6.74
CA TYR B 302 -24.55 21.93 6.16
C TYR B 302 -26.05 22.33 6.02
N MET B 303 -26.67 22.85 7.08
CA MET B 303 -28.09 23.24 7.03
C MET B 303 -28.34 24.42 6.08
N GLU B 304 -27.43 25.38 6.06
CA GLU B 304 -27.53 26.49 5.10
C GLU B 304 -27.47 25.97 3.66
N THR B 305 -26.60 25.01 3.42
CA THR B 305 -26.40 24.47 2.08
C THR B 305 -27.61 23.66 1.60
N VAL B 306 -28.18 22.86 2.49
CA VAL B 306 -29.43 22.13 2.23
C VAL B 306 -30.61 23.08 1.98
N LYS B 307 -30.67 24.18 2.75
CA LYS B 307 -31.69 25.20 2.52
C LYS B 307 -31.64 25.83 1.12
N LEU B 308 -30.45 25.93 0.52
CA LEU B 308 -30.31 26.49 -0.81
C LEU B 308 -30.83 25.56 -1.89
N LEU B 309 -30.99 24.28 -1.58
CA LEU B 309 -31.48 23.34 -2.59
C LEU B 309 -32.93 23.57 -2.99
N ASP B 310 -33.15 23.72 -4.28
CA ASP B 310 -34.49 23.58 -4.83
C ASP B 310 -34.93 22.10 -4.92
N TYR B 311 -36.24 21.91 -5.09
CA TYR B 311 -36.85 20.59 -5.06
C TYR B 311 -36.26 19.61 -6.07
N THR B 312 -36.08 20.09 -7.30
CA THR B 312 -35.46 19.27 -8.36
C THR B 312 -33.93 19.36 -8.43
N GLU B 313 -33.31 20.19 -7.58
CA GLU B 313 -31.87 20.47 -7.70
C GLU B 313 -30.95 19.30 -7.39
N LYS B 314 -29.97 19.08 -8.25
CA LYS B 314 -28.91 18.12 -7.95
C LYS B 314 -27.94 18.75 -6.92
N PRO B 315 -27.78 18.11 -5.75
CA PRO B 315 -26.75 18.56 -4.80
C PRO B 315 -25.33 18.51 -5.34
N LEU B 316 -24.51 19.45 -4.89
CA LEU B 316 -23.06 19.37 -5.02
C LEU B 316 -22.50 18.55 -3.85
N TYR B 317 -22.52 17.23 -4.05
CA TYR B 317 -22.10 16.28 -2.99
C TYR B 317 -20.67 16.52 -2.47
N GLU B 318 -19.75 16.91 -3.35
CA GLU B 318 -18.36 17.23 -2.93
C GLU B 318 -18.29 18.43 -1.98
N ASN B 319 -19.03 19.49 -2.28
CA ASN B 319 -19.13 20.66 -1.38
C ASN B 319 -19.62 20.24 0.03
N LEU B 320 -20.60 19.34 0.09
CA LEU B 320 -21.15 18.89 1.38
C LEU B 320 -20.17 18.06 2.18
N ARG B 321 -19.49 17.14 1.50
CA ARG B 321 -18.42 16.36 2.12
C ARG B 321 -17.35 17.28 2.65
N ASP B 322 -17.05 18.31 1.87
CA ASP B 322 -16.02 19.26 2.21
C ASP B 322 -16.33 20.05 3.47
N ILE B 323 -17.60 20.45 3.61
CA ILE B 323 -18.09 21.07 4.84
C ILE B 323 -17.83 20.16 6.06
N LEU B 324 -18.20 18.89 5.93
CA LEU B 324 -18.00 17.94 7.02
C LEU B 324 -16.52 17.67 7.30
N LEU B 325 -15.69 17.61 6.25
CA LEU B 325 -14.26 17.43 6.42
C LEU B 325 -13.62 18.62 7.13
N GLN B 326 -14.10 19.84 6.85
CA GLN B 326 -13.63 21.02 7.59
C GLN B 326 -13.90 20.87 9.10
N GLY B 327 -15.03 20.26 9.45
CA GLY B 327 -15.36 19.91 10.82
C GLY B 327 -14.34 19.01 11.50
N LEU B 328 -13.90 17.96 10.79
CA LEU B 328 -12.85 17.04 11.26
C LEU B 328 -11.53 17.74 11.47
N LYS B 329 -11.15 18.60 10.52
CA LYS B 329 -9.93 19.39 10.64
C LYS B 329 -9.97 20.28 11.89
N ALA B 330 -11.13 20.89 12.15
CA ALA B 330 -11.33 21.78 13.31
C ALA B 330 -11.10 21.10 14.66
N ILE B 331 -11.44 19.81 14.74
CA ILE B 331 -11.26 19.04 15.97
C ILE B 331 -9.98 18.23 16.00
N GLY B 332 -9.02 18.56 15.14
CA GLY B 332 -7.71 17.89 15.15
C GLY B 332 -7.67 16.48 14.57
N SER B 333 -8.61 16.17 13.68
CA SER B 333 -8.71 14.83 13.13
C SER B 333 -8.78 14.86 11.60
N LYS B 334 -9.23 13.74 11.01
CA LYS B 334 -9.34 13.58 9.56
C LYS B 334 -10.20 12.36 9.24
N ASP B 335 -10.62 12.24 7.98
CA ASP B 335 -11.42 11.09 7.56
C ASP B 335 -10.57 9.81 7.46
N ASP B 336 -10.39 9.15 8.61
CA ASP B 336 -9.66 7.89 8.69
C ASP B 336 -10.60 6.67 8.80
N GLY B 337 -11.87 6.88 8.46
CA GLY B 337 -12.89 5.83 8.50
C GLY B 337 -13.25 5.26 9.88
N LYS B 338 -12.69 5.83 10.94
CA LYS B 338 -12.94 5.34 12.31
C LYS B 338 -14.22 5.92 12.87
N LEU B 339 -15.21 5.07 13.13
CA LEU B 339 -16.51 5.53 13.61
C LEU B 339 -16.44 5.88 15.09
N ASP B 340 -15.43 5.36 15.76
CA ASP B 340 -15.21 5.67 17.16
C ASP B 340 -16.31 5.25 18.12
N LEU B 341 -16.98 4.17 17.78
CA LEU B 341 -18.02 3.60 18.64
C LEU B 341 -17.35 2.52 19.51
N ALA C 20 29.03 19.38 46.34
CA ALA C 20 29.55 19.80 47.66
C ALA C 20 29.10 21.22 48.00
N GLU C 21 29.58 22.19 47.22
CA GLU C 21 29.50 23.62 47.56
C GLU C 21 28.41 24.43 46.85
N GLN C 22 27.88 23.94 45.74
CA GLN C 22 26.97 24.72 44.89
C GLN C 22 25.82 25.39 45.63
N PHE C 23 25.12 24.58 46.43
CA PHE C 23 23.97 25.04 47.20
C PHE C 23 24.23 24.82 48.68
N ALA C 24 23.62 25.67 49.50
CA ALA C 24 23.58 25.45 50.93
C ALA C 24 22.34 24.61 51.26
N VAL C 25 22.43 23.80 52.31
CA VAL C 25 21.30 23.01 52.81
C VAL C 25 20.20 23.93 53.38
N GLY C 26 19.01 23.84 52.81
CA GLY C 26 17.92 24.77 53.13
C GLY C 26 17.75 25.92 52.15
N GLU C 27 18.71 26.11 51.24
CA GLU C 27 18.61 27.17 50.23
C GLU C 27 17.40 26.93 49.31
N ILE C 28 16.76 28.03 48.92
CA ILE C 28 15.63 27.97 48.03
C ILE C 28 16.10 28.41 46.67
N ILE C 29 15.79 27.62 45.67
CA ILE C 29 16.17 27.93 44.30
C ILE C 29 14.91 27.99 43.47
N THR C 30 14.91 28.84 42.46
CA THR C 30 13.78 28.91 41.57
C THR C 30 14.24 28.59 40.16
N ASP C 31 13.44 27.80 39.47
CA ASP C 31 13.82 27.31 38.16
C ASP C 31 13.33 28.28 37.08
N MET C 32 13.58 27.91 35.83
CA MET C 32 13.22 28.74 34.67
C MET C 32 11.76 29.14 34.61
N ALA C 33 10.87 28.23 34.99
CA ALA C 33 9.44 28.46 34.94
C ALA C 33 8.97 29.12 36.24
N ALA C 34 9.92 29.49 37.08
CA ALA C 34 9.68 30.20 38.32
C ALA C 34 9.10 29.31 39.43
N ALA C 35 9.20 27.99 39.29
CA ALA C 35 8.84 27.07 40.35
C ALA C 35 9.93 27.09 41.44
N ALA C 36 9.49 27.16 42.71
CA ALA C 36 10.39 27.19 43.86
C ALA C 36 10.70 25.80 44.40
N TRP C 37 11.98 25.57 44.73
CA TRP C 37 12.44 24.29 45.27
C TRP C 37 13.34 24.55 46.44
N LYS C 38 13.41 23.59 47.35
CA LYS C 38 14.31 23.69 48.46
C LYS C 38 15.34 22.59 48.37
N VAL C 39 16.56 22.91 48.73
CA VAL C 39 17.69 21.98 48.63
C VAL C 39 17.97 21.34 49.98
N GLY C 40 18.09 20.01 49.98
CA GLY C 40 18.49 19.24 51.17
C GLY C 40 19.96 18.83 51.14
N LEU C 41 20.26 17.64 51.69
CA LEU C 41 21.64 17.18 51.81
C LEU C 41 22.25 16.81 50.47
N PRO C 42 23.55 17.06 50.30
CA PRO C 42 24.25 16.46 49.18
C PRO C 42 24.38 14.95 49.36
N ILE C 43 24.23 14.20 48.30
CA ILE C 43 24.41 12.75 48.34
C ILE C 43 25.39 12.29 47.27
N GLY C 44 26.25 13.21 46.81
CA GLY C 44 27.17 12.91 45.70
C GLY C 44 27.96 14.11 45.16
N GLN C 45 29.23 13.90 44.84
CA GLN C 45 30.06 14.98 44.31
C GLN C 45 30.96 14.51 43.17
N PHE C 48 33.56 18.21 39.65
CA PHE C 48 33.11 19.44 39.00
C PHE C 48 31.62 19.74 39.31
N GLY C 49 30.79 18.68 39.32
CA GLY C 49 29.36 18.77 39.64
C GLY C 49 28.91 18.00 40.88
N CYS C 50 27.62 18.11 41.23
CA CYS C 50 27.04 17.42 42.40
C CYS C 50 25.57 16.97 42.24
N ILE C 51 25.07 16.26 43.25
CA ILE C 51 23.64 15.92 43.37
C ILE C 51 23.21 16.21 44.81
N TYR C 52 22.03 16.81 44.96
CA TYR C 52 21.45 17.07 46.28
C TYR C 52 20.04 16.48 46.32
N LEU C 53 19.57 16.18 47.52
CA LEU C 53 18.15 15.94 47.74
C LEU C 53 17.40 17.26 47.61
N ALA C 54 16.14 17.16 47.21
CA ALA C 54 15.31 18.36 47.05
C ALA C 54 13.82 18.05 47.16
N ASP C 55 13.07 19.10 47.47
CA ASP C 55 11.62 19.02 47.49
C ASP C 55 11.09 20.40 47.09
N MET C 56 9.77 20.48 46.93
CA MET C 56 9.08 21.75 46.77
C MET C 56 9.47 22.65 47.91
N ASN C 57 9.46 23.96 47.65
CA ASN C 57 9.69 24.93 48.70
C ASN C 57 8.58 24.85 49.74
N SER C 58 8.99 24.95 51.00
CA SER C 58 8.07 24.97 52.16
C SER C 58 8.85 25.35 53.40
N SER C 59 8.13 25.54 54.51
CA SER C 59 8.75 25.88 55.79
C SER C 59 9.52 24.69 56.40
N GLU C 60 9.07 23.47 56.12
CA GLU C 60 9.78 22.25 56.55
C GLU C 60 11.05 22.07 55.72
N SER C 61 12.11 21.57 56.36
CA SER C 61 13.37 21.32 55.68
C SER C 61 13.26 20.00 54.93
N VAL C 62 14.07 19.85 53.89
CA VAL C 62 14.02 18.66 53.07
C VAL C 62 14.57 17.48 53.85
N GLY C 63 13.77 16.43 53.99
CA GLY C 63 14.17 15.25 54.73
C GLY C 63 15.02 14.34 53.87
N SER C 64 15.60 13.32 54.50
CA SER C 64 16.31 12.28 53.79
C SER C 64 15.35 11.37 53.00
N ASP C 65 14.03 11.53 53.20
CA ASP C 65 13.05 10.91 52.31
C ASP C 65 12.54 11.87 51.19
N ALA C 66 13.35 12.83 50.80
CA ALA C 66 12.99 13.77 49.73
C ALA C 66 12.62 13.02 48.45
N PRO C 67 11.59 13.51 47.74
CA PRO C 67 11.12 12.88 46.49
C PRO C 67 11.90 13.25 45.22
N CYS C 68 12.87 14.16 45.32
CA CYS C 68 13.58 14.70 44.17
C CYS C 68 15.05 14.87 44.45
N VAL C 69 15.81 14.95 43.37
CA VAL C 69 17.18 15.40 43.43
C VAL C 69 17.37 16.57 42.49
N VAL C 70 18.34 17.41 42.81
CA VAL C 70 18.80 18.44 41.92
C VAL C 70 20.25 18.10 41.53
N LYS C 71 20.47 17.87 40.23
CA LYS C 71 21.81 17.65 39.69
C LYS C 71 22.34 18.97 39.20
N VAL C 72 23.63 19.22 39.46
CA VAL C 72 24.33 20.43 39.07
C VAL C 72 25.63 20.07 38.34
N GLU C 73 25.85 20.64 37.15
CA GLU C 73 27.14 20.56 36.47
C GLU C 73 27.50 21.91 35.91
N PRO C 74 28.78 22.11 35.55
CA PRO C 74 29.07 23.34 34.82
C PRO C 74 28.20 23.44 33.54
N SER C 75 27.90 24.67 33.12
CA SER C 75 27.09 24.93 31.93
C SER C 75 27.68 24.34 30.64
N ASP C 76 29.01 24.20 30.59
CA ASP C 76 29.68 23.67 29.41
C ASP C 76 29.69 22.12 29.35
N ASN C 77 29.19 21.47 30.40
CA ASN C 77 29.13 20.02 30.44
C ASN C 77 28.12 19.47 29.43
N GLY C 78 28.62 18.77 28.41
CA GLY C 78 27.79 18.29 27.32
C GLY C 78 26.71 17.30 27.71
N PRO C 79 27.06 16.28 28.52
CA PRO C 79 26.09 15.25 28.91
C PRO C 79 24.89 15.71 29.77
N LEU C 80 25.05 16.73 30.62
CA LEU C 80 23.87 17.24 31.35
C LEU C 80 22.96 17.98 30.38
N PHE C 81 23.54 18.66 29.40
CA PHE C 81 22.69 19.28 28.38
C PHE C 81 21.92 18.23 27.58
N THR C 82 22.61 17.18 27.13
CA THR C 82 21.98 16.12 26.37
C THR C 82 20.88 15.48 27.20
N GLU C 83 21.19 15.15 28.45
CA GLU C 83 20.19 14.54 29.34
C GLU C 83 18.99 15.49 29.60
N LEU C 84 19.29 16.76 29.85
CA LEU C 84 18.24 17.76 30.06
C LEU C 84 17.26 17.82 28.90
N LYS C 85 17.79 17.86 27.69
CA LYS C 85 16.96 17.91 26.49
C LYS C 85 16.07 16.69 26.34
N PHE C 86 16.60 15.52 26.66
CA PHE C 86 15.79 14.32 26.61
C PHE C 86 14.65 14.44 27.64
N TYR C 87 14.96 14.88 28.86
CA TYR C 87 13.94 15.04 29.90
C TYR C 87 12.87 16.11 29.53
N GLN C 88 13.31 17.25 29.01
CA GLN C 88 12.37 18.28 28.57
C GLN C 88 11.43 17.77 27.47
N ARG C 89 11.92 16.88 26.61
CA ARG C 89 11.19 16.45 25.42
C ARG C 89 10.26 15.25 25.67
N ALA C 90 10.72 14.32 26.52
CA ALA C 90 10.09 13.03 26.69
C ALA C 90 9.60 12.71 28.10
N ALA C 91 10.00 13.49 29.10
CA ALA C 91 9.71 13.16 30.49
C ALA C 91 8.89 14.20 31.22
N LYS C 92 8.05 14.92 30.49
CA LYS C 92 7.16 15.88 31.14
C LYS C 92 6.14 15.05 31.92
N PRO C 93 5.83 15.46 33.16
CA PRO C 93 4.98 14.68 34.04
C PRO C 93 3.64 14.31 33.44
N GLU C 94 2.97 15.29 32.84
CA GLU C 94 1.64 15.08 32.26
C GLU C 94 1.76 14.11 31.11
N GLN C 95 2.81 14.28 30.31
CA GLN C 95 3.13 13.46 29.15
C GLN C 95 3.29 11.97 29.52
N ILE C 96 4.08 11.68 30.55
CA ILE C 96 4.23 10.32 31.10
C ILE C 96 2.88 9.76 31.64
N GLN C 97 2.11 10.61 32.34
CA GLN C 97 0.87 10.15 32.97
C GLN C 97 -0.14 9.80 31.92
N LYS C 98 -0.20 10.61 30.88
CA LYS C 98 -1.08 10.33 29.74
C LYS C 98 -0.76 8.98 29.07
N TRP C 99 0.53 8.69 28.92
CA TRP C 99 0.96 7.44 28.32
C TRP C 99 0.57 6.29 29.22
N ILE C 100 0.82 6.42 30.53
CA ILE C 100 0.40 5.42 31.50
C ILE C 100 -1.10 5.12 31.41
N ARG C 101 -1.93 6.16 31.32
N ARG C 101 -1.89 6.18 31.33
CA ARG C 101 -3.37 5.93 31.22
CA ARG C 101 -3.35 6.09 31.21
C ARG C 101 -3.74 5.32 29.89
C ARG C 101 -3.74 5.38 29.92
N THR C 102 -3.23 5.85 28.79
CA THR C 102 -3.68 5.40 27.47
C THR C 102 -3.23 3.98 27.12
N ARG C 103 -2.02 3.59 27.53
CA ARG C 103 -1.52 2.24 27.28
CA ARG C 103 -1.51 2.24 27.30
C ARG C 103 -1.86 1.30 28.46
N LYS C 104 -2.65 1.79 29.42
CA LYS C 104 -3.11 1.01 30.55
C LYS C 104 -1.99 0.30 31.30
N LEU C 105 -0.98 1.07 31.70
CA LEU C 105 0.12 0.54 32.46
C LEU C 105 -0.15 0.82 33.91
N LYS C 106 0.54 0.11 34.79
CA LYS C 106 0.50 0.41 36.22
C LYS C 106 1.39 1.58 36.53
N TYR C 107 2.53 1.66 35.83
CA TYR C 107 3.47 2.76 35.99
C TYR C 107 4.36 2.76 34.74
N LEU C 108 5.24 3.74 34.61
CA LEU C 108 6.22 3.75 33.55
C LEU C 108 7.56 4.16 34.14
N GLY C 109 8.58 3.34 33.95
CA GLY C 109 9.89 3.59 34.54
C GLY C 109 10.78 4.64 33.88
N VAL C 110 10.19 5.73 33.41
CA VAL C 110 10.96 6.86 32.95
C VAL C 110 10.89 7.89 34.07
N PRO C 111 12.04 8.38 34.56
CA PRO C 111 11.97 9.42 35.58
C PRO C 111 11.31 10.69 35.09
N LYS C 112 10.61 11.37 36.00
CA LYS C 112 9.96 12.64 35.70
C LYS C 112 10.91 13.82 35.78
N TYR C 113 10.75 14.75 34.83
CA TYR C 113 11.46 16.03 34.78
C TYR C 113 10.65 17.10 35.48
N TRP C 114 11.24 17.78 36.45
CA TRP C 114 10.53 18.80 37.21
C TRP C 114 10.94 20.24 36.96
N GLY C 115 12.12 20.47 36.40
CA GLY C 115 12.57 21.83 36.17
C GLY C 115 14.06 21.93 35.95
N SER C 116 14.49 23.07 35.45
CA SER C 116 15.90 23.36 35.27
C SER C 116 16.16 24.86 35.25
N GLY C 117 17.42 25.21 35.39
CA GLY C 117 17.85 26.59 35.27
C GLY C 117 19.37 26.73 35.17
N LEU C 118 19.84 27.95 35.41
CA LEU C 118 21.24 28.28 35.47
C LEU C 118 21.52 28.87 36.84
N HIS C 119 22.75 28.75 37.31
CA HIS C 119 23.11 29.18 38.66
C HIS C 119 24.58 29.56 38.66
N ASP C 120 24.89 30.77 39.11
CA ASP C 120 26.28 31.22 39.25
C ASP C 120 26.81 31.02 40.66
N LYS C 121 28.08 30.63 40.75
CA LYS C 121 28.74 30.32 42.01
C LYS C 121 30.24 30.45 41.82
N ASN C 122 30.88 31.26 42.66
CA ASN C 122 32.32 31.52 42.59
C ASN C 122 32.73 32.10 41.24
N GLY C 123 31.84 32.85 40.61
CA GLY C 123 32.12 33.41 39.28
C GLY C 123 32.09 32.46 38.08
N LYS C 124 31.65 31.20 38.26
CA LYS C 124 31.43 30.27 37.14
C LYS C 124 29.94 29.99 36.92
N SER C 125 29.55 29.69 35.68
CA SER C 125 28.14 29.39 35.34
C SER C 125 27.84 27.90 35.47
N TYR C 126 26.74 27.57 36.14
CA TYR C 126 26.32 26.18 36.31
C TYR C 126 24.92 25.99 35.76
N ARG C 127 24.61 24.74 35.43
CA ARG C 127 23.30 24.35 34.98
C ARG C 127 22.74 23.38 36.04
N PHE C 128 21.44 23.48 36.34
CA PHE C 128 20.82 22.54 37.26
C PHE C 128 19.55 21.96 36.69
N MET C 129 19.16 20.80 37.19
CA MET C 129 18.00 20.05 36.74
C MET C 129 17.39 19.33 37.93
N ILE C 130 16.08 19.44 38.09
CA ILE C 130 15.35 18.71 39.13
C ILE C 130 14.68 17.50 38.50
N MET C 131 14.89 16.34 39.11
CA MET C 131 14.23 15.10 38.67
C MET C 131 13.85 14.22 39.86
N ASP C 132 13.12 13.14 39.58
CA ASP C 132 12.75 12.14 40.59
C ASP C 132 13.96 11.58 41.33
N ARG C 133 13.79 11.36 42.64
CA ARG C 133 14.72 10.61 43.47
C ARG C 133 14.34 9.10 43.47
N PHE C 134 15.36 8.25 43.56
CA PHE C 134 15.13 6.81 43.55
C PHE C 134 15.84 6.12 44.71
N GLY C 135 15.58 4.81 44.86
CA GLY C 135 16.23 4.00 45.89
C GLY C 135 17.48 3.31 45.36
N SER C 136 17.63 2.05 45.73
CA SER C 136 18.79 1.24 45.32
C SER C 136 18.82 1.00 43.83
N ASP C 137 20.02 0.94 43.28
CA ASP C 137 20.22 0.41 41.94
C ASP C 137 20.21 -1.14 41.98
N LEU C 138 19.98 -1.76 40.83
CA LEU C 138 19.87 -3.21 40.72
C LEU C 138 21.17 -3.96 40.83
N GLN C 139 22.27 -3.32 40.44
CA GLN C 139 23.58 -3.93 40.49
C GLN C 139 23.92 -4.29 41.91
N LYS C 140 23.68 -3.37 42.86
CA LYS C 140 23.91 -3.65 44.28
C LYS C 140 23.06 -4.85 44.76
N ILE C 141 21.79 -4.91 44.36
CA ILE C 141 20.91 -6.01 44.75
C ILE C 141 21.33 -7.31 44.10
N TYR C 142 21.80 -7.21 42.86
CA TYR C 142 22.32 -8.34 42.12
C TYR C 142 23.54 -8.94 42.85
N GLU C 143 24.46 -8.08 43.29
CA GLU C 143 25.68 -8.54 43.97
C GLU C 143 25.36 -9.12 45.34
N ALA C 144 24.35 -8.53 46.01
CA ALA C 144 23.85 -9.04 47.29
C ALA C 144 23.25 -10.46 47.18
N ASN C 145 22.79 -10.84 45.99
N ASN C 145 22.78 -10.84 46.00
CA ASN C 145 22.20 -12.15 45.77
CA ASN C 145 22.20 -12.17 45.78
C ASN C 145 23.14 -13.08 44.99
C ASN C 145 23.15 -13.10 45.02
N ALA C 146 24.45 -12.97 45.26
CA ALA C 146 25.48 -13.82 44.59
C ALA C 146 25.41 -13.83 43.07
N LYS C 147 25.09 -12.67 42.48
CA LYS C 147 25.02 -12.46 41.04
C LYS C 147 24.08 -13.39 40.27
N ARG C 148 22.90 -13.63 40.84
CA ARG C 148 21.80 -14.29 40.14
C ARG C 148 20.50 -13.57 40.45
N PHE C 149 19.68 -13.36 39.43
CA PHE C 149 18.28 -13.11 39.64
C PHE C 149 17.58 -14.35 39.12
N SER C 150 16.45 -14.67 39.75
CA SER C 150 15.60 -15.75 39.31
C SER C 150 14.98 -15.44 37.95
N ARG C 151 14.40 -16.48 37.35
CA ARG C 151 13.71 -16.35 36.07
C ARG C 151 12.51 -15.42 36.21
N LYS C 152 11.76 -15.65 37.27
CA LYS C 152 10.66 -14.79 37.65
C LYS C 152 11.10 -13.33 37.67
N THR C 153 12.15 -13.04 38.41
CA THR C 153 12.65 -11.67 38.54
C THR C 153 13.12 -11.06 37.20
N VAL C 154 13.74 -11.88 36.37
CA VAL C 154 14.29 -11.41 35.12
C VAL C 154 13.19 -11.10 34.15
N LEU C 155 12.23 -12.01 34.01
CA LEU C 155 11.13 -11.78 33.09
C LEU C 155 10.34 -10.51 33.48
N GLN C 156 10.08 -10.32 34.78
CA GLN C 156 9.32 -9.17 35.27
C GLN C 156 10.08 -7.85 35.10
N LEU C 157 11.38 -7.85 35.36
CA LEU C 157 12.21 -6.68 35.06
C LEU C 157 12.11 -6.33 33.59
N SER C 158 12.23 -7.34 32.74
CA SER C 158 12.38 -7.12 31.31
C SER C 158 11.09 -6.63 30.65
N LEU C 159 9.95 -7.11 31.12
CA LEU C 159 8.68 -6.61 30.63
C LEU C 159 8.57 -5.10 30.82
N ARG C 160 9.02 -4.63 31.98
CA ARG C 160 8.93 -3.21 32.34
C ARG C 160 9.98 -2.41 31.61
N ILE C 161 11.13 -3.02 31.37
CA ILE C 161 12.15 -2.33 30.59
C ILE C 161 11.66 -2.21 29.14
N LEU C 162 10.93 -3.20 28.65
CA LEU C 162 10.35 -3.12 27.35
C LEU C 162 9.31 -1.99 27.25
N ASP C 163 8.49 -1.81 28.29
CA ASP C 163 7.58 -0.65 28.37
C ASP C 163 8.37 0.68 28.25
N ILE C 164 9.49 0.75 28.96
CA ILE C 164 10.36 1.93 28.94
C ILE C 164 10.98 2.17 27.56
N LEU C 165 11.59 1.14 26.98
CA LEU C 165 12.23 1.28 25.67
C LEU C 165 11.19 1.67 24.61
N GLU C 166 10.01 1.06 24.67
CA GLU C 166 8.95 1.45 23.75
C GLU C 166 8.69 2.96 23.85
N TYR C 167 8.56 3.46 25.08
CA TYR C 167 8.28 4.86 25.32
C TYR C 167 9.36 5.78 24.75
N ILE C 168 10.60 5.59 25.17
CA ILE C 168 11.64 6.49 24.74
C ILE C 168 11.85 6.41 23.22
N HIS C 169 11.78 5.20 22.66
CA HIS C 169 11.91 4.99 21.21
C HIS C 169 10.83 5.73 20.47
N GLU C 170 9.61 5.72 21.02
CA GLU C 170 8.50 6.42 20.40
C GLU C 170 8.62 7.93 20.55
N HIS C 171 9.48 8.38 21.47
CA HIS C 171 9.82 9.78 21.59
C HIS C 171 11.20 10.10 21.05
N GLU C 172 11.65 9.30 20.07
CA GLU C 172 12.81 9.62 19.22
C GLU C 172 14.18 9.32 19.82
N TYR C 173 14.23 8.66 20.96
CA TYR C 173 15.48 8.42 21.65
C TYR C 173 15.78 6.94 21.85
N VAL C 174 17.08 6.61 21.88
CA VAL C 174 17.53 5.30 22.35
C VAL C 174 18.49 5.55 23.49
N HIS C 175 18.57 4.60 24.42
CA HIS C 175 19.37 4.76 25.62
C HIS C 175 20.81 4.33 25.39
N GLY C 176 20.98 3.16 24.77
CA GLY C 176 22.31 2.65 24.39
C GLY C 176 23.19 2.11 25.52
N ASP C 177 22.64 2.01 26.73
CA ASP C 177 23.45 1.58 27.87
C ASP C 177 22.63 1.06 29.02
N ILE C 178 21.73 0.14 28.71
CA ILE C 178 20.90 -0.48 29.69
C ILE C 178 21.75 -1.50 30.45
N LYS C 179 21.65 -1.43 31.76
CA LYS C 179 22.36 -2.32 32.67
C LYS C 179 21.90 -2.07 34.11
N ALA C 180 22.23 -2.99 34.99
CA ALA C 180 21.69 -2.98 36.36
C ALA C 180 22.07 -1.72 37.16
N SER C 181 23.23 -1.13 36.87
CA SER C 181 23.66 0.06 37.61
C SER C 181 22.88 1.33 37.15
N ASN C 182 22.18 1.20 36.02
CA ASN C 182 21.32 2.27 35.50
C ASN C 182 19.84 1.92 35.68
N LEU C 183 19.55 0.93 36.50
CA LEU C 183 18.18 0.59 36.80
C LEU C 183 17.99 0.79 38.30
N LEU C 184 17.10 1.71 38.66
CA LEU C 184 16.90 2.11 40.05
C LEU C 184 15.49 1.84 40.46
N LEU C 185 15.31 1.45 41.73
CA LEU C 185 14.00 1.17 42.26
C LEU C 185 13.31 2.44 42.75
N ASN C 186 12.00 2.52 42.53
CA ASN C 186 11.15 3.51 43.20
C ASN C 186 11.49 3.52 44.70
N TYR C 187 11.78 4.68 45.27
CA TYR C 187 12.26 4.68 46.66
C TYR C 187 11.17 4.31 47.67
N LYS C 188 9.89 4.38 47.29
CA LYS C 188 8.77 3.96 48.16
C LYS C 188 8.09 2.64 47.71
N ASN C 189 8.58 2.01 46.64
CA ASN C 189 7.94 0.84 46.03
C ASN C 189 8.99 -0.04 45.34
N PRO C 190 9.38 -1.16 45.97
CA PRO C 190 10.45 -2.00 45.38
C PRO C 190 10.07 -2.86 44.17
N ASP C 191 8.82 -2.80 43.71
CA ASP C 191 8.37 -3.49 42.50
C ASP C 191 8.38 -2.64 41.24
N GLN C 192 8.86 -1.39 41.36
CA GLN C 192 8.89 -0.48 40.22
C GLN C 192 10.33 -0.09 39.92
N VAL C 193 10.77 -0.45 38.73
CA VAL C 193 12.16 -0.19 38.33
C VAL C 193 12.16 0.87 37.24
N TYR C 194 13.13 1.77 37.34
CA TYR C 194 13.26 2.90 36.42
C TYR C 194 14.61 2.89 35.70
N LEU C 195 14.62 3.29 34.43
CA LEU C 195 15.86 3.45 33.65
C LEU C 195 16.36 4.88 33.75
N VAL C 196 17.63 5.06 34.15
CA VAL C 196 18.22 6.38 34.30
C VAL C 196 19.49 6.57 33.45
N ASP C 197 20.02 7.80 33.50
CA ASP C 197 21.23 8.23 32.80
C ASP C 197 21.01 8.33 31.30
N TYR C 198 20.69 9.54 30.84
CA TYR C 198 20.44 9.83 29.43
C TYR C 198 21.46 10.86 28.93
N GLY C 199 22.57 11.01 29.66
CA GLY C 199 23.64 11.94 29.27
C GLY C 199 24.30 11.61 27.95
N LEU C 200 24.31 10.34 27.58
CA LEU C 200 24.78 9.90 26.28
C LEU C 200 23.67 9.20 25.50
N ALA C 201 22.41 9.51 25.81
CA ALA C 201 21.30 9.03 25.00
C ALA C 201 21.44 9.61 23.57
N TYR C 202 20.71 9.03 22.63
CA TYR C 202 20.86 9.42 21.25
C TYR C 202 19.50 9.56 20.62
N ARG C 203 19.31 10.71 20.01
CA ARG C 203 18.11 11.01 19.26
C ARG C 203 18.24 10.43 17.85
N TYR C 204 17.84 9.18 17.72
CA TYR C 204 17.99 8.38 16.49
C TYR C 204 16.94 8.72 15.42
N CYS C 205 15.88 9.42 15.82
CA CYS C 205 14.79 9.69 14.89
C CYS C 205 14.17 11.10 14.98
N PRO C 206 14.99 12.15 14.85
CA PRO C 206 14.48 13.52 14.97
C PRO C 206 13.40 13.85 13.92
N GLU C 207 12.23 14.26 14.39
CA GLU C 207 11.08 14.61 13.54
C GLU C 207 10.64 13.44 12.68
N GLY C 208 10.75 12.23 13.24
CA GLY C 208 10.39 11.02 12.54
C GLY C 208 11.27 10.59 11.38
N VAL C 209 12.45 11.19 11.25
CA VAL C 209 13.43 10.87 10.20
C VAL C 209 14.58 10.03 10.81
N HIS C 210 14.68 8.77 10.41
CA HIS C 210 15.68 7.87 10.98
C HIS C 210 17.11 8.17 10.48
N LYS C 211 18.05 8.14 11.41
CA LYS C 211 19.45 8.34 11.11
C LYS C 211 19.92 7.17 10.25
N ALA C 212 20.83 7.46 9.33
CA ALA C 212 21.36 6.45 8.42
C ALA C 212 22.33 5.51 9.13
N TYR C 213 22.57 4.35 8.53
CA TYR C 213 23.45 3.36 9.12
C TYR C 213 24.90 3.79 8.90
N ALA C 214 25.37 4.64 9.80
CA ALA C 214 26.69 5.24 9.76
C ALA C 214 27.06 5.83 11.12
N ALA C 215 28.30 6.24 11.24
CA ALA C 215 28.81 6.88 12.45
C ALA C 215 28.32 8.32 12.61
N ASP C 216 28.30 8.81 13.85
CA ASP C 216 27.91 10.19 14.14
C ASP C 216 29.13 10.83 14.81
N PRO C 217 29.61 11.94 14.25
CA PRO C 217 30.84 12.58 14.77
C PRO C 217 30.67 13.29 16.12
N ARG C 219 28.25 11.37 18.40
CA ARG C 219 28.36 10.36 19.45
C ARG C 219 29.83 9.97 19.65
N CYS C 220 30.23 9.85 20.92
CA CYS C 220 31.55 9.29 21.26
C CYS C 220 31.45 7.96 22.01
N HIS C 221 30.33 7.71 22.69
CA HIS C 221 30.18 6.53 23.53
C HIS C 221 29.92 5.23 22.75
N ASP C 222 30.65 4.17 23.14
CA ASP C 222 30.46 2.81 22.62
C ASP C 222 29.50 1.97 23.52
N GLY C 223 28.94 2.61 24.55
CA GLY C 223 28.14 1.91 25.58
C GLY C 223 29.02 1.25 26.62
N THR C 224 28.54 0.16 27.23
CA THR C 224 29.34 -0.62 28.19
C THR C 224 29.73 -1.92 27.51
N ILE C 225 31.03 -2.18 27.41
CA ILE C 225 31.52 -3.19 26.49
C ILE C 225 30.87 -4.58 26.58
N GLU C 226 30.69 -5.10 27.79
CA GLU C 226 30.09 -6.42 27.94
C GLU C 226 28.67 -6.48 27.39
N PHE C 227 27.93 -5.36 27.44
CA PHE C 227 26.51 -5.37 27.09
C PHE C 227 26.16 -4.68 25.77
N THR C 228 27.08 -3.92 25.21
CA THR C 228 26.74 -3.06 24.08
C THR C 228 26.42 -3.84 22.80
N SER C 229 25.74 -3.17 21.88
CA SER C 229 25.27 -3.81 20.65
C SER C 229 26.39 -4.02 19.62
N ILE C 230 26.18 -4.96 18.71
CA ILE C 230 27.07 -5.16 17.55
C ILE C 230 27.13 -3.88 16.71
N ASP C 231 26.00 -3.20 16.56
CA ASP C 231 25.95 -1.89 15.88
C ASP C 231 26.94 -0.90 16.47
N ALA C 232 26.92 -0.75 17.78
CA ALA C 232 27.88 0.13 18.44
C ALA C 232 29.30 -0.36 18.28
N HIS C 233 29.51 -1.68 18.37
CA HIS C 233 30.83 -2.27 18.15
C HIS C 233 31.37 -1.93 16.76
N ASN C 234 30.48 -1.88 15.77
CA ASN C 234 30.83 -1.49 14.38
C ASN C 234 31.01 0.00 14.14
N GLY C 235 30.86 0.83 15.18
CA GLY C 235 31.09 2.25 15.04
C GLY C 235 29.92 3.02 14.43
N VAL C 236 28.72 2.46 14.48
CA VAL C 236 27.55 3.22 14.05
C VAL C 236 26.72 3.67 15.23
N ALA C 237 25.94 4.71 14.95
CA ALA C 237 25.04 5.30 15.91
C ALA C 237 24.03 4.26 16.37
N PRO C 238 23.73 4.25 17.65
CA PRO C 238 22.77 3.29 18.17
C PRO C 238 21.35 3.49 17.62
N SER C 239 20.63 2.38 17.44
CA SER C 239 19.23 2.45 17.05
C SER C 239 18.42 1.55 17.96
N ARG C 240 17.18 1.28 17.58
CA ARG C 240 16.24 0.61 18.46
C ARG C 240 16.62 -0.85 18.69
N ARG C 241 17.05 -1.54 17.62
CA ARG C 241 17.42 -2.95 17.76
C ARG C 241 18.57 -3.15 18.75
N GLY C 242 19.52 -2.22 18.73
CA GLY C 242 20.62 -2.18 19.67
C GLY C 242 20.17 -2.17 21.11
N ASP C 243 19.18 -1.34 21.43
CA ASP C 243 18.68 -1.30 22.82
C ASP C 243 18.13 -2.67 23.22
N LEU C 244 17.39 -3.29 22.32
CA LEU C 244 16.78 -4.57 22.62
C LEU C 244 17.84 -5.67 22.74
N GLU C 245 18.90 -5.59 21.91
CA GLU C 245 20.02 -6.51 21.97
C GLU C 245 20.75 -6.40 23.31
N ILE C 246 20.90 -5.16 23.78
CA ILE C 246 21.56 -4.87 25.05
C ILE C 246 20.78 -5.53 26.19
N LEU C 247 19.45 -5.40 26.15
CA LEU C 247 18.58 -6.03 27.13
C LEU C 247 18.71 -7.56 27.12
N GLY C 248 18.88 -8.15 25.92
CA GLY C 248 19.14 -9.59 25.78
C GLY C 248 20.37 -10.06 26.56
N TYR C 249 21.49 -9.38 26.34
CA TYR C 249 22.72 -9.70 27.06
C TYR C 249 22.57 -9.54 28.57
N CYS C 250 21.89 -8.48 29.00
CA CYS C 250 21.57 -8.28 30.43
C CYS C 250 20.77 -9.46 31.02
N MET C 251 19.76 -9.95 30.30
CA MET C 251 18.94 -11.06 30.75
C MET C 251 19.78 -12.32 31.04
N ILE C 252 20.65 -12.65 30.10
CA ILE C 252 21.51 -13.79 30.24
C ILE C 252 22.45 -13.62 31.43
N GLN C 253 23.09 -12.46 31.51
CA GLN C 253 23.97 -12.13 32.64
C GLN C 253 23.23 -12.26 33.98
N TRP C 254 21.98 -11.80 34.04
CA TRP C 254 21.24 -11.87 35.30
C TRP C 254 20.84 -13.31 35.71
N LEU C 255 20.41 -14.10 34.72
CA LEU C 255 20.01 -15.48 34.94
C LEU C 255 21.20 -16.34 35.34
N THR C 256 22.34 -16.14 34.69
CA THR C 256 23.45 -17.10 34.78
C THR C 256 24.66 -16.67 35.62
N GLY C 257 24.79 -15.37 35.84
CA GLY C 257 25.98 -14.80 36.49
C GLY C 257 27.09 -14.49 35.50
N HIS C 258 26.87 -14.76 34.22
CA HIS C 258 27.97 -14.77 33.27
C HIS C 258 27.58 -14.33 31.86
N LEU C 259 28.57 -13.85 31.11
CA LEU C 259 28.43 -13.77 29.66
C LEU C 259 29.69 -14.45 29.06
N PRO C 260 29.56 -15.08 27.87
CA PRO C 260 30.67 -15.84 27.28
C PRO C 260 32.02 -15.08 27.11
N TRP C 261 31.95 -13.77 26.90
CA TRP C 261 33.09 -12.95 26.54
C TRP C 261 33.59 -12.14 27.74
N GLU C 262 33.15 -12.46 28.95
CA GLU C 262 33.48 -11.66 30.15
C GLU C 262 34.96 -11.64 30.55
N ASP C 263 35.73 -12.61 30.09
CA ASP C 263 37.15 -12.63 30.36
C ASP C 263 38.02 -11.95 29.29
N ASN C 264 37.40 -11.24 28.35
CA ASN C 264 38.13 -10.57 27.26
C ASN C 264 37.64 -9.16 27.03
N LEU C 265 37.21 -8.50 28.10
CA LEU C 265 36.64 -7.18 28.01
C LEU C 265 37.67 -6.09 27.73
N LYS C 266 38.96 -6.41 27.83
CA LYS C 266 39.98 -5.48 27.39
C LYS C 266 40.27 -5.59 25.88
N ASP C 267 39.56 -6.47 25.18
CA ASP C 267 39.73 -6.68 23.74
C ASP C 267 38.37 -6.61 23.06
N PRO C 268 37.94 -5.40 22.67
CA PRO C 268 36.65 -5.23 22.02
C PRO C 268 36.47 -5.98 20.70
N LYS C 269 37.54 -6.23 19.98
CA LYS C 269 37.40 -7.02 18.75
C LYS C 269 37.00 -8.46 19.05
N TYR C 270 37.44 -9.01 20.19
CA TYR C 270 37.01 -10.35 20.66
C TYR C 270 35.56 -10.34 21.07
N VAL C 271 35.16 -9.30 21.79
CA VAL C 271 33.79 -9.17 22.27
C VAL C 271 32.86 -9.02 21.07
N ARG C 272 33.21 -8.18 20.11
CA ARG C 272 32.40 -8.06 18.88
C ARG C 272 32.33 -9.40 18.11
N ASP C 273 33.47 -10.06 17.97
CA ASP C 273 33.52 -11.31 17.22
C ASP C 273 32.58 -12.30 17.86
N SER C 274 32.60 -12.41 19.17
CA SER C 274 31.73 -13.39 19.85
C SER C 274 30.26 -13.04 19.66
N LYS C 275 29.92 -11.77 19.83
CA LYS C 275 28.55 -11.35 19.70
C LYS C 275 28.03 -11.66 18.31
N ILE C 276 28.83 -11.34 17.30
CA ILE C 276 28.44 -11.59 15.93
C ILE C 276 28.21 -13.08 15.69
N ARG C 277 29.16 -13.91 16.15
CA ARG C 277 29.08 -15.34 15.92
C ARG C 277 27.91 -15.92 16.69
N TYR C 278 27.70 -15.45 17.91
CA TYR C 278 26.59 -15.93 18.72
C TYR C 278 25.23 -15.44 18.21
N ARG C 279 25.20 -14.30 17.53
CA ARG C 279 23.97 -13.87 16.87
C ARG C 279 23.64 -14.75 15.67
N GLU C 280 24.68 -15.14 14.96
CA GLU C 280 24.51 -15.99 13.80
C GLU C 280 24.02 -17.39 14.21
N ASN C 281 24.36 -17.80 15.43
CA ASN C 281 23.94 -19.09 15.96
C ASN C 281 23.48 -19.00 17.42
N ILE C 282 22.24 -18.58 17.58
CA ILE C 282 21.66 -18.38 18.90
C ILE C 282 21.57 -19.71 19.67
N ALA C 283 21.26 -20.82 19.00
CA ALA C 283 21.31 -22.14 19.67
C ALA C 283 22.66 -22.37 20.35
N SER C 284 23.77 -22.00 19.72
CA SER C 284 25.06 -22.18 20.39
C SER C 284 25.26 -21.22 21.56
N LEU C 285 24.67 -20.03 21.53
CA LEU C 285 24.69 -19.10 22.68
C LEU C 285 23.96 -19.70 23.88
N MET C 286 22.75 -20.22 23.64
CA MET C 286 21.97 -20.87 24.68
C MET C 286 22.72 -22.04 25.32
N ASP C 287 23.29 -22.92 24.48
CA ASP C 287 24.07 -24.07 24.96
C ASP C 287 25.28 -23.63 25.76
N LYS C 288 25.93 -22.56 25.33
CA LYS C 288 27.08 -22.03 26.08
C LYS C 288 26.69 -21.51 27.45
N CYS C 289 25.60 -20.75 27.53
CA CYS C 289 25.27 -20.00 28.76
C CYS C 289 24.45 -20.79 29.77
N PHE C 290 23.74 -21.82 29.30
CA PHE C 290 22.88 -22.65 30.17
C PHE C 290 23.11 -24.13 29.92
N PRO C 291 22.91 -24.96 30.95
CA PRO C 291 22.74 -26.39 30.62
C PRO C 291 21.55 -26.51 29.68
N ALA C 292 21.61 -27.42 28.71
CA ALA C 292 20.52 -27.53 27.71
C ALA C 292 19.19 -27.85 28.41
N ALA C 293 19.26 -28.60 29.50
CA ALA C 293 18.10 -28.88 30.32
C ALA C 293 17.41 -27.67 30.99
N ASN C 294 18.11 -26.54 31.17
CA ASN C 294 17.51 -25.39 31.87
C ASN C 294 17.44 -24.18 30.94
N ALA C 295 17.63 -24.39 29.65
CA ALA C 295 17.79 -23.27 28.72
C ALA C 295 16.45 -22.59 28.46
N PRO C 296 16.27 -21.37 28.98
CA PRO C 296 14.93 -20.77 28.90
C PRO C 296 14.62 -20.31 27.47
N GLY C 297 13.63 -20.95 26.85
CA GLY C 297 13.36 -20.79 25.42
C GLY C 297 12.78 -19.45 25.01
N GLU C 298 12.07 -18.80 25.93
CA GLU C 298 11.62 -17.43 25.70
C GLU C 298 12.81 -16.48 25.46
N ILE C 299 13.94 -16.74 26.10
CA ILE C 299 15.14 -15.92 25.92
C ILE C 299 15.67 -16.17 24.51
N ALA C 300 15.72 -17.43 24.12
CA ALA C 300 16.14 -17.80 22.79
C ALA C 300 15.25 -17.10 21.79
N LYS C 301 13.95 -17.19 22.03
CA LYS C 301 12.96 -16.65 21.09
C LYS C 301 13.01 -15.11 21.03
N TYR C 302 13.24 -14.45 22.15
CA TYR C 302 13.46 -13.01 22.20
C TYR C 302 14.60 -12.60 21.25
N MET C 303 15.71 -13.28 21.37
CA MET C 303 16.87 -12.98 20.56
C MET C 303 16.74 -13.32 19.09
N GLU C 304 16.04 -14.40 18.77
CA GLU C 304 15.73 -14.67 17.37
C GLU C 304 14.91 -13.50 16.77
N THR C 305 14.02 -12.92 17.58
CA THR C 305 13.14 -11.85 17.11
C THR C 305 13.94 -10.55 16.91
N VAL C 306 14.88 -10.27 17.81
CA VAL C 306 15.69 -9.07 17.71
C VAL C 306 16.59 -9.18 16.50
N LYS C 307 17.14 -10.39 16.30
CA LYS C 307 17.99 -10.70 15.17
C LYS C 307 17.35 -10.36 13.83
N LEU C 308 16.02 -10.49 13.73
CA LEU C 308 15.33 -10.22 12.48
C LEU C 308 15.07 -8.72 12.23
N LEU C 309 15.43 -7.85 13.18
CA LEU C 309 15.25 -6.42 12.97
C LEU C 309 16.34 -5.79 12.06
N ASP C 310 15.91 -5.09 11.03
CA ASP C 310 16.83 -4.23 10.31
C ASP C 310 17.15 -3.00 11.18
N TYR C 311 18.18 -2.27 10.77
CA TYR C 311 18.70 -1.13 11.53
C TYR C 311 17.68 -0.03 11.83
N THR C 312 16.84 0.27 10.83
CA THR C 312 15.80 1.28 10.97
C THR C 312 14.45 0.72 11.37
N GLU C 313 14.33 -0.60 11.54
CA GLU C 313 13.02 -1.20 11.72
C GLU C 313 12.39 -0.88 13.07
N LYS C 314 11.09 -0.56 13.06
CA LYS C 314 10.33 -0.40 14.30
C LYS C 314 10.06 -1.79 14.89
N PRO C 315 10.54 -2.05 16.12
CA PRO C 315 10.23 -3.32 16.78
C PRO C 315 8.73 -3.47 17.12
N LEU C 316 8.26 -4.71 17.17
CA LEU C 316 6.91 -5.04 17.60
C LEU C 316 6.98 -5.36 19.10
N TYR C 317 6.95 -4.32 19.92
CA TYR C 317 7.18 -4.43 21.37
C TYR C 317 6.19 -5.39 22.05
N GLU C 318 4.95 -5.40 21.60
CA GLU C 318 3.95 -6.25 22.26
C GLU C 318 4.25 -7.74 22.03
N ASN C 319 4.74 -8.10 20.84
N ASN C 319 4.73 -8.07 20.83
CA ASN C 319 5.11 -9.49 20.55
CA ASN C 319 5.14 -9.43 20.48
C ASN C 319 6.35 -9.91 21.35
C ASN C 319 6.33 -9.89 21.34
N LEU C 320 7.25 -8.97 21.62
CA LEU C 320 8.38 -9.27 22.51
C LEU C 320 7.89 -9.48 23.95
N ARG C 321 6.99 -8.62 24.41
CA ARG C 321 6.39 -8.80 25.73
C ARG C 321 5.66 -10.16 25.85
N ASP C 322 4.86 -10.51 24.84
N ASP C 322 4.88 -10.51 24.84
CA ASP C 322 4.16 -11.80 24.85
CA ASP C 322 4.16 -11.80 24.85
C ASP C 322 5.14 -12.98 24.93
C ASP C 322 5.13 -12.98 24.92
N ILE C 323 6.25 -12.89 24.18
CA ILE C 323 7.28 -13.94 24.20
C ILE C 323 7.76 -14.21 25.63
N LEU C 324 8.04 -13.13 26.36
CA LEU C 324 8.45 -13.22 27.75
C LEU C 324 7.33 -13.73 28.68
N LEU C 325 6.09 -13.27 28.47
CA LEU C 325 4.95 -13.74 29.25
C LEU C 325 4.79 -15.25 29.15
N GLN C 326 5.16 -15.85 28.02
CA GLN C 326 5.15 -17.33 27.92
C GLN C 326 6.10 -17.97 28.94
N GLY C 327 7.24 -17.33 29.18
CA GLY C 327 8.20 -17.75 30.20
C GLY C 327 7.64 -17.76 31.61
N LEU C 328 6.86 -16.72 31.94
CA LEU C 328 6.17 -16.66 33.23
C LEU C 328 5.11 -17.76 33.32
N LYS C 329 4.40 -17.95 32.23
CA LYS C 329 3.38 -18.97 32.12
C LYS C 329 3.99 -20.35 32.35
N ALA C 330 5.12 -20.65 31.69
CA ALA C 330 5.74 -21.98 31.78
C ALA C 330 6.26 -22.32 33.18
N ILE C 331 6.59 -21.33 34.00
CA ILE C 331 7.00 -21.57 35.41
C ILE C 331 5.88 -21.36 36.45
N GLY C 332 4.62 -21.45 36.03
CA GLY C 332 3.48 -21.35 36.94
C GLY C 332 3.10 -19.94 37.43
N SER C 333 3.62 -18.91 36.79
CA SER C 333 3.34 -17.53 37.21
C SER C 333 2.54 -16.76 36.16
N LYS C 334 2.47 -15.46 36.34
CA LYS C 334 1.77 -14.55 35.43
C LYS C 334 2.43 -13.19 35.61
N ASP C 335 2.02 -12.20 34.81
CA ASP C 335 2.52 -10.84 35.01
C ASP C 335 1.72 -10.15 36.12
N ASP C 336 2.13 -10.39 37.37
CA ASP C 336 1.52 -9.73 38.54
C ASP C 336 2.31 -8.50 39.00
N GLY C 337 3.34 -8.13 38.25
CA GLY C 337 4.16 -6.96 38.59
C GLY C 337 5.11 -7.14 39.75
N LYS C 338 5.28 -8.38 40.23
CA LYS C 338 6.11 -8.65 41.40
C LYS C 338 7.54 -8.89 40.92
N LEU C 339 8.46 -8.05 41.36
CA LEU C 339 9.86 -8.20 40.97
C LEU C 339 10.58 -9.30 41.76
N ASP C 340 10.05 -9.65 42.92
CA ASP C 340 10.65 -10.69 43.76
C ASP C 340 12.07 -10.41 44.23
N LEU C 341 12.38 -9.16 44.48
CA LEU C 341 13.67 -8.76 45.02
C LEU C 341 13.59 -8.67 46.54
N GLN D 22 -1.30 -44.49 -16.49
CA GLN D 22 -1.73 -44.82 -15.11
C GLN D 22 -3.24 -44.63 -14.96
N PHE D 23 -3.70 -43.41 -14.66
CA PHE D 23 -5.12 -43.16 -14.33
C PHE D 23 -5.96 -42.65 -15.50
N ALA D 24 -7.24 -43.03 -15.50
CA ALA D 24 -8.21 -42.49 -16.45
C ALA D 24 -8.57 -41.08 -16.01
N VAL D 25 -8.92 -40.23 -16.98
CA VAL D 25 -9.41 -38.88 -16.67
C VAL D 25 -10.75 -38.99 -15.93
N GLY D 26 -10.71 -38.82 -14.61
CA GLY D 26 -11.91 -38.80 -13.77
C GLY D 26 -11.99 -39.80 -12.64
N GLU D 27 -10.90 -40.50 -12.35
CA GLU D 27 -10.90 -41.51 -11.28
C GLU D 27 -10.89 -40.84 -9.90
N ILE D 28 -11.48 -41.52 -8.92
CA ILE D 28 -11.63 -40.97 -7.56
C ILE D 28 -10.68 -41.59 -6.53
N ILE D 29 -9.82 -40.75 -5.96
CA ILE D 29 -8.80 -41.20 -5.03
C ILE D 29 -8.98 -40.46 -3.71
N THR D 30 -8.61 -41.11 -2.60
CA THR D 30 -8.82 -40.52 -1.29
C THR D 30 -7.53 -40.48 -0.48
N ASP D 31 -7.40 -39.44 0.34
CA ASP D 31 -6.15 -39.12 1.01
C ASP D 31 -6.13 -39.47 2.49
N MET D 32 -4.99 -39.21 3.13
CA MET D 32 -4.78 -39.58 4.54
C MET D 32 -5.71 -38.89 5.56
N ALA D 33 -6.44 -37.85 5.14
CA ALA D 33 -7.49 -37.23 5.96
C ALA D 33 -8.89 -37.66 5.48
N ALA D 34 -8.95 -38.69 4.65
CA ALA D 34 -10.22 -39.24 4.14
C ALA D 34 -10.99 -38.31 3.20
N ALA D 35 -10.28 -37.37 2.58
CA ALA D 35 -10.88 -36.45 1.61
C ALA D 35 -10.75 -37.03 0.20
N ALA D 36 -11.80 -36.88 -0.61
CA ALA D 36 -11.81 -37.38 -2.00
C ALA D 36 -11.28 -36.37 -3.03
N TRP D 37 -10.67 -36.89 -4.11
CA TRP D 37 -10.10 -36.06 -5.20
C TRP D 37 -10.39 -36.66 -6.59
N LYS D 38 -10.67 -35.80 -7.57
CA LYS D 38 -10.85 -36.25 -8.96
C LYS D 38 -9.62 -35.90 -9.81
N VAL D 39 -9.41 -36.67 -10.89
CA VAL D 39 -8.24 -36.50 -11.77
C VAL D 39 -8.69 -35.92 -13.11
N GLY D 40 -7.85 -35.05 -13.69
CA GLY D 40 -8.08 -34.45 -15.01
C GLY D 40 -7.01 -34.91 -15.98
N LEU D 41 -6.69 -34.10 -16.98
CA LEU D 41 -5.75 -34.49 -18.05
C LEU D 41 -4.31 -34.64 -17.54
N PRO D 42 -3.51 -35.53 -18.18
CA PRO D 42 -2.05 -35.52 -17.96
C PRO D 42 -1.40 -34.27 -18.57
N ILE D 43 -0.18 -33.93 -18.14
CA ILE D 43 0.46 -32.66 -18.53
C ILE D 43 1.99 -32.76 -18.59
N PHE D 48 9.63 -42.47 -10.67
CA PHE D 48 9.17 -42.58 -12.06
C PHE D 48 7.63 -42.67 -12.14
N GLY D 49 6.99 -41.59 -12.61
CA GLY D 49 5.54 -41.57 -12.79
C GLY D 49 5.01 -40.30 -13.45
N CYS D 50 3.69 -40.10 -13.39
CA CYS D 50 3.03 -39.00 -14.11
C CYS D 50 2.48 -37.90 -13.20
N ILE D 51 2.05 -36.82 -13.84
CA ILE D 51 1.44 -35.69 -13.17
C ILE D 51 0.20 -35.29 -13.96
N TYR D 52 -0.94 -35.25 -13.28
CA TYR D 52 -2.20 -34.85 -13.90
C TYR D 52 -2.74 -33.62 -13.18
N LEU D 53 -3.64 -32.91 -13.85
CA LEU D 53 -4.46 -31.88 -13.21
C LEU D 53 -5.43 -32.55 -12.23
N ALA D 54 -5.78 -31.81 -11.18
CA ALA D 54 -6.62 -32.36 -10.10
C ALA D 54 -7.49 -31.31 -9.41
N ASP D 55 -8.54 -31.78 -8.73
CA ASP D 55 -9.48 -30.92 -8.00
C ASP D 55 -10.27 -31.76 -6.98
N MET D 56 -10.97 -31.09 -6.06
CA MET D 56 -11.83 -31.75 -5.06
C MET D 56 -13.06 -32.39 -5.72
N ASN D 57 -13.88 -33.08 -4.92
CA ASN D 57 -15.17 -33.63 -5.40
C ASN D 57 -14.95 -34.58 -6.57
N SER D 59 -21.10 -34.16 -9.83
CA SER D 59 -20.61 -34.90 -10.97
C SER D 59 -19.62 -34.08 -11.82
N GLU D 60 -19.10 -32.98 -11.25
CA GLU D 60 -18.26 -32.04 -12.01
C GLU D 60 -16.86 -32.56 -12.32
N SER D 61 -16.52 -32.59 -13.60
CA SER D 61 -15.20 -33.04 -14.04
C SER D 61 -14.15 -31.93 -13.95
N VAL D 62 -12.88 -32.32 -13.96
CA VAL D 62 -11.76 -31.38 -13.76
C VAL D 62 -11.39 -30.70 -15.08
N GLY D 63 -11.36 -29.37 -15.07
CA GLY D 63 -11.10 -28.57 -16.27
C GLY D 63 -9.65 -28.19 -16.44
N SER D 64 -9.37 -27.29 -17.39
CA SER D 64 -8.00 -26.87 -17.70
C SER D 64 -7.52 -25.73 -16.81
N ASP D 65 -8.43 -25.16 -16.02
CA ASP D 65 -8.08 -24.12 -15.04
C ASP D 65 -7.97 -24.67 -13.61
N ALA D 66 -7.70 -25.97 -13.47
CA ALA D 66 -7.75 -26.64 -12.16
C ALA D 66 -6.70 -26.07 -11.20
N PRO D 67 -7.04 -25.95 -9.91
CA PRO D 67 -6.15 -25.34 -8.91
C PRO D 67 -5.08 -26.28 -8.34
N CYS D 68 -5.14 -27.56 -8.67
CA CYS D 68 -4.21 -28.54 -8.12
C CYS D 68 -3.67 -29.46 -9.21
N VAL D 69 -2.58 -30.14 -8.88
CA VAL D 69 -2.11 -31.27 -9.67
C VAL D 69 -2.02 -32.51 -8.78
N VAL D 70 -2.00 -33.67 -9.42
CA VAL D 70 -1.69 -34.89 -8.69
C VAL D 70 -0.46 -35.58 -9.29
N LYS D 71 0.53 -35.82 -8.45
CA LYS D 71 1.74 -36.56 -8.83
C LYS D 71 1.59 -37.99 -8.32
N VAL D 72 1.85 -38.97 -9.19
CA VAL D 72 1.67 -40.37 -8.81
C VAL D 72 2.83 -41.29 -9.25
N GLU D 73 3.28 -42.13 -8.31
CA GLU D 73 4.31 -43.15 -8.49
C GLU D 73 3.92 -44.43 -7.73
N PRO D 74 4.66 -45.52 -7.93
CA PRO D 74 4.40 -46.75 -7.20
C PRO D 74 4.80 -46.64 -5.73
N SER D 75 4.11 -47.35 -4.85
CA SER D 75 4.40 -47.27 -3.42
C SER D 75 5.86 -47.46 -3.04
N ASP D 76 6.56 -48.35 -3.74
CA ASP D 76 8.00 -48.57 -3.55
C ASP D 76 8.72 -47.23 -3.50
N ASN D 77 9.15 -46.84 -2.30
CA ASN D 77 9.89 -45.58 -2.07
C ASN D 77 11.01 -45.30 -3.09
N PRO D 79 10.99 -41.55 -4.46
CA PRO D 79 11.19 -40.11 -4.72
C PRO D 79 9.97 -39.31 -4.31
N LEU D 80 8.80 -39.79 -4.70
CA LEU D 80 7.56 -39.21 -4.22
C LEU D 80 7.45 -39.36 -2.70
N PHE D 81 7.88 -40.51 -2.15
CA PHE D 81 7.93 -40.70 -0.69
C PHE D 81 8.94 -39.76 0.00
N THR D 82 10.06 -39.49 -0.65
CA THR D 82 11.03 -38.49 -0.17
C THR D 82 10.36 -37.10 -0.08
N GLU D 83 9.50 -36.79 -1.05
CA GLU D 83 8.78 -35.52 -1.08
C GLU D 83 7.77 -35.47 0.05
N LEU D 84 7.01 -36.55 0.19
CA LEU D 84 5.99 -36.62 1.21
C LEU D 84 6.60 -36.28 2.55
N LYS D 85 7.73 -36.92 2.90
CA LYS D 85 8.39 -36.66 4.18
C LYS D 85 8.83 -35.20 4.25
N PHE D 86 9.40 -34.69 3.16
CA PHE D 86 9.85 -33.30 3.12
C PHE D 86 8.69 -32.39 3.50
N TYR D 87 7.55 -32.56 2.84
CA TYR D 87 6.42 -31.66 3.06
C TYR D 87 5.84 -31.77 4.47
N GLN D 88 5.77 -32.99 5.00
CA GLN D 88 5.20 -33.21 6.33
C GLN D 88 6.12 -32.66 7.44
N ARG D 89 7.43 -32.71 7.24
CA ARG D 89 8.38 -32.23 8.26
C ARG D 89 8.60 -30.72 8.23
N ALA D 90 8.83 -30.21 7.02
CA ALA D 90 9.50 -28.93 6.82
C ALA D 90 8.66 -27.89 6.13
N ALA D 91 7.53 -28.28 5.56
CA ALA D 91 6.82 -27.38 4.66
C ALA D 91 5.33 -27.48 4.79
N LYS D 92 4.84 -27.65 6.01
CA LYS D 92 3.42 -27.51 6.25
C LYS D 92 3.06 -26.01 6.10
N PRO D 93 1.80 -25.70 5.68
CA PRO D 93 1.29 -24.35 5.48
C PRO D 93 1.59 -23.37 6.61
N GLU D 94 1.38 -23.79 7.85
CA GLU D 94 1.64 -22.94 9.00
C GLU D 94 3.12 -22.62 9.15
N GLN D 95 4.00 -23.58 8.82
CA GLN D 95 5.46 -23.32 8.82
C GLN D 95 5.86 -22.27 7.77
N ILE D 96 5.24 -22.34 6.60
CA ILE D 96 5.50 -21.39 5.52
C ILE D 96 4.97 -20.01 5.87
N GLN D 97 3.74 -19.94 6.36
CA GLN D 97 3.18 -18.66 6.73
C GLN D 97 4.01 -18.00 7.83
N LYS D 98 4.45 -18.76 8.83
CA LYS D 98 5.26 -18.18 9.90
C LYS D 98 6.52 -17.49 9.38
N TRP D 99 7.16 -18.15 8.42
CA TRP D 99 8.39 -17.65 7.87
C TRP D 99 8.15 -16.38 7.04
N ILE D 100 7.09 -16.36 6.25
CA ILE D 100 6.72 -15.17 5.46
C ILE D 100 6.49 -13.96 6.38
N ARG D 101 5.80 -14.23 7.48
N ARG D 101 5.74 -14.16 7.47
CA ARG D 101 5.39 -13.23 8.47
CA ARG D 101 5.47 -13.08 8.40
C ARG D 101 6.60 -12.65 9.21
C ARG D 101 6.78 -12.61 9.00
N THR D 102 7.53 -13.53 9.60
CA THR D 102 8.73 -13.14 10.37
C THR D 102 9.89 -12.60 9.51
N ARG D 103 10.04 -13.07 8.28
CA ARG D 103 11.07 -12.53 7.39
CA ARG D 103 11.07 -12.53 7.38
C ARG D 103 10.54 -11.38 6.52
N LYS D 104 9.29 -10.97 6.75
CA LYS D 104 8.63 -9.86 6.01
C LYS D 104 8.73 -10.05 4.50
N LEU D 105 8.38 -11.24 4.02
CA LEU D 105 8.42 -11.52 2.58
C LEU D 105 7.07 -11.18 1.92
N LYS D 106 7.10 -10.88 0.63
CA LYS D 106 5.89 -10.75 -0.16
C LYS D 106 5.29 -12.13 -0.39
N TYR D 107 6.14 -13.13 -0.56
CA TYR D 107 5.72 -14.52 -0.75
C TYR D 107 6.93 -15.45 -0.52
N LEU D 108 6.67 -16.76 -0.44
CA LEU D 108 7.74 -17.75 -0.42
C LEU D 108 7.47 -18.84 -1.45
N GLY D 109 8.41 -19.07 -2.35
CA GLY D 109 8.20 -20.03 -3.41
C GLY D 109 8.34 -21.51 -3.06
N VAL D 110 7.79 -21.95 -1.92
CA VAL D 110 7.57 -23.37 -1.63
C VAL D 110 6.12 -23.72 -1.96
N PRO D 111 5.87 -24.81 -2.69
CA PRO D 111 4.47 -25.14 -3.03
C PRO D 111 3.61 -25.57 -1.83
N LYS D 112 2.30 -25.41 -1.99
CA LYS D 112 1.34 -25.90 -1.04
C LYS D 112 1.06 -27.38 -1.26
N TYR D 113 1.31 -28.17 -0.20
CA TYR D 113 1.00 -29.61 -0.14
C TYR D 113 -0.39 -29.76 0.46
N TRP D 114 -1.32 -30.28 -0.35
CA TRP D 114 -2.73 -30.37 -0.02
C TRP D 114 -3.13 -31.71 0.58
N GLY D 115 -2.39 -32.76 0.28
CA GLY D 115 -2.73 -34.10 0.73
C GLY D 115 -1.98 -35.21 0.02
N SER D 116 -2.09 -36.41 0.59
CA SER D 116 -1.40 -37.58 0.08
C SER D 116 -2.18 -38.83 0.39
N GLY D 117 -1.89 -39.91 -0.33
CA GLY D 117 -2.59 -41.17 -0.11
C GLY D 117 -2.09 -42.31 -0.98
N LEU D 118 -2.92 -43.35 -1.07
CA LEU D 118 -2.67 -44.53 -1.87
C LEU D 118 -3.87 -44.85 -2.74
N HIS D 119 -3.58 -45.45 -3.88
CA HIS D 119 -4.61 -45.86 -4.78
C HIS D 119 -4.11 -47.06 -5.53
N ASP D 120 -4.80 -48.19 -5.45
CA ASP D 120 -4.33 -49.34 -6.20
C ASP D 120 -5.20 -49.65 -7.40
N LYS D 121 -4.60 -49.53 -8.58
CA LYS D 121 -5.29 -49.81 -9.83
C LYS D 121 -4.76 -51.12 -10.38
N ASN D 122 -5.66 -52.06 -10.66
CA ASN D 122 -5.29 -53.37 -11.17
C ASN D 122 -4.20 -54.04 -10.36
N SER D 125 0.16 -49.95 -3.62
CA SER D 125 0.39 -50.00 -5.04
C SER D 125 0.92 -48.67 -5.56
N TYR D 126 0.07 -47.65 -5.63
CA TYR D 126 0.50 -46.33 -6.09
C TYR D 126 0.32 -45.27 -5.00
N ARG D 127 1.33 -44.43 -4.82
CA ARG D 127 1.28 -43.37 -3.85
C ARG D 127 1.11 -42.07 -4.60
N PHE D 128 0.26 -41.18 -4.12
CA PHE D 128 0.05 -39.90 -4.79
C PHE D 128 0.18 -38.72 -3.83
N MET D 129 0.37 -37.52 -4.41
CA MET D 129 0.44 -36.26 -3.67
C MET D 129 -0.31 -35.16 -4.43
N ILE D 130 -1.11 -34.38 -3.69
CA ILE D 130 -1.89 -33.28 -4.26
C ILE D 130 -1.17 -31.97 -4.00
N MET D 131 -0.77 -31.28 -5.07
CA MET D 131 0.03 -30.05 -4.99
C MET D 131 -0.63 -28.89 -5.71
N ASP D 132 -0.16 -27.67 -5.43
CA ASP D 132 -0.57 -26.47 -6.17
C ASP D 132 -0.39 -26.68 -7.65
N ARG D 133 -1.27 -26.06 -8.44
CA ARG D 133 -1.12 -26.07 -9.87
C ARG D 133 -0.54 -24.69 -10.21
N PHE D 134 0.59 -24.68 -10.90
CA PHE D 134 1.29 -23.47 -11.33
C PHE D 134 1.04 -23.17 -12.81
N GLY D 135 1.62 -22.07 -13.28
CA GLY D 135 1.66 -21.75 -14.70
C GLY D 135 2.90 -22.34 -15.36
N SER D 136 3.57 -21.56 -16.18
CA SER D 136 4.65 -22.08 -17.01
C SER D 136 5.91 -22.37 -16.23
N ASP D 137 6.70 -23.34 -16.71
CA ASP D 137 8.05 -23.54 -16.18
C ASP D 137 9.03 -22.57 -16.83
N LEU D 138 10.12 -22.30 -16.13
CA LEU D 138 11.12 -21.34 -16.63
C LEU D 138 11.91 -21.84 -17.83
N GLN D 139 12.03 -23.16 -17.97
CA GLN D 139 12.78 -23.70 -19.08
C GLN D 139 12.11 -23.36 -20.41
N LYS D 140 10.77 -23.49 -20.51
CA LYS D 140 10.07 -23.13 -21.75
C LYS D 140 10.20 -21.62 -22.06
N ILE D 141 10.17 -20.79 -21.02
CA ILE D 141 10.35 -19.34 -21.18
C ILE D 141 11.79 -19.01 -21.63
N TYR D 142 12.78 -19.59 -20.95
CA TYR D 142 14.19 -19.49 -21.35
C TYR D 142 14.41 -19.81 -22.83
N GLU D 143 13.83 -20.92 -23.26
CA GLU D 143 13.93 -21.38 -24.64
C GLU D 143 13.24 -20.44 -25.61
N ALA D 144 12.05 -19.95 -25.25
CA ALA D 144 11.32 -18.99 -26.07
C ALA D 144 12.08 -17.66 -26.20
N ASN D 145 12.90 -17.33 -25.22
CA ASN D 145 13.72 -16.13 -25.26
C ASN D 145 15.14 -16.41 -25.80
N ALA D 146 15.25 -17.34 -26.74
CA ALA D 146 16.54 -17.76 -27.33
C ALA D 146 17.64 -18.14 -26.31
N LYS D 147 17.23 -18.72 -25.18
CA LYS D 147 18.17 -19.19 -24.15
C LYS D 147 19.03 -18.11 -23.50
N ARG D 148 18.41 -16.98 -23.20
CA ARG D 148 19.02 -15.92 -22.39
C ARG D 148 17.97 -15.35 -21.43
N PHE D 149 18.38 -15.09 -20.20
CA PHE D 149 17.66 -14.18 -19.34
C PHE D 149 18.57 -12.98 -19.12
N SER D 150 17.96 -11.81 -19.02
CA SER D 150 18.67 -10.58 -18.71
C SER D 150 19.32 -10.60 -17.31
N ARG D 151 20.27 -9.70 -17.09
CA ARG D 151 20.88 -9.56 -15.77
C ARG D 151 19.82 -9.32 -14.68
N LYS D 152 18.88 -8.44 -14.99
CA LYS D 152 17.77 -8.10 -14.10
C LYS D 152 17.00 -9.36 -13.71
N THR D 153 16.51 -10.07 -14.71
CA THR D 153 15.78 -11.29 -14.53
C THR D 153 16.53 -12.33 -13.72
N VAL D 154 17.81 -12.51 -13.98
CA VAL D 154 18.59 -13.51 -13.26
C VAL D 154 18.84 -13.12 -11.79
N LEU D 155 19.10 -11.85 -11.56
CA LEU D 155 19.31 -11.38 -10.19
C LEU D 155 18.01 -11.54 -9.39
N GLN D 156 16.89 -11.17 -9.98
CA GLN D 156 15.58 -11.22 -9.33
C GLN D 156 15.13 -12.66 -9.08
N LEU D 157 15.34 -13.55 -10.03
CA LEU D 157 15.05 -14.95 -9.79
C LEU D 157 15.87 -15.47 -8.61
N SER D 158 17.16 -15.14 -8.62
CA SER D 158 18.09 -15.65 -7.63
C SER D 158 17.83 -15.17 -6.19
N LEU D 159 17.37 -13.93 -6.04
CA LEU D 159 17.02 -13.40 -4.71
C LEU D 159 15.91 -14.26 -4.13
N ARG D 160 14.94 -14.61 -4.98
CA ARG D 160 13.78 -15.36 -4.54
C ARG D 160 14.15 -16.83 -4.32
N ILE D 161 15.09 -17.34 -5.11
CA ILE D 161 15.56 -18.72 -4.91
C ILE D 161 16.36 -18.83 -3.60
N LEU D 162 17.18 -17.81 -3.29
CA LEU D 162 17.81 -17.72 -1.97
C LEU D 162 16.82 -17.72 -0.80
N ASP D 163 15.70 -17.03 -0.95
CA ASP D 163 14.66 -17.08 0.08
C ASP D 163 14.26 -18.53 0.35
N ILE D 164 13.95 -19.23 -0.73
CA ILE D 164 13.49 -20.61 -0.70
C ILE D 164 14.55 -21.54 -0.08
N LEU D 165 15.78 -21.40 -0.54
CA LEU D 165 16.87 -22.22 -0.05
C LEU D 165 17.13 -21.98 1.43
N GLU D 166 17.08 -20.72 1.86
CA GLU D 166 17.29 -20.43 3.27
C GLU D 166 16.18 -21.09 4.11
N TYR D 167 14.94 -21.03 3.63
CA TYR D 167 13.83 -21.66 4.32
C TYR D 167 14.08 -23.16 4.48
N ILE D 168 14.37 -23.85 3.39
CA ILE D 168 14.50 -25.30 3.50
C ILE D 168 15.74 -25.71 4.29
N HIS D 169 16.85 -24.99 4.08
CA HIS D 169 18.07 -25.23 4.86
C HIS D 169 17.85 -25.11 6.36
N GLU D 170 17.12 -24.07 6.76
CA GLU D 170 16.79 -23.85 8.15
C GLU D 170 15.78 -24.86 8.69
N HIS D 171 15.11 -25.58 7.81
CA HIS D 171 14.21 -26.66 8.16
C HIS D 171 14.82 -28.02 7.82
N GLU D 172 16.17 -28.07 7.85
CA GLU D 172 16.97 -29.29 7.83
C GLU D 172 17.13 -29.96 6.46
N TYR D 173 16.67 -29.29 5.39
CA TYR D 173 16.68 -29.89 4.07
C TYR D 173 17.51 -29.12 3.02
N VAL D 174 18.02 -29.86 2.02
CA VAL D 174 18.56 -29.26 0.80
C VAL D 174 17.78 -29.85 -0.35
N HIS D 175 17.83 -29.18 -1.51
CA HIS D 175 17.01 -29.55 -2.67
C HIS D 175 17.79 -30.41 -3.66
N GLY D 176 19.02 -29.99 -3.96
CA GLY D 176 19.93 -30.76 -4.83
C GLY D 176 19.73 -30.76 -6.36
N ASP D 177 18.67 -30.10 -6.85
CA ASP D 177 18.32 -30.12 -8.27
C ASP D 177 17.62 -28.82 -8.70
N ILE D 178 18.16 -27.68 -8.27
CA ILE D 178 17.67 -26.40 -8.76
C ILE D 178 18.05 -26.25 -10.24
N LYS D 179 17.03 -25.92 -11.05
CA LYS D 179 17.18 -25.66 -12.46
C LYS D 179 15.88 -25.08 -13.02
N ALA D 180 15.97 -24.52 -14.22
CA ALA D 180 14.83 -23.86 -14.83
C ALA D 180 13.59 -24.76 -14.93
N SER D 181 13.75 -26.03 -15.27
CA SER D 181 12.58 -26.92 -15.42
C SER D 181 11.88 -27.25 -14.08
N ASN D 182 12.55 -27.00 -12.95
CA ASN D 182 11.95 -27.11 -11.61
C ASN D 182 11.58 -25.75 -10.99
N LEU D 183 11.58 -24.71 -11.82
CA LEU D 183 11.12 -23.38 -11.41
C LEU D 183 9.85 -23.05 -12.20
N LEU D 184 8.74 -23.00 -11.48
CA LEU D 184 7.43 -22.79 -12.07
C LEU D 184 6.85 -21.46 -11.55
N LEU D 185 6.10 -20.78 -12.41
CA LEU D 185 5.53 -19.49 -12.05
C LEU D 185 4.17 -19.68 -11.37
N ASN D 186 3.91 -18.86 -10.37
CA ASN D 186 2.58 -18.77 -9.79
C ASN D 186 1.54 -18.55 -10.90
N TYR D 187 0.48 -19.36 -10.86
CA TYR D 187 -0.53 -19.36 -11.90
C TYR D 187 -1.20 -17.98 -12.03
N LYS D 188 -1.36 -17.29 -10.90
CA LYS D 188 -2.06 -16.01 -10.86
C LYS D 188 -1.12 -14.79 -10.86
N ASN D 189 0.19 -15.00 -10.95
CA ASN D 189 1.14 -13.90 -10.76
C ASN D 189 2.52 -14.28 -11.35
N PRO D 190 2.83 -13.77 -12.55
CA PRO D 190 4.06 -14.15 -13.23
C PRO D 190 5.35 -13.57 -12.66
N ASP D 191 5.27 -12.79 -11.59
CA ASP D 191 6.47 -12.29 -10.90
C ASP D 191 6.83 -13.13 -9.69
N GLN D 192 6.13 -14.26 -9.52
CA GLN D 192 6.39 -15.15 -8.39
C GLN D 192 6.80 -16.53 -8.89
N VAL D 193 7.96 -16.96 -8.45
CA VAL D 193 8.54 -18.21 -8.91
C VAL D 193 8.64 -19.18 -7.74
N TYR D 194 8.31 -20.42 -8.05
CA TYR D 194 8.32 -21.52 -7.07
C TYR D 194 9.30 -22.62 -7.48
N LEU D 195 10.00 -23.16 -6.50
CA LEU D 195 10.86 -24.29 -6.69
C LEU D 195 10.09 -25.56 -6.34
N VAL D 196 9.95 -26.44 -7.33
CA VAL D 196 9.19 -27.69 -7.19
C VAL D 196 10.10 -28.92 -7.23
N ASP D 197 9.48 -30.09 -7.09
CA ASP D 197 10.14 -31.41 -7.16
C ASP D 197 11.26 -31.62 -6.13
N TYR D 198 10.85 -31.99 -4.92
CA TYR D 198 11.79 -32.27 -3.83
C TYR D 198 12.14 -33.78 -3.80
N GLY D 199 12.07 -34.43 -4.96
CA GLY D 199 12.38 -35.87 -5.10
C GLY D 199 13.82 -36.27 -4.83
N LEU D 200 14.75 -35.34 -4.96
CA LEU D 200 16.15 -35.57 -4.60
C LEU D 200 16.54 -34.83 -3.33
N ALA D 201 15.56 -34.33 -2.59
CA ALA D 201 15.83 -33.53 -1.42
C ALA D 201 16.43 -34.43 -0.37
N TYR D 202 17.25 -33.88 0.49
CA TYR D 202 17.96 -34.69 1.44
C TYR D 202 17.95 -33.97 2.80
N ARG D 203 17.66 -34.74 3.85
CA ARG D 203 17.64 -34.19 5.19
C ARG D 203 19.07 -34.18 5.72
N TYR D 204 19.74 -33.06 5.50
CA TYR D 204 21.16 -32.95 5.75
C TYR D 204 21.50 -32.73 7.21
N CYS D 205 20.51 -32.27 7.99
CA CYS D 205 20.75 -31.82 9.38
C CYS D 205 19.66 -32.29 10.39
N PRO D 206 19.39 -33.63 10.43
CA PRO D 206 18.36 -34.15 11.29
C PRO D 206 18.60 -33.73 12.73
N GLU D 207 17.62 -33.02 13.30
CA GLU D 207 17.67 -32.55 14.66
C GLU D 207 18.90 -31.70 14.98
N GLY D 208 19.32 -30.91 14.01
CA GLY D 208 20.45 -30.00 14.22
C GLY D 208 21.84 -30.59 14.11
N VAL D 209 21.94 -31.91 13.86
CA VAL D 209 23.24 -32.58 13.67
C VAL D 209 23.53 -32.79 12.18
N HIS D 210 24.59 -32.15 11.68
CA HIS D 210 24.95 -32.21 10.26
C HIS D 210 25.54 -33.59 9.91
N LYS D 211 25.00 -34.18 8.86
CA LYS D 211 25.56 -35.35 8.19
C LYS D 211 27.07 -35.18 7.95
N ALA D 212 27.85 -36.19 8.34
CA ALA D 212 29.32 -36.20 8.18
C ALA D 212 29.72 -36.34 6.71
N TYR D 213 30.85 -35.74 6.34
CA TYR D 213 31.34 -35.83 4.96
C TYR D 213 31.80 -37.24 4.71
N ALA D 214 31.31 -37.86 3.65
CA ALA D 214 31.73 -39.19 3.21
C ALA D 214 31.30 -39.41 1.75
N ALA D 215 32.23 -39.89 0.94
CA ALA D 215 31.98 -40.23 -0.47
C ALA D 215 31.48 -41.67 -0.57
N ASP D 216 30.27 -41.84 -1.08
CA ASP D 216 29.68 -43.15 -1.35
C ASP D 216 29.60 -43.33 -2.86
N PRO D 217 30.20 -44.41 -3.40
CA PRO D 217 30.18 -44.57 -4.86
C PRO D 217 28.79 -44.73 -5.46
N LYS D 218 27.83 -45.21 -4.68
CA LYS D 218 26.44 -45.31 -5.13
C LYS D 218 25.80 -43.93 -5.36
N ARG D 219 26.23 -42.92 -4.61
CA ARG D 219 25.73 -41.53 -4.81
C ARG D 219 26.31 -40.74 -5.98
N CYS D 220 27.45 -41.15 -6.52
CA CYS D 220 28.17 -40.30 -7.49
C CYS D 220 27.30 -39.79 -8.61
N HIS D 221 27.33 -38.47 -8.79
CA HIS D 221 26.63 -37.79 -9.87
C HIS D 221 25.09 -37.72 -9.74
N ASP D 222 24.59 -37.74 -8.51
N ASP D 222 24.57 -37.71 -8.52
CA ASP D 222 23.19 -37.40 -8.21
CA ASP D 222 23.16 -37.42 -8.35
C ASP D 222 22.92 -35.98 -8.77
C ASP D 222 22.90 -35.98 -8.77
N GLY D 223 21.68 -35.72 -9.18
CA GLY D 223 21.28 -34.40 -9.68
C GLY D 223 21.36 -34.34 -11.18
N THR D 224 21.18 -33.13 -11.71
CA THR D 224 21.22 -32.94 -13.15
C THR D 224 22.69 -32.64 -13.49
N ILE D 225 23.27 -33.48 -14.34
CA ILE D 225 24.73 -33.51 -14.51
C ILE D 225 25.38 -32.13 -14.81
N GLU D 226 24.74 -31.32 -15.66
CA GLU D 226 25.30 -30.01 -16.00
C GLU D 226 25.30 -29.02 -14.85
N PHE D 227 24.37 -29.17 -13.92
CA PHE D 227 24.24 -28.22 -12.81
C PHE D 227 24.62 -28.79 -11.45
N THR D 228 24.80 -30.09 -11.33
CA THR D 228 24.94 -30.65 -9.99
C THR D 228 26.25 -30.21 -9.36
N SER D 229 26.35 -30.34 -8.04
CA SER D 229 27.51 -29.86 -7.32
C SER D 229 28.71 -30.83 -7.38
N ILE D 230 29.91 -30.30 -7.16
CA ILE D 230 31.11 -31.10 -7.06
C ILE D 230 30.93 -32.21 -5.99
N ASP D 231 30.36 -31.86 -4.83
CA ASP D 231 30.06 -32.84 -3.80
C ASP D 231 29.28 -34.01 -4.36
N ALA D 232 28.22 -33.73 -5.10
CA ALA D 232 27.38 -34.78 -5.63
C ALA D 232 28.16 -35.60 -6.62
N HIS D 233 28.99 -34.94 -7.43
CA HIS D 233 29.87 -35.64 -8.36
C HIS D 233 30.73 -36.66 -7.64
N ASN D 234 31.23 -36.28 -6.47
CA ASN D 234 32.15 -37.13 -5.69
C ASN D 234 31.45 -38.22 -4.86
N GLY D 235 30.12 -38.28 -4.96
CA GLY D 235 29.31 -39.21 -4.18
C GLY D 235 29.12 -38.80 -2.72
N VAL D 236 29.25 -37.52 -2.43
CA VAL D 236 29.04 -37.00 -1.12
C VAL D 236 27.59 -36.55 -1.03
N ALA D 237 26.94 -36.84 0.09
CA ALA D 237 25.57 -36.37 0.31
C ALA D 237 25.51 -34.85 0.21
N PRO D 238 24.44 -34.34 -0.39
CA PRO D 238 24.34 -32.91 -0.62
C PRO D 238 24.14 -32.11 0.67
N SER D 239 24.73 -30.91 0.67
CA SER D 239 24.63 -29.99 1.78
C SER D 239 24.34 -28.58 1.26
N ARG D 240 24.44 -27.58 2.14
CA ARG D 240 23.94 -26.25 1.78
C ARG D 240 24.82 -25.61 0.69
N ARG D 241 26.13 -25.81 0.75
CA ARG D 241 27.00 -25.21 -0.23
C ARG D 241 26.69 -25.75 -1.63
N GLY D 242 26.35 -27.03 -1.70
CA GLY D 242 25.87 -27.63 -2.94
C GLY D 242 24.72 -26.90 -3.63
N ASP D 243 23.67 -26.60 -2.86
CA ASP D 243 22.49 -25.92 -3.40
C ASP D 243 22.92 -24.57 -4.02
N LEU D 244 23.76 -23.85 -3.29
CA LEU D 244 24.22 -22.54 -3.71
C LEU D 244 25.10 -22.61 -4.94
N GLU D 245 25.92 -23.66 -5.03
CA GLU D 245 26.79 -23.92 -6.18
C GLU D 245 25.94 -24.21 -7.42
N ILE D 246 24.92 -25.02 -7.26
CA ILE D 246 24.02 -25.35 -8.35
C ILE D 246 23.36 -24.07 -8.90
N LEU D 247 22.83 -23.23 -8.00
CA LEU D 247 22.23 -21.94 -8.42
C LEU D 247 23.22 -21.10 -9.25
N GLY D 248 24.47 -21.08 -8.80
CA GLY D 248 25.54 -20.35 -9.52
C GLY D 248 25.71 -20.81 -10.94
N TYR D 249 25.70 -22.14 -11.16
CA TYR D 249 25.84 -22.71 -12.50
C TYR D 249 24.61 -22.34 -13.32
N CYS D 250 23.43 -22.40 -12.68
CA CYS D 250 22.19 -21.93 -13.28
C CYS D 250 22.28 -20.45 -13.74
N MET D 251 22.86 -19.59 -12.90
CA MET D 251 22.95 -18.15 -13.22
C MET D 251 23.81 -17.90 -14.49
N ILE D 252 24.94 -18.60 -14.57
CA ILE D 252 25.84 -18.48 -15.71
C ILE D 252 25.17 -19.02 -16.97
N GLN D 253 24.57 -20.20 -16.86
CA GLN D 253 23.80 -20.76 -17.95
C GLN D 253 22.72 -19.79 -18.44
N TRP D 254 22.01 -19.16 -17.51
CA TRP D 254 20.92 -18.22 -17.86
C TRP D 254 21.42 -16.92 -18.53
N LEU D 255 22.54 -16.41 -18.03
CA LEU D 255 23.17 -15.17 -18.54
C LEU D 255 23.80 -15.36 -19.91
N THR D 256 24.55 -16.45 -20.09
CA THR D 256 25.35 -16.65 -21.30
C THR D 256 24.77 -17.62 -22.34
N GLY D 257 23.81 -18.45 -21.94
CA GLY D 257 23.30 -19.55 -22.79
C GLY D 257 24.13 -20.84 -22.74
N HIS D 258 25.15 -20.90 -21.88
CA HIS D 258 26.16 -21.97 -21.94
C HIS D 258 26.83 -22.27 -20.64
N LEU D 259 27.40 -23.48 -20.57
CA LEU D 259 28.34 -23.84 -19.52
C LEU D 259 29.51 -24.54 -20.20
N PRO D 260 30.73 -24.39 -19.64
CA PRO D 260 31.98 -24.87 -20.29
C PRO D 260 31.99 -26.38 -20.61
N TRP D 261 31.32 -27.16 -19.77
CA TRP D 261 31.35 -28.60 -19.84
C TRP D 261 30.17 -29.18 -20.65
N GLU D 262 29.36 -28.31 -21.27
CA GLU D 262 28.17 -28.74 -22.01
C GLU D 262 28.45 -29.63 -23.22
N ASP D 263 29.69 -29.62 -23.70
CA ASP D 263 30.07 -30.39 -24.88
C ASP D 263 30.31 -31.89 -24.62
N ASN D 264 30.37 -32.31 -23.36
CA ASN D 264 30.63 -33.71 -23.03
C ASN D 264 29.92 -34.10 -21.74
N LEU D 265 28.59 -33.94 -21.75
CA LEU D 265 27.76 -34.28 -20.62
C LEU D 265 27.56 -35.81 -20.46
N LYS D 266 27.86 -36.56 -21.50
CA LYS D 266 27.87 -38.01 -21.43
C LYS D 266 29.11 -38.58 -20.73
N ASP D 267 30.02 -37.72 -20.27
CA ASP D 267 31.20 -38.18 -19.55
C ASP D 267 31.23 -37.49 -18.18
N PRO D 268 30.61 -38.14 -17.16
CA PRO D 268 30.44 -37.60 -15.84
C PRO D 268 31.74 -37.18 -15.15
N LYS D 269 32.82 -37.91 -15.40
CA LYS D 269 34.15 -37.59 -14.82
C LYS D 269 34.69 -36.29 -15.40
N TYR D 270 34.54 -36.10 -16.70
CA TYR D 270 34.92 -34.85 -17.32
C TYR D 270 34.12 -33.66 -16.76
N VAL D 271 32.81 -33.81 -16.56
CA VAL D 271 32.01 -32.72 -15.95
C VAL D 271 32.51 -32.37 -14.55
N ARG D 272 32.70 -33.40 -13.74
CA ARG D 272 33.24 -33.25 -12.39
C ARG D 272 34.57 -32.49 -12.42
N ASP D 273 35.51 -33.00 -13.20
CA ASP D 273 36.86 -32.45 -13.28
C ASP D 273 36.89 -31.02 -13.81
N SER D 274 36.03 -30.73 -14.75
CA SER D 274 35.97 -29.38 -15.32
C SER D 274 35.46 -28.40 -14.23
N LYS D 275 34.42 -28.79 -13.49
CA LYS D 275 33.94 -28.00 -12.37
C LYS D 275 34.99 -27.83 -11.26
N ILE D 276 35.72 -28.88 -10.94
CA ILE D 276 36.82 -28.80 -9.97
C ILE D 276 37.89 -27.82 -10.45
N ARG D 277 38.23 -27.85 -11.75
CA ARG D 277 39.25 -26.95 -12.29
C ARG D 277 38.78 -25.50 -12.18
N TYR D 278 37.53 -25.26 -12.54
CA TYR D 278 36.98 -23.90 -12.48
C TYR D 278 36.62 -23.38 -11.08
N ARG D 279 36.56 -24.26 -10.08
CA ARG D 279 36.49 -23.81 -8.70
C ARG D 279 37.87 -23.39 -8.24
N GLU D 280 38.91 -24.10 -8.65
CA GLU D 280 40.28 -23.73 -8.29
C GLU D 280 40.70 -22.35 -8.81
N ASN D 281 40.09 -21.92 -9.91
CA ASN D 281 40.38 -20.64 -10.53
C ASN D 281 39.10 -20.04 -11.12
N ILE D 282 38.39 -19.29 -10.27
CA ILE D 282 37.16 -18.62 -10.67
C ILE D 282 37.40 -17.55 -11.75
N ALA D 283 38.55 -16.90 -11.72
CA ALA D 283 38.88 -15.92 -12.75
C ALA D 283 38.86 -16.59 -14.12
N SER D 284 39.38 -17.81 -14.20
CA SER D 284 39.35 -18.52 -15.47
C SER D 284 37.96 -19.00 -15.85
N LEU D 285 37.09 -19.27 -14.87
CA LEU D 285 35.67 -19.56 -15.15
C LEU D 285 35.00 -18.37 -15.78
N MET D 286 35.29 -17.19 -15.26
CA MET D 286 34.70 -15.95 -15.77
C MET D 286 35.22 -15.65 -17.17
N ASP D 287 36.53 -15.80 -17.37
CA ASP D 287 37.12 -15.61 -18.70
C ASP D 287 36.55 -16.52 -19.76
N LYS D 288 36.35 -17.78 -19.39
CA LYS D 288 35.79 -18.80 -20.26
C LYS D 288 34.32 -18.53 -20.59
N CYS D 289 33.52 -18.14 -19.59
CA CYS D 289 32.06 -17.93 -19.77
C CYS D 289 31.66 -16.54 -20.27
N PHE D 290 32.48 -15.54 -19.99
CA PHE D 290 32.23 -14.17 -20.46
C PHE D 290 33.47 -13.64 -21.22
N PRO D 291 33.88 -14.33 -22.33
CA PRO D 291 35.13 -13.96 -23.04
C PRO D 291 35.14 -12.56 -23.64
N ALA D 292 36.22 -11.82 -23.39
CA ALA D 292 36.38 -10.41 -23.79
C ALA D 292 35.08 -9.64 -23.61
N ALA D 293 34.42 -9.91 -22.49
CA ALA D 293 33.21 -9.23 -22.10
C ALA D 293 33.43 -8.80 -20.65
N ASN D 294 32.65 -7.84 -20.18
CA ASN D 294 32.70 -7.37 -18.77
C ASN D 294 31.90 -8.36 -17.98
N ALA D 295 32.57 -9.22 -17.22
CA ALA D 295 31.84 -10.23 -16.45
C ALA D 295 31.13 -9.54 -15.28
N PRO D 296 29.84 -9.86 -15.06
CA PRO D 296 29.17 -9.24 -13.92
C PRO D 296 29.90 -9.60 -12.63
N GLY D 297 30.42 -8.57 -11.95
CA GLY D 297 31.19 -8.72 -10.71
C GLY D 297 30.47 -9.50 -9.63
N GLU D 298 29.15 -9.40 -9.61
CA GLU D 298 28.35 -10.10 -8.60
C GLU D 298 28.35 -11.63 -8.79
N ILE D 299 28.47 -12.08 -10.03
CA ILE D 299 28.56 -13.49 -10.35
C ILE D 299 29.91 -14.01 -9.85
N ALA D 300 30.99 -13.33 -10.17
CA ALA D 300 32.30 -13.74 -9.66
C ALA D 300 32.33 -13.80 -8.12
N LYS D 301 31.82 -12.74 -7.46
CA LYS D 301 31.79 -12.69 -6.00
C LYS D 301 30.93 -13.79 -5.40
N TYR D 302 29.78 -14.05 -6.01
CA TYR D 302 28.96 -15.18 -5.62
C TYR D 302 29.71 -16.53 -5.68
N MET D 303 30.37 -16.82 -6.82
CA MET D 303 31.10 -18.08 -6.99
C MET D 303 32.26 -18.18 -5.98
N GLU D 304 32.96 -17.07 -5.73
CA GLU D 304 34.03 -17.00 -4.75
C GLU D 304 33.51 -17.27 -3.33
N THR D 305 32.28 -16.82 -3.07
CA THR D 305 31.73 -16.95 -1.74
C THR D 305 31.33 -18.41 -1.50
N VAL D 306 30.73 -19.01 -2.52
CA VAL D 306 30.42 -20.43 -2.46
C VAL D 306 31.67 -21.30 -2.28
N LYS D 307 32.74 -20.96 -3.01
CA LYS D 307 34.02 -21.67 -2.89
C LYS D 307 34.55 -21.69 -1.48
N LEU D 308 34.35 -20.59 -0.77
CA LEU D 308 34.77 -20.45 0.61
C LEU D 308 33.99 -21.33 1.62
N LEU D 309 32.85 -21.89 1.22
CA LEU D 309 32.06 -22.69 2.15
C LEU D 309 32.62 -24.09 2.34
N ASP D 310 32.88 -24.46 3.59
CA ASP D 310 33.08 -25.85 3.94
C ASP D 310 31.77 -26.60 3.87
N TYR D 311 31.92 -27.92 3.88
CA TYR D 311 30.80 -28.85 3.67
C TYR D 311 29.66 -28.67 4.68
N THR D 312 29.99 -28.45 5.96
CA THR D 312 28.97 -28.30 7.03
C THR D 312 28.66 -26.84 7.38
N GLU D 313 29.25 -25.90 6.65
CA GLU D 313 29.19 -24.50 7.01
C GLU D 313 27.81 -23.88 6.68
N LYS D 314 27.27 -23.16 7.63
CA LYS D 314 26.10 -22.34 7.42
C LYS D 314 26.51 -21.12 6.58
N PRO D 315 25.90 -20.99 5.39
CA PRO D 315 26.09 -19.77 4.59
C PRO D 315 25.68 -18.51 5.33
N LEU D 316 26.40 -17.42 5.11
CA LEU D 316 25.95 -16.10 5.51
C LEU D 316 24.99 -15.58 4.44
N TYR D 317 23.71 -15.88 4.60
CA TYR D 317 22.68 -15.60 3.59
C TYR D 317 22.52 -14.12 3.21
N GLU D 318 22.68 -13.23 4.19
CA GLU D 318 22.60 -11.80 3.92
C GLU D 318 23.76 -11.25 3.07
N ASN D 319 24.94 -11.80 3.27
CA ASN D 319 26.10 -11.44 2.47
C ASN D 319 25.83 -11.84 0.99
N LEU D 320 25.27 -13.03 0.77
CA LEU D 320 24.96 -13.48 -0.58
C LEU D 320 23.88 -12.61 -1.23
N ARG D 321 22.92 -12.17 -0.43
CA ARG D 321 21.88 -11.29 -0.89
C ARG D 321 22.44 -9.94 -1.30
N ASP D 322 23.27 -9.36 -0.43
N ASP D 322 23.27 -9.36 -0.42
CA ASP D 322 23.83 -8.06 -0.67
CA ASP D 322 23.87 -8.06 -0.69
C ASP D 322 24.76 -8.05 -1.91
C ASP D 322 24.67 -8.09 -1.99
N ILE D 323 25.37 -9.20 -2.23
CA ILE D 323 26.20 -9.36 -3.44
C ILE D 323 25.33 -9.18 -4.69
N LEU D 324 24.20 -9.88 -4.71
CA LEU D 324 23.24 -9.77 -5.81
C LEU D 324 22.54 -8.39 -5.88
N LEU D 325 22.25 -7.81 -4.73
CA LEU D 325 21.68 -6.46 -4.68
C LEU D 325 22.62 -5.42 -5.30
N GLN D 326 23.91 -5.50 -4.98
CA GLN D 326 24.93 -4.65 -5.60
C GLN D 326 24.87 -4.76 -7.13
N GLY D 327 24.58 -5.96 -7.64
CA GLY D 327 24.40 -6.22 -9.06
C GLY D 327 23.22 -5.47 -9.64
N LEU D 328 22.12 -5.41 -8.90
CA LEU D 328 20.95 -4.68 -9.34
C LEU D 328 21.27 -3.19 -9.38
N LYS D 329 22.00 -2.72 -8.38
CA LYS D 329 22.40 -1.33 -8.31
C LYS D 329 23.28 -0.94 -9.50
N ALA D 330 24.18 -1.82 -9.92
CA ALA D 330 25.11 -1.56 -11.04
C ALA D 330 24.44 -1.39 -12.41
N ILE D 331 23.25 -1.94 -12.57
CA ILE D 331 22.49 -1.78 -13.80
C ILE D 331 21.34 -0.76 -13.58
N GLY D 332 21.49 0.09 -12.58
CA GLY D 332 20.51 1.11 -12.24
C GLY D 332 19.12 0.66 -11.82
N SER D 333 19.09 -0.46 -11.09
CA SER D 333 17.83 -1.03 -10.64
C SER D 333 17.83 -1.30 -9.15
N LYS D 334 16.75 -1.91 -8.67
CA LYS D 334 16.60 -2.27 -7.26
C LYS D 334 15.75 -3.53 -7.11
N ASP D 335 15.69 -4.11 -5.91
CA ASP D 335 14.85 -5.29 -5.74
C ASP D 335 13.39 -4.87 -5.64
N ASP D 336 12.75 -4.65 -6.80
CA ASP D 336 11.32 -4.35 -6.89
C ASP D 336 10.46 -5.62 -7.14
N GLY D 337 11.06 -6.80 -7.03
CA GLY D 337 10.40 -8.08 -7.29
C GLY D 337 9.87 -8.33 -8.72
N LYS D 338 10.32 -7.54 -9.67
CA LYS D 338 9.91 -7.71 -11.06
C LYS D 338 10.83 -8.68 -11.78
N LEU D 339 10.28 -9.81 -12.18
CA LEU D 339 11.01 -10.84 -12.91
C LEU D 339 11.39 -10.47 -14.34
N ASP D 340 10.59 -9.58 -14.94
CA ASP D 340 10.75 -9.11 -16.32
C ASP D 340 10.68 -10.20 -17.37
N LEU D 341 9.77 -11.15 -17.17
CA LEU D 341 9.58 -12.22 -18.12
C LEU D 341 8.46 -11.84 -19.08
S SO4 E . 11.36 6.00 -23.06
O1 SO4 E . 12.51 5.42 -23.78
O2 SO4 E . 11.22 5.32 -21.75
O3 SO4 E . 11.61 7.45 -22.84
O4 SO4 E . 10.12 5.80 -23.84
S SO4 F . -25.85 22.16 -9.98
O1 SO4 F . -25.14 22.68 -11.16
O2 SO4 F . -25.47 20.74 -9.73
O3 SO4 F . -25.51 22.98 -8.80
O4 SO4 F . -27.32 22.24 -10.20
C ACT G . -24.67 24.17 -39.29
O ACT G . -23.72 23.72 -39.97
OXT ACT G . -25.40 23.42 -38.60
CH3 ACT G . -24.94 25.64 -39.29
O1 PG4 H . 26.56 26.08 -33.76
C1 PG4 H . 25.77 25.01 -33.22
C2 PG4 H . 25.46 24.00 -34.32
O2 PG4 H . 24.66 24.62 -35.34
C3 PG4 H . 25.40 24.98 -36.53
C4 PG4 H . 24.46 25.56 -37.59
O3 PG4 H . 25.06 25.59 -38.89
C5 PG4 H . 24.19 26.11 -39.89
C6 PG4 H . 24.66 27.50 -40.31
O4 PG4 H . 24.73 28.37 -39.18
C7 PG4 H . 24.98 29.74 -39.53
C8 PG4 H . 26.31 30.24 -38.98
O5 PG4 H . 26.15 30.58 -37.59
O1 PG4 I . -16.11 15.73 -18.15
C1 PG4 I . -15.45 16.90 -17.65
C2 PG4 I . -14.18 16.50 -16.88
O2 PG4 I . -14.02 17.24 -15.66
C3 PG4 I . -12.69 17.75 -15.46
C4 PG4 I . -12.42 18.13 -14.01
O3 PG4 I . -13.11 19.33 -13.62
C5 PG4 I . -13.01 19.57 -12.20
C6 PG4 I . -13.99 20.66 -11.76
O4 PG4 I . -15.33 20.32 -12.15
C7 PG4 I . -16.27 21.39 -12.10
C8 PG4 I . -17.58 20.93 -11.43
O5 PG4 I . -18.57 20.45 -12.38
C4 FBY J . -32.98 -4.97 7.19
C14 FBY J . -28.38 -9.48 14.58
C5 FBY J . -32.29 -5.76 8.07
C6 FBY J . -31.18 -6.47 7.61
C11 FBY J . -30.74 -7.05 14.73
C7 FBY J . -30.27 -7.34 9.80
C8 FBY J . -28.88 -7.79 11.57
C9 FBY J . -29.90 -7.45 12.48
C10 FBY J . -31.14 -7.06 11.92
C12 FBY J . -31.90 -6.30 14.13
C13 FBY J . -28.45 -7.97 14.50
N1 FBY J . -30.41 -7.31 8.45
N2 FBY J . -29.06 -7.73 10.25
C3 FBY J . -32.62 -4.86 5.86
N3 FBY J . -31.31 -7.01 10.58
C1 FBY J . -30.79 -6.38 6.28
C2 FBY J . -31.52 -5.58 5.43
F1 FBY J . -34.05 -4.27 7.61
O1 FBY J . -33.33 -4.07 5.03
F2 FBY J . -31.13 -5.49 4.14
N4 FBY J . -29.73 -7.48 13.89
N5 FBY J . -32.19 -6.70 12.73
C15 FBY J . -29.08 -10.01 15.81
C16 FBY J . -28.95 -11.50 15.98
C17 FBY J . -33.57 -6.68 12.27
C18 FBY J . -31.68 -4.80 14.20
O2 FBY J . -30.67 -7.23 15.94
S SO4 K . -38.70 26.00 -1.40
O1 SO4 K . -37.45 25.85 -2.21
O2 SO4 K . -39.39 24.69 -1.28
O3 SO4 K . -38.34 26.52 -0.05
O4 SO4 K . -39.62 26.96 -2.05
S SO4 L . -42.62 1.94 -9.81
O1 SO4 L . -41.71 1.59 -8.70
O2 SO4 L . -42.60 0.88 -10.84
O3 SO4 L . -42.16 3.21 -10.42
O4 SO4 L . -43.99 2.08 -9.29
S SO4 M . -25.10 1.39 -13.15
O1 SO4 M . -24.39 2.26 -14.13
O2 SO4 M . -24.90 -0.02 -13.56
O3 SO4 M . -24.52 1.58 -11.81
O4 SO4 M . -26.54 1.69 -13.18
C1 GOL N . -38.61 25.04 -5.61
O1 GOL N . -37.84 24.29 -4.69
C2 GOL N . -40.03 24.49 -5.73
O2 GOL N . -40.78 25.35 -6.58
C3 GOL N . -40.74 24.41 -4.39
O3 GOL N . -40.92 25.73 -3.85
C1 GOL O . -31.17 13.28 28.51
O1 GOL O . -30.38 12.52 27.58
C2 GOL O . -30.50 14.61 28.73
O2 GOL O . -30.19 15.17 27.46
C3 GOL O . -31.42 15.57 29.49
O3 GOL O . -30.86 16.89 29.46
C1 GOL P . -32.72 15.17 -12.88
O1 GOL P . -33.50 16.13 -13.60
C2 GOL P . -31.21 15.41 -13.01
O2 GOL P . -30.77 16.46 -12.12
C3 GOL P . -30.49 14.11 -12.68
O3 GOL P . -29.28 14.36 -11.96
C1 GOL Q . -34.34 -2.58 10.94
O1 GOL Q . -34.04 -2.02 12.21
C2 GOL Q . -35.81 -2.32 10.59
O2 GOL Q . -36.03 -0.93 10.35
C3 GOL Q . -36.19 -3.10 9.34
O3 GOL Q . -37.61 -3.24 9.24
S SO4 R . 3.71 12.92 23.36
O1 SO4 R . 4.74 12.78 22.31
O2 SO4 R . 3.77 11.77 24.31
O3 SO4 R . 3.95 14.20 24.08
O4 SO4 R . 2.38 12.95 22.71
S SO4 S . 29.83 -18.13 39.85
O1 SO4 S . 31.13 -18.55 39.27
O2 SO4 S . 28.79 -18.24 38.81
O3 SO4 S . 29.94 -16.74 40.36
O4 SO4 S . 29.50 -19.05 40.96
S SO4 T . 11.05 24.03 31.64
O1 SO4 T . 12.40 24.63 31.67
O2 SO4 T . 10.97 23.03 30.55
O3 SO4 T . 10.75 23.37 32.94
O4 SO4 T . 10.05 25.09 31.38
C1 GOL U . 9.75 8.11 16.01
O1 GOL U . 9.63 8.74 17.28
C2 GOL U . 8.76 6.96 15.94
O2 GOL U . 7.50 7.47 15.47
C3 GOL U . 9.27 5.89 14.99
O3 GOL U . 8.38 4.76 15.02
C1 GOL V . 20.14 16.64 19.56
O1 GOL V . 19.77 15.82 18.45
C2 GOL V . 19.64 18.06 19.31
O2 GOL V . 18.27 17.99 18.92
C3 GOL V . 19.79 18.91 20.57
O3 GOL V . 19.45 20.29 20.35
C1 GOL W . 29.82 -17.53 9.68
O1 GOL W . 31.09 -17.37 9.04
C2 GOL W . 29.97 -18.42 10.93
O2 GOL W . 29.50 -17.70 12.08
C3 GOL W . 29.21 -19.73 10.75
O3 GOL W . 27.80 -19.56 10.95
C1 GOL X . 18.48 -19.10 13.66
O1 GOL X . 18.41 -17.70 13.37
C2 GOL X . 19.80 -19.46 14.35
O2 GOL X . 20.26 -18.35 15.14
C3 GOL X . 19.62 -20.70 15.22
O3 GOL X . 20.82 -21.49 15.20
CL CL Y . 20.93 -0.35 16.77
C4 FBY Z . 5.57 -30.39 -9.47
C14 FBY Z . -0.10 -26.47 -16.28
C5 FBY Z . 4.62 -29.85 -10.30
C6 FBY Z . 3.63 -29.04 -9.73
C11 FBY Z . 3.12 -27.65 -16.73
C7 FBY Z . 2.56 -28.12 -11.82
C8 FBY Z . 1.63 -26.77 -13.42
C9 FBY Z . 2.37 -27.42 -14.42
C10 FBY Z . 3.21 -28.47 -14.00
C12 FBY Z . 4.23 -28.57 -16.25
C13 FBY Z . 1.34 -26.00 -16.26
N1 FBY Z . 2.61 -28.45 -10.51
N2 FBY Z . 1.72 -27.11 -12.14
C3 FBY Z . 5.58 -30.19 -8.11
N3 FBY Z . 3.30 -28.81 -12.70
C1 FBY Z . 3.61 -28.81 -8.36
C2 FBY Z . 4.58 -29.39 -7.57
F1 FBY Z . 6.54 -31.16 -10.02
O1 FBY Z . 6.53 -30.73 -7.33
F2 FBY Z . 4.58 -29.17 -6.24
N4 FBY Z . 2.30 -27.06 -15.79
N5 FBY Z . 3.98 -29.15 -14.91
C15 FBY Z . -0.39 -27.29 -17.52
C16 FBY Z . -1.87 -27.57 -17.72
C17 FBY Z . 4.60 -30.43 -14.58
C18 FBY Z . 5.56 -27.84 -16.26
O2 FBY Z . 3.00 -27.42 -17.92
S SO4 AA . 20.95 -7.56 -20.45
O1 SO4 AA . 21.57 -8.22 -21.62
O2 SO4 AA . 21.31 -8.28 -19.22
O3 SO4 AA . 21.45 -6.17 -20.33
O4 SO4 AA . 19.48 -7.55 -20.66
S SO4 BA . 8.90 -23.93 12.30
O1 SO4 BA . 9.05 -23.32 10.96
O2 SO4 BA . 9.29 -25.35 12.22
O3 SO4 BA . 9.77 -23.21 13.26
O4 SO4 BA . 7.49 -23.79 12.72
S SO4 CA . 23.44 -19.78 -28.81
O1 SO4 CA . 24.74 -19.21 -28.37
O2 SO4 CA . 23.62 -21.18 -29.22
O3 SO4 CA . 22.90 -19.01 -29.95
O4 SO4 CA . 22.44 -19.74 -27.71
S SO4 DA . 14.52 -39.83 6.54
O1 SO4 DA . 15.23 -38.72 5.87
O2 SO4 DA . 15.40 -41.01 6.65
O3 SO4 DA . 14.12 -39.40 7.91
O4 SO4 DA . 13.32 -40.20 5.73
S SO4 EA . 8.98 -31.52 -12.86
O1 SO4 EA . 10.19 -30.94 -13.48
O2 SO4 EA . 8.28 -32.40 -13.84
O3 SO4 EA . 8.06 -30.41 -12.49
O4 SO4 EA . 9.34 -32.32 -11.67
S SO4 FA . 17.35 -35.45 -12.46
O1 SO4 FA . 17.34 -35.70 -13.92
O2 SO4 FA . 17.64 -36.71 -11.74
O3 SO4 FA . 18.41 -34.46 -12.15
O4 SO4 FA . 16.04 -34.90 -12.04
C1 GOL GA . 35.77 -31.53 3.20
O1 GOL GA . 36.93 -30.98 2.56
C2 GOL GA . 35.45 -30.77 4.49
O2 GOL GA . 36.33 -31.20 5.52
C3 GOL GA . 35.56 -29.24 4.34
O3 GOL GA . 34.65 -28.76 3.35
C1 GOL HA . 11.54 -28.46 10.26
O1 GOL HA . 12.08 -29.77 10.07
C2 GOL HA . 11.83 -27.90 11.65
O2 GOL HA . 11.21 -28.71 12.65
C3 GOL HA . 13.34 -27.82 11.89
O3 GOL HA . 13.69 -26.57 12.50
C1 GOL IA . 31.83 -24.35 -4.81
O1 GOL IA . 32.42 -25.57 -4.36
C2 GOL IA . 32.42 -23.87 -6.15
O2 GOL IA . 31.97 -24.70 -7.23
C3 GOL IA . 32.04 -22.41 -6.41
O3 GOL IA . 33.18 -21.71 -6.92
C1 GOL JA . 30.77 -23.15 -23.87
O1 GOL JA . 31.37 -24.07 -24.79
C2 GOL JA . 31.66 -21.92 -23.64
O2 GOL JA . 31.14 -20.79 -24.36
C3 GOL JA . 31.79 -21.55 -22.16
O3 GOL JA . 30.57 -21.72 -21.43
C1 GOL KA . 41.70 -27.86 1.19
O1 GOL KA . 40.72 -28.87 1.41
C2 GOL KA . 41.14 -26.72 0.33
O2 GOL KA . 41.52 -25.46 0.93
C3 GOL KA . 39.63 -26.84 0.12
O3 GOL KA . 38.96 -25.59 -0.02
C1 GOL LA . 35.64 -29.71 -2.13
O1 GOL LA . 35.58 -31.09 -2.53
C2 GOL LA . 36.41 -29.57 -0.82
O2 GOL LA . 35.77 -30.36 0.20
C3 GOL LA . 36.43 -28.10 -0.39
O3 GOL LA . 36.45 -27.95 1.03
C1 GOL MA . 34.92 -24.13 9.53
O1 GOL MA . 35.10 -23.57 10.83
C2 GOL MA . 34.39 -23.09 8.55
O2 GOL MA . 34.01 -21.89 9.25
C3 GOL MA . 35.43 -22.74 7.49
O3 GOL MA . 34.85 -22.10 6.34
C ACT NA . 39.53 -31.01 -17.06
O ACT NA . 39.13 -32.19 -17.19
OXT ACT NA . 39.03 -30.07 -17.73
CH3 ACT NA . 40.62 -30.73 -16.08
CL CL OA . 33.47 -22.31 -9.57
#